data_2G92
# 
_entry.id   2G92 
# 
_audit_conform.dict_name       mmcif_pdbx.dic 
_audit_conform.dict_version    5.389 
_audit_conform.dict_location   http://mmcif.pdb.org/dictionaries/ascii/mmcif_pdbx.dic 
# 
loop_
_database_2.database_id 
_database_2.database_code 
_database_2.pdbx_database_accession 
_database_2.pdbx_DOI 
PDB   2G92         pdb_00002g92 10.2210/pdb2g92/pdb 
NDB   AR0068       ?            ?                   
RCSB  RCSB036841   ?            ?                   
WWPDB D_1000036841 ?            ?                   
# 
loop_
_pdbx_audit_revision_history.ordinal 
_pdbx_audit_revision_history.data_content_type 
_pdbx_audit_revision_history.major_revision 
_pdbx_audit_revision_history.minor_revision 
_pdbx_audit_revision_history.revision_date 
1 'Structure model' 1 0 2006-04-18 
2 'Structure model' 1 1 2008-05-01 
3 'Structure model' 1 2 2011-07-13 
4 'Structure model' 1 3 2017-10-18 
5 'Structure model' 1 4 2024-02-14 
6 'Structure model' 1 5 2024-04-03 
# 
_pdbx_audit_revision_details.ordinal             1 
_pdbx_audit_revision_details.revision_ordinal    1 
_pdbx_audit_revision_details.data_content_type   'Structure model' 
_pdbx_audit_revision_details.provider            repository 
_pdbx_audit_revision_details.type                'Initial release' 
_pdbx_audit_revision_details.description         ? 
_pdbx_audit_revision_details.details             ? 
# 
loop_
_pdbx_audit_revision_group.ordinal 
_pdbx_audit_revision_group.revision_ordinal 
_pdbx_audit_revision_group.data_content_type 
_pdbx_audit_revision_group.group 
1 2 'Structure model' 'Version format compliance' 
2 3 'Structure model' 'Version format compliance' 
3 4 'Structure model' 'Refinement description'    
4 5 'Structure model' 'Data collection'           
5 5 'Structure model' 'Database references'       
6 5 'Structure model' 'Derived calculations'      
7 6 'Structure model' 'Refinement description'    
# 
loop_
_pdbx_audit_revision_category.ordinal 
_pdbx_audit_revision_category.revision_ordinal 
_pdbx_audit_revision_category.data_content_type 
_pdbx_audit_revision_category.category 
1 4 'Structure model' software                      
2 5 'Structure model' chem_comp_atom                
3 5 'Structure model' chem_comp_bond                
4 5 'Structure model' database_2                    
5 5 'Structure model' struct_conn                   
6 5 'Structure model' struct_site                   
7 6 'Structure model' pdbx_initial_refinement_model 
# 
loop_
_pdbx_audit_revision_item.ordinal 
_pdbx_audit_revision_item.revision_ordinal 
_pdbx_audit_revision_item.data_content_type 
_pdbx_audit_revision_item.item 
1 4 'Structure model' '_software.name'                      
2 5 'Structure model' '_database_2.pdbx_DOI'                
3 5 'Structure model' '_database_2.pdbx_database_accession' 
4 5 'Structure model' '_struct_conn.pdbx_leaving_atom_flag' 
5 5 'Structure model' '_struct_site.pdbx_auth_asym_id'      
6 5 'Structure model' '_struct_site.pdbx_auth_comp_id'      
7 5 'Structure model' '_struct_site.pdbx_auth_seq_id'       
# 
_pdbx_database_status.status_code                     REL 
_pdbx_database_status.entry_id                        2G92 
_pdbx_database_status.recvd_initial_deposition_date   2006-03-04 
_pdbx_database_status.deposit_site                    RCSB 
_pdbx_database_status.process_site                    RCSB 
_pdbx_database_status.status_code_sf                  REL 
_pdbx_database_status.status_code_mr                  ? 
_pdbx_database_status.SG_entry                        ? 
_pdbx_database_status.pdb_format_compatible           Y 
_pdbx_database_status.status_code_cs                  ? 
_pdbx_database_status.methods_development_category    ? 
_pdbx_database_status.status_code_nmr_data            ? 
# 
loop_
_audit_author.name 
_audit_author.pdbx_ordinal 
'Egli, M.' 1 
'Li, F.'   2 
# 
_citation.id                        primary 
_citation.title                     'Gene silencing activity of siRNAs with a ribo-difluorotoluyl nucleotide.' 
_citation.journal_abbrev            'Acs Chem.Biol.' 
_citation.journal_volume            1 
_citation.page_first                176 
_citation.page_last                 183 
_citation.year                      2006 
_citation.journal_id_ASTM           ? 
_citation.country                   US 
_citation.journal_id_ISSN           1554-8929 
_citation.journal_id_CSD            ? 
_citation.book_publisher            ? 
_citation.pdbx_database_id_PubMed   17163665 
_citation.pdbx_database_id_DOI      10.1021/cb600063p 
# 
loop_
_citation_author.citation_id 
_citation_author.name 
_citation_author.ordinal 
_citation_author.identifier_ORCID 
primary 'Xia, J.'              1  ? 
primary 'Noronha, A.'          2  ? 
primary 'Toudjarska, I.'       3  ? 
primary 'Li, F.'               4  ? 
primary 'Akinc, A.'            5  ? 
primary 'Braich, R.'           6  ? 
primary 'Frank-Kamenetsky, M.' 7  ? 
primary 'Rajeev, K.G.'         8  ? 
primary 'Egli, M.'             9  ? 
primary 'Manoharan, M.'        10 ? 
# 
loop_
_entity.id 
_entity.type 
_entity.src_method 
_entity.pdbx_description 
_entity.formula_weight 
_entity.pdbx_number_of_molecules 
_entity.pdbx_ec 
_entity.pdbx_mutation 
_entity.pdbx_fragment 
_entity.details 
1 polymer syn "5'-R(*CP*GP*CP*(NF2)P*AP*AP*UP*UP*AP*GP*CP*G)-3'" 3828.353 2  ? ? ? ? 
2 water   nat water                                              18.015   84 ? ? ? ? 
# 
_entity_poly.entity_id                      1 
_entity_poly.type                           polyribonucleotide 
_entity_poly.nstd_linkage                   no 
_entity_poly.nstd_monomer                   yes 
_entity_poly.pdbx_seq_one_letter_code       'CGC(NF2)AAUUAGCG' 
_entity_poly.pdbx_seq_one_letter_code_can   CGCNAAUUAGCG 
_entity_poly.pdbx_strand_id                 A,B 
_entity_poly.pdbx_target_identifier         ? 
# 
_pdbx_entity_nonpoly.entity_id   2 
_pdbx_entity_nonpoly.name        water 
_pdbx_entity_nonpoly.comp_id     HOH 
# 
loop_
_entity_poly_seq.entity_id 
_entity_poly_seq.num 
_entity_poly_seq.mon_id 
_entity_poly_seq.hetero 
1 1  C   n 
1 2  G   n 
1 3  C   n 
1 4  NF2 n 
1 5  A   n 
1 6  A   n 
1 7  U   n 
1 8  U   n 
1 9  A   n 
1 10 G   n 
1 11 C   n 
1 12 G   n 
# 
loop_
_chem_comp.id 
_chem_comp.type 
_chem_comp.mon_nstd_flag 
_chem_comp.name 
_chem_comp.pdbx_synonyms 
_chem_comp.formula 
_chem_comp.formula_weight 
A   'RNA linking' y "ADENOSINE-5'-MONOPHOSPHATE"                                               ? 'C10 H14 N5 O7 P' 347.221 
C   'RNA linking' y "CYTIDINE-5'-MONOPHOSPHATE"                                                ? 'C9 H14 N3 O8 P'  323.197 
G   'RNA linking' y "GUANOSINE-5'-MONOPHOSPHATE"                                               ? 'C10 H14 N5 O8 P' 363.221 
HOH non-polymer   . WATER                                                                      ? 'H2 O'            18.015  
NF2 'RNA linking' . '(1S)-1,4-ANHYDRO-1-(2,4-DIFLUORO-5-METHYLPHENYL)-5-O-PHOSPHONO-D-RIBITOL' ? 'C12 H15 F2 O7 P' 340.214 
U   'RNA linking' y "URIDINE-5'-MONOPHOSPHATE"                                                 ? 'C9 H13 N2 O9 P'  324.181 
# 
loop_
_pdbx_poly_seq_scheme.asym_id 
_pdbx_poly_seq_scheme.entity_id 
_pdbx_poly_seq_scheme.seq_id 
_pdbx_poly_seq_scheme.mon_id 
_pdbx_poly_seq_scheme.ndb_seq_num 
_pdbx_poly_seq_scheme.pdb_seq_num 
_pdbx_poly_seq_scheme.auth_seq_num 
_pdbx_poly_seq_scheme.pdb_mon_id 
_pdbx_poly_seq_scheme.auth_mon_id 
_pdbx_poly_seq_scheme.pdb_strand_id 
_pdbx_poly_seq_scheme.pdb_ins_code 
_pdbx_poly_seq_scheme.hetero 
A 1 1  C   1  1  1  C   C A . n 
A 1 2  G   2  2  2  G   G A . n 
A 1 3  C   3  3  3  C   C A . n 
A 1 4  NF2 4  4  4  NF2 D A . n 
A 1 5  A   5  5  5  A   A A . n 
A 1 6  A   6  6  6  A   A A . n 
A 1 7  U   7  7  7  U   U A . n 
A 1 8  U   8  8  8  U   U A . n 
A 1 9  A   9  9  9  A   A A . n 
A 1 10 G   10 10 10 G   G A . n 
A 1 11 C   11 11 11 C   C A . n 
A 1 12 G   12 12 12 G   G A . n 
B 1 1  C   1  13 13 C   C B . n 
B 1 2  G   2  14 14 G   G B . n 
B 1 3  C   3  15 15 C   C B . n 
B 1 4  NF2 4  16 16 NF2 D B . n 
B 1 5  A   5  17 17 A   A B . n 
B 1 6  A   6  18 18 A   A B . n 
B 1 7  U   7  19 19 U   U B . n 
B 1 8  U   8  20 20 U   U B . n 
B 1 9  A   9  21 21 A   A B . n 
B 1 10 G   10 22 22 G   G B . n 
B 1 11 C   11 23 23 C   C B . n 
B 1 12 G   12 24 24 G   G B . n 
# 
loop_
_pdbx_nonpoly_scheme.asym_id 
_pdbx_nonpoly_scheme.entity_id 
_pdbx_nonpoly_scheme.mon_id 
_pdbx_nonpoly_scheme.ndb_seq_num 
_pdbx_nonpoly_scheme.pdb_seq_num 
_pdbx_nonpoly_scheme.auth_seq_num 
_pdbx_nonpoly_scheme.pdb_mon_id 
_pdbx_nonpoly_scheme.auth_mon_id 
_pdbx_nonpoly_scheme.pdb_strand_id 
_pdbx_nonpoly_scheme.pdb_ins_code 
C 2 HOH 1  101 101 HOH HOH A . 
C 2 HOH 2  104 104 HOH HOH A . 
C 2 HOH 3  105 105 HOH HOH A . 
C 2 HOH 4  110 110 HOH HOH A . 
C 2 HOH 5  113 113 HOH HOH A . 
C 2 HOH 6  114 114 HOH HOH A . 
C 2 HOH 7  117 117 HOH HOH A . 
C 2 HOH 8  120 120 HOH HOH A . 
C 2 HOH 9  129 129 HOH HOH A . 
C 2 HOH 10 130 130 HOH HOH A . 
C 2 HOH 11 135 135 HOH HOH A . 
C 2 HOH 12 136 136 HOH HOH A . 
C 2 HOH 13 140 140 HOH HOH A . 
C 2 HOH 14 141 141 HOH HOH A . 
C 2 HOH 15 145 145 HOH HOH A . 
C 2 HOH 16 146 146 HOH HOH A . 
C 2 HOH 17 150 150 HOH HOH A . 
C 2 HOH 18 151 151 HOH HOH A . 
C 2 HOH 19 152 152 HOH HOH A . 
C 2 HOH 20 153 153 HOH HOH A . 
C 2 HOH 21 155 155 HOH HOH A . 
C 2 HOH 22 157 157 HOH HOH A . 
C 2 HOH 23 158 158 HOH HOH A . 
C 2 HOH 24 165 165 HOH HOH A . 
C 2 HOH 25 166 166 HOH HOH A . 
C 2 HOH 26 168 168 HOH HOH A . 
C 2 HOH 27 171 171 HOH HOH A . 
C 2 HOH 28 172 172 HOH HOH A . 
C 2 HOH 29 179 179 HOH HOH A . 
C 2 HOH 30 180 180 HOH HOH A . 
C 2 HOH 31 182 182 HOH HOH A . 
C 2 HOH 32 184 184 HOH HOH A . 
C 2 HOH 33 185 185 HOH HOH A . 
D 2 HOH 1  102 102 HOH HOH B . 
D 2 HOH 2  103 103 HOH HOH B . 
D 2 HOH 3  107 107 HOH HOH B . 
D 2 HOH 4  108 108 HOH HOH B . 
D 2 HOH 5  109 109 HOH HOH B . 
D 2 HOH 6  111 111 HOH HOH B . 
D 2 HOH 7  112 112 HOH HOH B . 
D 2 HOH 8  115 115 HOH HOH B . 
D 2 HOH 9  116 116 HOH HOH B . 
D 2 HOH 10 118 118 HOH HOH B . 
D 2 HOH 11 119 119 HOH HOH B . 
D 2 HOH 12 121 121 HOH HOH B . 
D 2 HOH 13 122 122 HOH HOH B . 
D 2 HOH 14 123 123 HOH HOH B . 
D 2 HOH 15 124 124 HOH HOH B . 
D 2 HOH 16 125 125 HOH HOH B . 
D 2 HOH 17 126 126 HOH HOH B . 
D 2 HOH 18 127 127 HOH HOH B . 
D 2 HOH 19 133 133 HOH HOH B . 
D 2 HOH 20 134 134 HOH HOH B . 
D 2 HOH 21 137 137 HOH HOH B . 
D 2 HOH 22 138 138 HOH HOH B . 
D 2 HOH 23 139 139 HOH HOH B . 
D 2 HOH 24 142 142 HOH HOH B . 
D 2 HOH 25 144 144 HOH HOH B . 
D 2 HOH 26 147 147 HOH HOH B . 
D 2 HOH 27 148 148 HOH HOH B . 
D 2 HOH 28 149 149 HOH HOH B . 
D 2 HOH 29 154 154 HOH HOH B . 
D 2 HOH 30 156 156 HOH HOH B . 
D 2 HOH 31 159 159 HOH HOH B . 
D 2 HOH 32 160 160 HOH HOH B . 
D 2 HOH 33 161 161 HOH HOH B . 
D 2 HOH 34 162 162 HOH HOH B . 
D 2 HOH 35 163 163 HOH HOH B . 
D 2 HOH 36 164 164 HOH HOH B . 
D 2 HOH 37 167 167 HOH HOH B . 
D 2 HOH 38 169 169 HOH HOH B . 
D 2 HOH 39 173 173 HOH HOH B . 
D 2 HOH 40 174 174 HOH HOH B . 
D 2 HOH 41 175 175 HOH HOH B . 
D 2 HOH 42 176 176 HOH HOH B . 
D 2 HOH 43 177 177 HOH HOH B . 
D 2 HOH 44 178 178 HOH HOH B . 
D 2 HOH 45 181 181 HOH HOH B . 
D 2 HOH 46 183 183 HOH HOH B . 
D 2 HOH 47 186 186 HOH HOH B . 
D 2 HOH 48 188 188 HOH HOH B . 
D 2 HOH 49 189 189 HOH HOH B . 
D 2 HOH 50 190 190 HOH HOH B . 
D 2 HOH 51 191 191 HOH HOH B . 
# 
loop_
_software.name 
_software.classification 
_software.version 
_software.citation_id 
_software.pdbx_ordinal 
REFMAC refinement       5.2.0003 ? 1 
X-GEN  'data reduction' .        ? 2 
X-GEN  'data scaling'   .        ? 3 
EPMR   phasing          .        ? 4 
# 
_cell.entry_id           2G92 
_cell.length_a           28.614 
_cell.length_b           28.614 
_cell.length_c           63.171 
_cell.angle_alpha        90.00 
_cell.angle_beta         90.00 
_cell.angle_gamma        120.00 
_cell.Z_PDB              6 
_cell.pdbx_unique_axis   ? 
_cell.length_a_esd       ? 
_cell.length_b_esd       ? 
_cell.length_c_esd       ? 
_cell.angle_alpha_esd    ? 
_cell.angle_beta_esd     ? 
_cell.angle_gamma_esd    ? 
# 
_symmetry.entry_id                         2G92 
_symmetry.space_group_name_H-M             'P 31' 
_symmetry.pdbx_full_space_group_name_H-M   ? 
_symmetry.cell_setting                     ? 
_symmetry.Int_Tables_number                144 
_symmetry.space_group_name_Hall            ? 
# 
_exptl.entry_id          2G92 
_exptl.method            'X-RAY DIFFRACTION' 
_exptl.crystals_number   1 
# 
_exptl_crystal.id                    1 
_exptl_crystal.density_meas          ? 
_exptl_crystal.density_Matthews      1.95 
_exptl_crystal.density_percent_sol   36.92 
_exptl_crystal.description           ? 
_exptl_crystal.F_000                 ? 
_exptl_crystal.preparation           ? 
# 
_exptl_crystal_grow.crystal_id      1 
_exptl_crystal_grow.method          'VAPOR DIFFUSION, HANGING DROP' 
_exptl_crystal_grow.temp            291 
_exptl_crystal_grow.temp_details    ? 
_exptl_crystal_grow.pH              5.5 
_exptl_crystal_grow.pdbx_details    
;Final droplet composition: 0.5 mM oligonucleotide, 5% MPD, 20 mM sodium cacodylate, pH 5.5, 10 mM cobalt hexamine, 20 mM LiCl and 10 mM MgCl2., VAPOR DIFFUSION, HANGING DROP, temperature 291K
;
_exptl_crystal_grow.pdbx_pH_range   . 
# 
loop_
_exptl_crystal_grow_comp.crystal_id 
_exptl_crystal_grow_comp.id 
_exptl_crystal_grow_comp.sol_id 
_exptl_crystal_grow_comp.name 
_exptl_crystal_grow_comp.volume 
_exptl_crystal_grow_comp.conc 
_exptl_crystal_grow_comp.details 
1 1  1 MPD                 ? ? ? 
1 2  1 'sodium cacodylate' ? ? ? 
1 3  1 'cobalt hexamine'   ? ? ? 
1 4  1 LiCl                ? ? ? 
1 5  1 MgCl2               ? ? ? 
1 6  1 H2O                 ? ? ? 
1 7  2 MPD                 ? ? ? 
1 8  2 'sodium cacodylate' ? ? ? 
1 9  2 'cobalt hexamine'   ? ? ? 
1 10 2 LiCl                ? ? ? 
1 11 2 MgCl2               ? ? ? 
1 12 2 H2O                 ? ? ? 
# 
_diffrn.id                     1 
_diffrn.ambient_temp           120 
_diffrn.ambient_temp_details   ? 
_diffrn.crystal_id             1 
# 
_diffrn_detector.diffrn_id              1 
_diffrn_detector.detector               CCD 
_diffrn_detector.type                   MARRESEARCH 
_diffrn_detector.pdbx_collection_date   2004-11-09 
_diffrn_detector.details                ? 
# 
_diffrn_radiation.diffrn_id                        1 
_diffrn_radiation.wavelength_id                    1 
_diffrn_radiation.pdbx_monochromatic_or_laue_m_l   M 
_diffrn_radiation.monochromator                    ? 
_diffrn_radiation.pdbx_diffrn_protocol             'SINGLE WAVELENGTH' 
_diffrn_radiation.pdbx_scattering_type             x-ray 
# 
_diffrn_radiation_wavelength.id           1 
_diffrn_radiation_wavelength.wavelength   0.992 
_diffrn_radiation_wavelength.wt           1.0 
# 
_diffrn_source.diffrn_id                   1 
_diffrn_source.source                      SYNCHROTRON 
_diffrn_source.type                        'APS BEAMLINE 5ID-B' 
_diffrn_source.pdbx_synchrotron_site       APS 
_diffrn_source.pdbx_synchrotron_beamline   5ID-B 
_diffrn_source.pdbx_wavelength             ? 
_diffrn_source.pdbx_wavelength_list        0.992 
# 
_reflns.entry_id                     2G92 
_reflns.observed_criterion_sigma_I   0.0 
_reflns.observed_criterion_sigma_F   0.0 
_reflns.d_resolution_low             24.8 
_reflns.d_resolution_high            1.61 
_reflns.number_obs                   7538 
_reflns.number_all                   7538 
_reflns.percent_possible_obs         0.978 
_reflns.pdbx_Rmerge_I_obs            0.054 
_reflns.pdbx_Rsym_value              ? 
_reflns.pdbx_netI_over_sigmaI        ? 
_reflns.B_iso_Wilson_estimate        ? 
_reflns.pdbx_redundancy              ? 
_reflns.R_free_details               ? 
_reflns.pdbx_chi_squared             ? 
_reflns.pdbx_scaling_rejects         ? 
_reflns.pdbx_diffrn_id               1 
_reflns.pdbx_ordinal                 1 
# 
_reflns_shell.d_res_high             1.61 
_reflns_shell.d_res_low              1.66 
_reflns_shell.percent_possible_all   0.969 
_reflns_shell.Rmerge_I_obs           0.53 
_reflns_shell.pdbx_Rsym_value        ? 
_reflns_shell.meanI_over_sigI_obs    ? 
_reflns_shell.pdbx_redundancy        ? 
_reflns_shell.percent_possible_obs   ? 
_reflns_shell.number_unique_all      ? 
_reflns_shell.number_measured_all    ? 
_reflns_shell.number_measured_obs    ? 
_reflns_shell.number_unique_obs      ? 
_reflns_shell.pdbx_chi_squared       ? 
_reflns_shell.pdbx_diffrn_id         ? 
_reflns_shell.pdbx_ordinal           1 
# 
_refine.entry_id                                 2G92 
_refine.ls_number_reflns_obs                     7425 
_refine.ls_number_reflns_all                     7538 
_refine.pdbx_ls_sigma_I                          ? 
_refine.pdbx_ls_sigma_F                          0.0 
_refine.pdbx_data_cutoff_high_absF               ? 
_refine.pdbx_data_cutoff_low_absF                ? 
_refine.pdbx_data_cutoff_high_rms_absF           ? 
_refine.ls_d_res_low                             24.78 
_refine.ls_d_res_high                            1.61 
_refine.ls_percent_reflns_obs                    98.55 
_refine.ls_R_factor_obs                          0.199 
_refine.ls_R_factor_all                          0.199 
_refine.ls_R_factor_R_work                       0.196 
_refine.ls_R_factor_R_free                       0.231 
_refine.ls_R_factor_R_free_error                 ? 
_refine.ls_R_factor_R_free_error_details         ? 
_refine.ls_percent_reflns_R_free                 7.5 
_refine.ls_number_reflns_R_free                  558 
_refine.ls_number_parameters                     ? 
_refine.ls_number_restraints                     ? 
_refine.occupancy_min                            ? 
_refine.occupancy_max                            ? 
_refine.correlation_coeff_Fo_to_Fc               0.968 
_refine.correlation_coeff_Fo_to_Fc_free          0.959 
_refine.B_iso_mean                               27.11 
_refine.aniso_B[1][1]                            1.03 
_refine.aniso_B[2][2]                            1.03 
_refine.aniso_B[3][3]                            -1.55 
_refine.aniso_B[1][2]                            0.52 
_refine.aniso_B[1][3]                            0.00 
_refine.aniso_B[2][3]                            0.00 
_refine.solvent_model_details                    'BABINET MODEL WITH MASK' 
_refine.solvent_model_param_ksol                 ? 
_refine.solvent_model_param_bsol                 ? 
_refine.pdbx_solvent_vdw_probe_radii             1.20 
_refine.pdbx_solvent_ion_probe_radii             0.80 
_refine.pdbx_solvent_shrinkage_radii             0.80 
_refine.pdbx_ls_cross_valid_method               THROUGHOUT 
_refine.details                                  'HYDROGENS HAVE BEEN ADDED IN THE RIDING POSITIONS' 
_refine.pdbx_starting_model                      'Model of native A-RNA' 
_refine.pdbx_method_to_determine_struct          'MOLECULAR REPLACEMENT' 
_refine.pdbx_isotropic_thermal_model             ? 
_refine.pdbx_stereochemistry_target_values       'MAXIMUM LIKELIHOOD' 
_refine.pdbx_stereochem_target_val_spec_case     ? 
_refine.pdbx_R_Free_selection_details            RANDOM 
_refine.pdbx_overall_ESU_R                       0.206 
_refine.pdbx_overall_ESU_R_Free                  0.113 
_refine.overall_SU_ML                            0.088 
_refine.overall_SU_B                             5.698 
_refine.ls_redundancy_reflns_obs                 ? 
_refine.overall_SU_R_Cruickshank_DPI             ? 
_refine.overall_SU_R_free                        ? 
_refine.ls_wR_factor_R_free                      ? 
_refine.ls_wR_factor_R_work                      ? 
_refine.overall_FOM_free_R_set                   ? 
_refine.overall_FOM_work_R_set                   ? 
_refine.pdbx_refine_id                           'X-RAY DIFFRACTION' 
_refine.pdbx_diffrn_id                           1 
_refine.pdbx_TLS_residual_ADP_flag               ? 
_refine.pdbx_overall_phase_error                 ? 
_refine.pdbx_overall_SU_R_free_Cruickshank_DPI   ? 
_refine.pdbx_overall_SU_R_Blow_DPI               ? 
_refine.pdbx_overall_SU_R_free_Blow_DPI          ? 
# 
_refine_hist.pdbx_refine_id                   'X-RAY DIFFRACTION' 
_refine_hist.cycle_id                         LAST 
_refine_hist.pdbx_number_atoms_protein        0 
_refine_hist.pdbx_number_atoms_nucleic_acid   506 
_refine_hist.pdbx_number_atoms_ligand         0 
_refine_hist.number_atoms_solvent             84 
_refine_hist.number_atoms_total               590 
_refine_hist.d_res_high                       1.61 
_refine_hist.d_res_low                        24.78 
# 
loop_
_refine_ls_restr.type 
_refine_ls_restr.dev_ideal 
_refine_ls_restr.dev_ideal_target 
_refine_ls_restr.weight 
_refine_ls_restr.number 
_refine_ls_restr.pdbx_refine_id 
_refine_ls_restr.pdbx_restraint_function 
r_bond_refined_d             0.012 0.021 ? 564 'X-RAY DIFFRACTION' ? 
r_bond_other_d               0.001 0.020 ? 200 'X-RAY DIFFRACTION' ? 
r_angle_refined_deg          2.066 3.007 ? 860 'X-RAY DIFFRACTION' ? 
r_angle_other_deg            1.504 3.000 ? 524 'X-RAY DIFFRACTION' ? 
r_dihedral_angle_1_deg       ?     ?     ? ?   'X-RAY DIFFRACTION' ? 
r_dihedral_angle_2_deg       ?     ?     ? ?   'X-RAY DIFFRACTION' ? 
r_dihedral_angle_3_deg       ?     ?     ? ?   'X-RAY DIFFRACTION' ? 
r_dihedral_angle_4_deg       ?     ?     ? ?   'X-RAY DIFFRACTION' ? 
r_chiral_restr               0.092 0.200 ? 116 'X-RAY DIFFRACTION' ? 
r_gen_planes_refined         0.019 0.020 ? 246 'X-RAY DIFFRACTION' ? 
r_gen_planes_other           ?     ?     ? ?   'X-RAY DIFFRACTION' ? 
r_nbd_refined                0.182 0.200 ? 89  'X-RAY DIFFRACTION' ? 
r_nbd_other                  0.281 0.200 ? 279 'X-RAY DIFFRACTION' ? 
r_nbtor_refined              0.251 0.200 ? 224 'X-RAY DIFFRACTION' ? 
r_nbtor_other                0.131 0.200 ? 130 'X-RAY DIFFRACTION' ? 
r_xyhbond_nbd_refined        0.356 0.200 ? 53  'X-RAY DIFFRACTION' ? 
r_xyhbond_nbd_other          0.422 0.200 ? 2   'X-RAY DIFFRACTION' ? 
r_metal_ion_refined          ?     ?     ? ?   'X-RAY DIFFRACTION' ? 
r_metal_ion_other            ?     ?     ? ?   'X-RAY DIFFRACTION' ? 
r_symmetry_vdw_refined       0.086 0.200 ? 14  'X-RAY DIFFRACTION' ? 
r_symmetry_vdw_other         0.177 0.200 ? 19  'X-RAY DIFFRACTION' ? 
r_symmetry_hbond_refined     0.311 0.200 ? 17  'X-RAY DIFFRACTION' ? 
r_symmetry_hbond_other       ?     ?     ? ?   'X-RAY DIFFRACTION' ? 
r_symmetry_metal_ion_refined ?     ?     ? ?   'X-RAY DIFFRACTION' ? 
r_symmetry_metal_ion_other   ?     ?     ? ?   'X-RAY DIFFRACTION' ? 
r_mcbond_it                  ?     ?     ? ?   'X-RAY DIFFRACTION' ? 
r_mcbond_other               ?     ?     ? ?   'X-RAY DIFFRACTION' ? 
r_mcangle_it                 ?     ?     ? ?   'X-RAY DIFFRACTION' ? 
r_scbond_it                  4.323 3.000 ? 798 'X-RAY DIFFRACTION' ? 
r_scangle_it                 5.042 4.500 ? 860 'X-RAY DIFFRACTION' ? 
r_rigid_bond_restr           ?     ?     ? ?   'X-RAY DIFFRACTION' ? 
r_sphericity_free            ?     ?     ? ?   'X-RAY DIFFRACTION' ? 
r_sphericity_bonded          ?     ?     ? ?   'X-RAY DIFFRACTION' ? 
# 
_refine_ls_shell.pdbx_total_number_of_bins_used   20 
_refine_ls_shell.d_res_high                       1.61 
_refine_ls_shell.d_res_low                        1.648 
_refine_ls_shell.number_reflns_R_work             497 
_refine_ls_shell.R_factor_R_work                  0.232 
_refine_ls_shell.percent_reflns_obs               97.12 
_refine_ls_shell.R_factor_R_free                  0.265 
_refine_ls_shell.R_factor_R_free_error            ? 
_refine_ls_shell.percent_reflns_R_free            ? 
_refine_ls_shell.number_reflns_R_free             42 
_refine_ls_shell.number_reflns_all                ? 
_refine_ls_shell.R_factor_all                     ? 
_refine_ls_shell.number_reflns_obs                539 
_refine_ls_shell.redundancy_reflns_obs            ? 
_refine_ls_shell.pdbx_refine_id                   'X-RAY DIFFRACTION' 
# 
_struct.entry_id                  2G92 
_struct.title                     
'Crystal Structure Analysis of the RNA Dodecamer CGC-(NF2)-AAUUAGCG, with an Incorporated 2,4-Difluorotoluyl Residue (NF2)' 
_struct.pdbx_model_details        ? 
_struct.pdbx_CASP_flag            ? 
_struct.pdbx_model_type_details   ? 
# 
_struct_keywords.entry_id        2G92 
_struct_keywords.pdbx_keywords   RNA 
_struct_keywords.text            '2, 4-Difluorotoluyl Nucleoside, Chemical Modification, RNA, RNA Interference, Hydrogen Bonding' 
# 
loop_
_struct_asym.id 
_struct_asym.pdbx_blank_PDB_chainid_flag 
_struct_asym.pdbx_modified 
_struct_asym.entity_id 
_struct_asym.details 
A N N 1 ? 
B N N 1 ? 
C N N 2 ? 
D N N 2 ? 
# 
_struct_ref.id                         1 
_struct_ref.entity_id                  1 
_struct_ref.db_name                    PDB 
_struct_ref.db_code                    2G92 
_struct_ref.pdbx_db_accession          2G92 
_struct_ref.pdbx_db_isoform            ? 
_struct_ref.pdbx_seq_one_letter_code   ? 
_struct_ref.pdbx_align_begin           ? 
# 
loop_
_struct_ref_seq.align_id 
_struct_ref_seq.ref_id 
_struct_ref_seq.pdbx_PDB_id_code 
_struct_ref_seq.pdbx_strand_id 
_struct_ref_seq.seq_align_beg 
_struct_ref_seq.pdbx_seq_align_beg_ins_code 
_struct_ref_seq.seq_align_end 
_struct_ref_seq.pdbx_seq_align_end_ins_code 
_struct_ref_seq.pdbx_db_accession 
_struct_ref_seq.db_align_beg 
_struct_ref_seq.pdbx_db_align_beg_ins_code 
_struct_ref_seq.db_align_end 
_struct_ref_seq.pdbx_db_align_end_ins_code 
_struct_ref_seq.pdbx_auth_seq_align_beg 
_struct_ref_seq.pdbx_auth_seq_align_end 
1 1 2G92 A 1 ? 12 ? 2G92 1  ? 12 ? 1  12 
2 1 2G92 B 1 ? 12 ? 2G92 13 ? 24 ? 13 24 
# 
_pdbx_struct_assembly.id                   1 
_pdbx_struct_assembly.details              author_defined_assembly 
_pdbx_struct_assembly.method_details       ? 
_pdbx_struct_assembly.oligomeric_details   dimeric 
_pdbx_struct_assembly.oligomeric_count     2 
# 
_pdbx_struct_assembly_gen.assembly_id       1 
_pdbx_struct_assembly_gen.oper_expression   1 
_pdbx_struct_assembly_gen.asym_id_list      A,B,C,D 
# 
_pdbx_struct_oper_list.id                   1 
_pdbx_struct_oper_list.type                 'identity operation' 
_pdbx_struct_oper_list.name                 1_555 
_pdbx_struct_oper_list.symmetry_operation   x,y,z 
_pdbx_struct_oper_list.matrix[1][1]         1.0000000000 
_pdbx_struct_oper_list.matrix[1][2]         0.0000000000 
_pdbx_struct_oper_list.matrix[1][3]         0.0000000000 
_pdbx_struct_oper_list.vector[1]            0.0000000000 
_pdbx_struct_oper_list.matrix[2][1]         0.0000000000 
_pdbx_struct_oper_list.matrix[2][2]         1.0000000000 
_pdbx_struct_oper_list.matrix[2][3]         0.0000000000 
_pdbx_struct_oper_list.vector[2]            0.0000000000 
_pdbx_struct_oper_list.matrix[3][1]         0.0000000000 
_pdbx_struct_oper_list.matrix[3][2]         0.0000000000 
_pdbx_struct_oper_list.matrix[3][3]         1.0000000000 
_pdbx_struct_oper_list.vector[3]            0.0000000000 
# 
_struct_biol.id                    1 
_struct_biol.details               
'The biological assembly is a duplex and corresponds to the crystallographic asymmetric unit, hence no symmetry operators are needed' 
_struct_biol.pdbx_parent_biol_id   ? 
# 
loop_
_struct_conn.id 
_struct_conn.conn_type_id 
_struct_conn.pdbx_leaving_atom_flag 
_struct_conn.pdbx_PDB_id 
_struct_conn.ptnr1_label_asym_id 
_struct_conn.ptnr1_label_comp_id 
_struct_conn.ptnr1_label_seq_id 
_struct_conn.ptnr1_label_atom_id 
_struct_conn.pdbx_ptnr1_label_alt_id 
_struct_conn.pdbx_ptnr1_PDB_ins_code 
_struct_conn.pdbx_ptnr1_standard_comp_id 
_struct_conn.ptnr1_symmetry 
_struct_conn.ptnr2_label_asym_id 
_struct_conn.ptnr2_label_comp_id 
_struct_conn.ptnr2_label_seq_id 
_struct_conn.ptnr2_label_atom_id 
_struct_conn.pdbx_ptnr2_label_alt_id 
_struct_conn.pdbx_ptnr2_PDB_ins_code 
_struct_conn.ptnr1_auth_asym_id 
_struct_conn.ptnr1_auth_comp_id 
_struct_conn.ptnr1_auth_seq_id 
_struct_conn.ptnr2_auth_asym_id 
_struct_conn.ptnr2_auth_comp_id 
_struct_conn.ptnr2_auth_seq_id 
_struct_conn.ptnr2_symmetry 
_struct_conn.pdbx_ptnr3_label_atom_id 
_struct_conn.pdbx_ptnr3_label_seq_id 
_struct_conn.pdbx_ptnr3_label_comp_id 
_struct_conn.pdbx_ptnr3_label_asym_id 
_struct_conn.pdbx_ptnr3_label_alt_id 
_struct_conn.pdbx_ptnr3_PDB_ins_code 
_struct_conn.details 
_struct_conn.pdbx_dist_value 
_struct_conn.pdbx_value_order 
_struct_conn.pdbx_role 
covale1  covale both ? A C   3  "O3'" ? ? ? 1_555 A NF2 4  P  ? ? A C   3  A NF2 4  1_555 ? ? ? ? ? ? ?            1.584 ? ? 
covale2  covale both ? A NF2 4  "O3'" ? ? ? 1_555 A A   5  P  ? ? A NF2 4  A A   5  1_555 ? ? ? ? ? ? ?            1.595 ? ? 
covale3  covale both ? B C   3  "O3'" ? ? ? 1_555 B NF2 4  P  ? ? B C   15 B NF2 16 1_555 ? ? ? ? ? ? ?            1.571 ? ? 
covale4  covale both ? B NF2 4  "O3'" ? ? ? 1_555 B A   5  P  ? ? B NF2 16 B A   17 1_555 ? ? ? ? ? ? ?            1.588 ? ? 
hydrog1  hydrog ?    ? A C   1  N3    ? ? ? 1_555 B G   12 N1 ? ? A C   1  B G   24 1_555 ? ? ? ? ? ? WATSON-CRICK ?     ? ? 
hydrog2  hydrog ?    ? A C   1  N4    ? ? ? 1_555 B G   12 O6 ? ? A C   1  B G   24 1_555 ? ? ? ? ? ? WATSON-CRICK ?     ? ? 
hydrog3  hydrog ?    ? A C   1  O2    ? ? ? 1_555 B G   12 N2 ? ? A C   1  B G   24 1_555 ? ? ? ? ? ? WATSON-CRICK ?     ? ? 
hydrog4  hydrog ?    ? A G   2  N1    ? ? ? 1_555 B C   11 N3 ? ? A G   2  B C   23 1_555 ? ? ? ? ? ? WATSON-CRICK ?     ? ? 
hydrog5  hydrog ?    ? A G   2  N2    ? ? ? 1_555 B C   11 O2 ? ? A G   2  B C   23 1_555 ? ? ? ? ? ? WATSON-CRICK ?     ? ? 
hydrog6  hydrog ?    ? A G   2  O6    ? ? ? 1_555 B C   11 N4 ? ? A G   2  B C   23 1_555 ? ? ? ? ? ? WATSON-CRICK ?     ? ? 
hydrog7  hydrog ?    ? A C   3  N3    ? ? ? 1_555 B G   10 N1 ? ? A C   3  B G   22 1_555 ? ? ? ? ? ? WATSON-CRICK ?     ? ? 
hydrog8  hydrog ?    ? A C   3  N4    ? ? ? 1_555 B G   10 O6 ? ? A C   3  B G   22 1_555 ? ? ? ? ? ? WATSON-CRICK ?     ? ? 
hydrog9  hydrog ?    ? A C   3  O2    ? ? ? 1_555 B G   10 N2 ? ? A C   3  B G   22 1_555 ? ? ? ? ? ? WATSON-CRICK ?     ? ? 
hydrog10 hydrog ?    ? A A   5  N1    ? ? ? 1_555 B U   8  N3 ? ? A A   5  B U   20 1_555 ? ? ? ? ? ? WATSON-CRICK ?     ? ? 
hydrog11 hydrog ?    ? A A   5  N6    ? ? ? 1_555 B U   8  O4 ? ? A A   5  B U   20 1_555 ? ? ? ? ? ? WATSON-CRICK ?     ? ? 
hydrog12 hydrog ?    ? A A   6  N1    ? ? ? 1_555 B U   7  N3 ? ? A A   6  B U   19 1_555 ? ? ? ? ? ? WATSON-CRICK ?     ? ? 
hydrog13 hydrog ?    ? A A   6  N6    ? ? ? 1_555 B U   7  O4 ? ? A A   6  B U   19 1_555 ? ? ? ? ? ? WATSON-CRICK ?     ? ? 
hydrog14 hydrog ?    ? A U   7  N3    ? ? ? 1_555 B A   6  N1 ? ? A U   7  B A   18 1_555 ? ? ? ? ? ? 'U-A PAIR'   ?     ? ? 
hydrog15 hydrog ?    ? A U   8  N3    ? ? ? 1_555 B A   5  N1 ? ? A U   8  B A   17 1_555 ? ? ? ? ? ? WATSON-CRICK ?     ? ? 
hydrog16 hydrog ?    ? A U   8  O4    ? ? ? 1_555 B A   5  N6 ? ? A U   8  B A   17 1_555 ? ? ? ? ? ? WATSON-CRICK ?     ? ? 
hydrog17 hydrog ?    ? A G   10 N1    ? ? ? 1_555 B C   3  N3 ? ? A G   10 B C   15 1_555 ? ? ? ? ? ? WATSON-CRICK ?     ? ? 
hydrog18 hydrog ?    ? A G   10 N2    ? ? ? 1_555 B C   3  O2 ? ? A G   10 B C   15 1_555 ? ? ? ? ? ? WATSON-CRICK ?     ? ? 
hydrog19 hydrog ?    ? A G   10 O6    ? ? ? 1_555 B C   3  N4 ? ? A G   10 B C   15 1_555 ? ? ? ? ? ? WATSON-CRICK ?     ? ? 
hydrog20 hydrog ?    ? A C   11 N3    ? ? ? 1_555 B G   2  N1 ? ? A C   11 B G   14 1_555 ? ? ? ? ? ? WATSON-CRICK ?     ? ? 
hydrog21 hydrog ?    ? A C   11 N4    ? ? ? 1_555 B G   2  O6 ? ? A C   11 B G   14 1_555 ? ? ? ? ? ? WATSON-CRICK ?     ? ? 
hydrog22 hydrog ?    ? A C   11 O2    ? ? ? 1_555 B G   2  N2 ? ? A C   11 B G   14 1_555 ? ? ? ? ? ? WATSON-CRICK ?     ? ? 
hydrog23 hydrog ?    ? A G   12 N1    ? ? ? 1_555 B C   1  N3 ? ? A G   12 B C   13 1_555 ? ? ? ? ? ? WATSON-CRICK ?     ? ? 
hydrog24 hydrog ?    ? A G   12 N2    ? ? ? 1_555 B C   1  O2 ? ? A G   12 B C   13 1_555 ? ? ? ? ? ? WATSON-CRICK ?     ? ? 
hydrog25 hydrog ?    ? A G   12 O6    ? ? ? 1_555 B C   1  N4 ? ? A G   12 B C   13 1_555 ? ? ? ? ? ? WATSON-CRICK ?     ? ? 
# 
loop_
_struct_conn_type.id 
_struct_conn_type.criteria 
_struct_conn_type.reference 
covale ? ? 
hydrog ? ? 
# 
loop_
_struct_site.id 
_struct_site.pdbx_evidence_code 
_struct_site.pdbx_auth_asym_id 
_struct_site.pdbx_auth_comp_id 
_struct_site.pdbx_auth_seq_id 
_struct_site.pdbx_auth_ins_code 
_struct_site.pdbx_num_residues 
_struct_site.details 
AC1 Software A NF2 4  ? 2 'BINDING SITE FOR RESIDUE NF2 A 4'  
AC2 Software B NF2 16 ? 2 'BINDING SITE FOR RESIDUE NF2 B 16' 
# 
loop_
_struct_site_gen.id 
_struct_site_gen.site_id 
_struct_site_gen.pdbx_num_res 
_struct_site_gen.label_comp_id 
_struct_site_gen.label_asym_id 
_struct_site_gen.label_seq_id 
_struct_site_gen.pdbx_auth_ins_code 
_struct_site_gen.auth_comp_id 
_struct_site_gen.auth_asym_id 
_struct_site_gen.auth_seq_id 
_struct_site_gen.label_atom_id 
_struct_site_gen.label_alt_id 
_struct_site_gen.symmetry 
_struct_site_gen.details 
1 AC1 2 HOH C . ? HOH A 105 . ? 1_555 ? 
2 AC1 2 HOH C . ? HOH A 158 . ? 1_555 ? 
3 AC2 2 HOH D . ? HOH B 138 . ? 1_555 ? 
4 AC2 2 HOH D . ? HOH B 163 . ? 1_555 ? 
# 
loop_
_pdbx_validate_rmsd_angle.id 
_pdbx_validate_rmsd_angle.PDB_model_num 
_pdbx_validate_rmsd_angle.auth_atom_id_1 
_pdbx_validate_rmsd_angle.auth_asym_id_1 
_pdbx_validate_rmsd_angle.auth_comp_id_1 
_pdbx_validate_rmsd_angle.auth_seq_id_1 
_pdbx_validate_rmsd_angle.PDB_ins_code_1 
_pdbx_validate_rmsd_angle.label_alt_id_1 
_pdbx_validate_rmsd_angle.auth_atom_id_2 
_pdbx_validate_rmsd_angle.auth_asym_id_2 
_pdbx_validate_rmsd_angle.auth_comp_id_2 
_pdbx_validate_rmsd_angle.auth_seq_id_2 
_pdbx_validate_rmsd_angle.PDB_ins_code_2 
_pdbx_validate_rmsd_angle.label_alt_id_2 
_pdbx_validate_rmsd_angle.auth_atom_id_3 
_pdbx_validate_rmsd_angle.auth_asym_id_3 
_pdbx_validate_rmsd_angle.auth_comp_id_3 
_pdbx_validate_rmsd_angle.auth_seq_id_3 
_pdbx_validate_rmsd_angle.PDB_ins_code_3 
_pdbx_validate_rmsd_angle.label_alt_id_3 
_pdbx_validate_rmsd_angle.angle_value 
_pdbx_validate_rmsd_angle.angle_target_value 
_pdbx_validate_rmsd_angle.angle_deviation 
_pdbx_validate_rmsd_angle.angle_standard_deviation 
_pdbx_validate_rmsd_angle.linker_flag 
1  1 C5    A G   2  ? ? C6    A G 2  ? ? O6    A G 2  ? ? 124.16 128.60 -4.44 0.60 N 
2  1 "O5'" A U   7  ? ? "C5'" A U 7  ? ? "C4'" A U 7  ? ? 104.16 109.40 -5.24 0.80 N 
3  1 N1    A U   8  ? ? C2    A U 8  ? ? O2    A U 8  ? ? 127.10 122.80 4.30  0.70 N 
4  1 "O4'" A G   10 ? ? "C1'" A G 10 ? ? N9    A G 10 ? ? 113.05 108.50 4.55  0.70 N 
5  1 "O3'" B NF2 16 ? ? P     B A 17 ? ? OP1   B A 17 ? ? 118.14 110.50 7.64  1.10 Y 
6  1 N9    B A   17 ? ? C4    B A 17 ? ? C5    B A 17 ? ? 108.59 105.80 2.79  0.40 N 
7  1 N1    B A   17 ? ? C6    B A 17 ? ? N6    B A 17 ? ? 114.75 118.60 -3.85 0.60 N 
8  1 "O5'" B U   19 ? ? "C5'" B U 19 ? ? "C4'" B U 19 ? ? 104.50 109.40 -4.90 0.80 N 
9  1 "C4'" B U   19 ? ? "C3'" B U 19 ? ? "C2'" B U 19 ? ? 95.93  102.60 -6.67 1.00 N 
10 1 "O4'" B G   24 ? ? "C1'" B G 24 ? ? N9    B G 24 ? ? 112.90 108.50 4.40  0.70 N 
# 
_pdbx_refine_tls.id               1 
_pdbx_refine_tls.details          ? 
_pdbx_refine_tls.method           refined 
_pdbx_refine_tls.origin_x         0.1114 
_pdbx_refine_tls.origin_y         0.2264 
_pdbx_refine_tls.origin_z         0.0829 
_pdbx_refine_tls.T[1][1]          -0.0014 
_pdbx_refine_tls.T[2][2]          0.0109 
_pdbx_refine_tls.T[3][3]          0.0323 
_pdbx_refine_tls.T[1][2]          0.0077 
_pdbx_refine_tls.T[1][3]          0.0039 
_pdbx_refine_tls.T[2][3]          -0.0049 
_pdbx_refine_tls.L[1][1]          0.2118 
_pdbx_refine_tls.L[2][2]          0.0531 
_pdbx_refine_tls.L[3][3]          0.3230 
_pdbx_refine_tls.L[1][2]          -0.0958 
_pdbx_refine_tls.L[1][3]          0.0008 
_pdbx_refine_tls.L[2][3]          -0.0567 
_pdbx_refine_tls.S[1][1]          0.0269 
_pdbx_refine_tls.S[1][2]          0.0501 
_pdbx_refine_tls.S[1][3]          -0.0327 
_pdbx_refine_tls.S[2][1]          0.0018 
_pdbx_refine_tls.S[2][2]          -0.0446 
_pdbx_refine_tls.S[2][3]          0.0245 
_pdbx_refine_tls.S[3][1]          -0.0098 
_pdbx_refine_tls.S[3][2]          0.0026 
_pdbx_refine_tls.S[3][3]          0.0177 
_pdbx_refine_tls.pdbx_refine_id   'X-RAY DIFFRACTION' 
# 
loop_
_pdbx_refine_tls_group.id 
_pdbx_refine_tls_group.refine_tls_id 
_pdbx_refine_tls_group.beg_auth_asym_id 
_pdbx_refine_tls_group.beg_auth_seq_id 
_pdbx_refine_tls_group.beg_label_asym_id 
_pdbx_refine_tls_group.beg_label_seq_id 
_pdbx_refine_tls_group.end_auth_asym_id 
_pdbx_refine_tls_group.end_auth_seq_id 
_pdbx_refine_tls_group.end_label_asym_id 
_pdbx_refine_tls_group.end_label_seq_id 
_pdbx_refine_tls_group.selection 
_pdbx_refine_tls_group.pdbx_refine_id 
_pdbx_refine_tls_group.selection_details 
1 1 A 1  A 1 A 12 A 12 ? 'X-RAY DIFFRACTION' ? 
2 1 B 13 B 1 B 24 B 12 ? 'X-RAY DIFFRACTION' ? 
# 
loop_
_chem_comp_atom.comp_id 
_chem_comp_atom.atom_id 
_chem_comp_atom.type_symbol 
_chem_comp_atom.pdbx_aromatic_flag 
_chem_comp_atom.pdbx_stereo_config 
_chem_comp_atom.pdbx_ordinal 
A   OP3    O N N 1   
A   P      P N N 2   
A   OP1    O N N 3   
A   OP2    O N N 4   
A   "O5'"  O N N 5   
A   "C5'"  C N N 6   
A   "C4'"  C N R 7   
A   "O4'"  O N N 8   
A   "C3'"  C N S 9   
A   "O3'"  O N N 10  
A   "C2'"  C N R 11  
A   "O2'"  O N N 12  
A   "C1'"  C N R 13  
A   N9     N Y N 14  
A   C8     C Y N 15  
A   N7     N Y N 16  
A   C5     C Y N 17  
A   C6     C Y N 18  
A   N6     N N N 19  
A   N1     N Y N 20  
A   C2     C Y N 21  
A   N3     N Y N 22  
A   C4     C Y N 23  
A   HOP3   H N N 24  
A   HOP2   H N N 25  
A   "H5'"  H N N 26  
A   "H5''" H N N 27  
A   "H4'"  H N N 28  
A   "H3'"  H N N 29  
A   "HO3'" H N N 30  
A   "H2'"  H N N 31  
A   "HO2'" H N N 32  
A   "H1'"  H N N 33  
A   H8     H N N 34  
A   H61    H N N 35  
A   H62    H N N 36  
A   H2     H N N 37  
C   OP3    O N N 38  
C   P      P N N 39  
C   OP1    O N N 40  
C   OP2    O N N 41  
C   "O5'"  O N N 42  
C   "C5'"  C N N 43  
C   "C4'"  C N R 44  
C   "O4'"  O N N 45  
C   "C3'"  C N S 46  
C   "O3'"  O N N 47  
C   "C2'"  C N R 48  
C   "O2'"  O N N 49  
C   "C1'"  C N R 50  
C   N1     N N N 51  
C   C2     C N N 52  
C   O2     O N N 53  
C   N3     N N N 54  
C   C4     C N N 55  
C   N4     N N N 56  
C   C5     C N N 57  
C   C6     C N N 58  
C   HOP3   H N N 59  
C   HOP2   H N N 60  
C   "H5'"  H N N 61  
C   "H5''" H N N 62  
C   "H4'"  H N N 63  
C   "H3'"  H N N 64  
C   "HO3'" H N N 65  
C   "H2'"  H N N 66  
C   "HO2'" H N N 67  
C   "H1'"  H N N 68  
C   H41    H N N 69  
C   H42    H N N 70  
C   H5     H N N 71  
C   H6     H N N 72  
G   OP3    O N N 73  
G   P      P N N 74  
G   OP1    O N N 75  
G   OP2    O N N 76  
G   "O5'"  O N N 77  
G   "C5'"  C N N 78  
G   "C4'"  C N R 79  
G   "O4'"  O N N 80  
G   "C3'"  C N S 81  
G   "O3'"  O N N 82  
G   "C2'"  C N R 83  
G   "O2'"  O N N 84  
G   "C1'"  C N R 85  
G   N9     N Y N 86  
G   C8     C Y N 87  
G   N7     N Y N 88  
G   C5     C Y N 89  
G   C6     C N N 90  
G   O6     O N N 91  
G   N1     N N N 92  
G   C2     C N N 93  
G   N2     N N N 94  
G   N3     N N N 95  
G   C4     C Y N 96  
G   HOP3   H N N 97  
G   HOP2   H N N 98  
G   "H5'"  H N N 99  
G   "H5''" H N N 100 
G   "H4'"  H N N 101 
G   "H3'"  H N N 102 
G   "HO3'" H N N 103 
G   "H2'"  H N N 104 
G   "HO2'" H N N 105 
G   "H1'"  H N N 106 
G   H8     H N N 107 
G   H1     H N N 108 
G   H21    H N N 109 
G   H22    H N N 110 
HOH O      O N N 111 
HOH H1     H N N 112 
HOH H2     H N N 113 
NF2 F2     F N N 114 
NF2 C2     C Y N 115 
NF2 C3     C Y N 116 
NF2 C4     C Y N 117 
NF2 F4     F N N 118 
NF2 C1     C Y N 119 
NF2 C6     C Y N 120 
NF2 C5     C Y N 121 
NF2 CM     C N N 122 
NF2 "C1'"  C N S 123 
NF2 "O4'"  O N N 124 
NF2 "C2'"  C N R 125 
NF2 "O2'"  O N N 126 
NF2 "C3'"  C N S 127 
NF2 "O3'"  O N N 128 
NF2 "C4'"  C N R 129 
NF2 "C5'"  C N N 130 
NF2 "O5'"  O N N 131 
NF2 P      P N N 132 
NF2 OP1    O N N 133 
NF2 OP2    O N N 134 
NF2 OP3    O N N 135 
NF2 H3     H N N 136 
NF2 H6     H N N 137 
NF2 HM1    H N N 138 
NF2 HM2    H N N 139 
NF2 HM3    H N N 140 
NF2 "H1'"  H N N 141 
NF2 "H2'"  H N N 142 
NF2 "HO2'" H N N 143 
NF2 "H3'"  H N N 144 
NF2 "HO3'" H N N 145 
NF2 "H4'"  H N N 146 
NF2 "H5'"  H N N 147 
NF2 "H5''" H N N 148 
NF2 HOP2   H N N 149 
NF2 HOP3   H N N 150 
U   OP3    O N N 151 
U   P      P N N 152 
U   OP1    O N N 153 
U   OP2    O N N 154 
U   "O5'"  O N N 155 
U   "C5'"  C N N 156 
U   "C4'"  C N R 157 
U   "O4'"  O N N 158 
U   "C3'"  C N S 159 
U   "O3'"  O N N 160 
U   "C2'"  C N R 161 
U   "O2'"  O N N 162 
U   "C1'"  C N R 163 
U   N1     N N N 164 
U   C2     C N N 165 
U   O2     O N N 166 
U   N3     N N N 167 
U   C4     C N N 168 
U   O4     O N N 169 
U   C5     C N N 170 
U   C6     C N N 171 
U   HOP3   H N N 172 
U   HOP2   H N N 173 
U   "H5'"  H N N 174 
U   "H5''" H N N 175 
U   "H4'"  H N N 176 
U   "H3'"  H N N 177 
U   "HO3'" H N N 178 
U   "H2'"  H N N 179 
U   "HO2'" H N N 180 
U   "H1'"  H N N 181 
U   H3     H N N 182 
U   H5     H N N 183 
U   H6     H N N 184 
# 
loop_
_chem_comp_bond.comp_id 
_chem_comp_bond.atom_id_1 
_chem_comp_bond.atom_id_2 
_chem_comp_bond.value_order 
_chem_comp_bond.pdbx_aromatic_flag 
_chem_comp_bond.pdbx_stereo_config 
_chem_comp_bond.pdbx_ordinal 
A   OP3   P      sing N N 1   
A   OP3   HOP3   sing N N 2   
A   P     OP1    doub N N 3   
A   P     OP2    sing N N 4   
A   P     "O5'"  sing N N 5   
A   OP2   HOP2   sing N N 6   
A   "O5'" "C5'"  sing N N 7   
A   "C5'" "C4'"  sing N N 8   
A   "C5'" "H5'"  sing N N 9   
A   "C5'" "H5''" sing N N 10  
A   "C4'" "O4'"  sing N N 11  
A   "C4'" "C3'"  sing N N 12  
A   "C4'" "H4'"  sing N N 13  
A   "O4'" "C1'"  sing N N 14  
A   "C3'" "O3'"  sing N N 15  
A   "C3'" "C2'"  sing N N 16  
A   "C3'" "H3'"  sing N N 17  
A   "O3'" "HO3'" sing N N 18  
A   "C2'" "O2'"  sing N N 19  
A   "C2'" "C1'"  sing N N 20  
A   "C2'" "H2'"  sing N N 21  
A   "O2'" "HO2'" sing N N 22  
A   "C1'" N9     sing N N 23  
A   "C1'" "H1'"  sing N N 24  
A   N9    C8     sing Y N 25  
A   N9    C4     sing Y N 26  
A   C8    N7     doub Y N 27  
A   C8    H8     sing N N 28  
A   N7    C5     sing Y N 29  
A   C5    C6     sing Y N 30  
A   C5    C4     doub Y N 31  
A   C6    N6     sing N N 32  
A   C6    N1     doub Y N 33  
A   N6    H61    sing N N 34  
A   N6    H62    sing N N 35  
A   N1    C2     sing Y N 36  
A   C2    N3     doub Y N 37  
A   C2    H2     sing N N 38  
A   N3    C4     sing Y N 39  
C   OP3   P      sing N N 40  
C   OP3   HOP3   sing N N 41  
C   P     OP1    doub N N 42  
C   P     OP2    sing N N 43  
C   P     "O5'"  sing N N 44  
C   OP2   HOP2   sing N N 45  
C   "O5'" "C5'"  sing N N 46  
C   "C5'" "C4'"  sing N N 47  
C   "C5'" "H5'"  sing N N 48  
C   "C5'" "H5''" sing N N 49  
C   "C4'" "O4'"  sing N N 50  
C   "C4'" "C3'"  sing N N 51  
C   "C4'" "H4'"  sing N N 52  
C   "O4'" "C1'"  sing N N 53  
C   "C3'" "O3'"  sing N N 54  
C   "C3'" "C2'"  sing N N 55  
C   "C3'" "H3'"  sing N N 56  
C   "O3'" "HO3'" sing N N 57  
C   "C2'" "O2'"  sing N N 58  
C   "C2'" "C1'"  sing N N 59  
C   "C2'" "H2'"  sing N N 60  
C   "O2'" "HO2'" sing N N 61  
C   "C1'" N1     sing N N 62  
C   "C1'" "H1'"  sing N N 63  
C   N1    C2     sing N N 64  
C   N1    C6     sing N N 65  
C   C2    O2     doub N N 66  
C   C2    N3     sing N N 67  
C   N3    C4     doub N N 68  
C   C4    N4     sing N N 69  
C   C4    C5     sing N N 70  
C   N4    H41    sing N N 71  
C   N4    H42    sing N N 72  
C   C5    C6     doub N N 73  
C   C5    H5     sing N N 74  
C   C6    H6     sing N N 75  
G   OP3   P      sing N N 76  
G   OP3   HOP3   sing N N 77  
G   P     OP1    doub N N 78  
G   P     OP2    sing N N 79  
G   P     "O5'"  sing N N 80  
G   OP2   HOP2   sing N N 81  
G   "O5'" "C5'"  sing N N 82  
G   "C5'" "C4'"  sing N N 83  
G   "C5'" "H5'"  sing N N 84  
G   "C5'" "H5''" sing N N 85  
G   "C4'" "O4'"  sing N N 86  
G   "C4'" "C3'"  sing N N 87  
G   "C4'" "H4'"  sing N N 88  
G   "O4'" "C1'"  sing N N 89  
G   "C3'" "O3'"  sing N N 90  
G   "C3'" "C2'"  sing N N 91  
G   "C3'" "H3'"  sing N N 92  
G   "O3'" "HO3'" sing N N 93  
G   "C2'" "O2'"  sing N N 94  
G   "C2'" "C1'"  sing N N 95  
G   "C2'" "H2'"  sing N N 96  
G   "O2'" "HO2'" sing N N 97  
G   "C1'" N9     sing N N 98  
G   "C1'" "H1'"  sing N N 99  
G   N9    C8     sing Y N 100 
G   N9    C4     sing Y N 101 
G   C8    N7     doub Y N 102 
G   C8    H8     sing N N 103 
G   N7    C5     sing Y N 104 
G   C5    C6     sing N N 105 
G   C5    C4     doub Y N 106 
G   C6    O6     doub N N 107 
G   C6    N1     sing N N 108 
G   N1    C2     sing N N 109 
G   N1    H1     sing N N 110 
G   C2    N2     sing N N 111 
G   C2    N3     doub N N 112 
G   N2    H21    sing N N 113 
G   N2    H22    sing N N 114 
G   N3    C4     sing N N 115 
HOH O     H1     sing N N 116 
HOH O     H2     sing N N 117 
NF2 F2    C2     sing N N 118 
NF2 C2    C3     doub Y N 119 
NF2 C2    C1     sing Y N 120 
NF2 C3    C4     sing Y N 121 
NF2 C3    H3     sing N N 122 
NF2 C4    F4     sing N N 123 
NF2 C4    C5     doub Y N 124 
NF2 C1    C6     doub Y N 125 
NF2 C1    "C1'"  sing N N 126 
NF2 C6    C5     sing Y N 127 
NF2 C6    H6     sing N N 128 
NF2 C5    CM     sing N N 129 
NF2 CM    HM1    sing N N 130 
NF2 CM    HM2    sing N N 131 
NF2 CM    HM3    sing N N 132 
NF2 "C1'" "O4'"  sing N N 133 
NF2 "C1'" "C2'"  sing N N 134 
NF2 "C1'" "H1'"  sing N N 135 
NF2 "O4'" "C4'"  sing N N 136 
NF2 "C2'" "O2'"  sing N N 137 
NF2 "C2'" "C3'"  sing N N 138 
NF2 "C2'" "H2'"  sing N N 139 
NF2 "O2'" "HO2'" sing N N 140 
NF2 "C3'" "O3'"  sing N N 141 
NF2 "C3'" "C4'"  sing N N 142 
NF2 "C3'" "H3'"  sing N N 143 
NF2 "O3'" "HO3'" sing N N 144 
NF2 "C4'" "C5'"  sing N N 145 
NF2 "C4'" "H4'"  sing N N 146 
NF2 "C5'" "O5'"  sing N N 147 
NF2 "C5'" "H5'"  sing N N 148 
NF2 "C5'" "H5''" sing N N 149 
NF2 "O5'" P      sing N N 150 
NF2 P     OP1    doub N N 151 
NF2 P     OP2    sing N N 152 
NF2 P     OP3    sing N N 153 
NF2 OP2   HOP2   sing N N 154 
NF2 OP3   HOP3   sing N N 155 
U   OP3   P      sing N N 156 
U   OP3   HOP3   sing N N 157 
U   P     OP1    doub N N 158 
U   P     OP2    sing N N 159 
U   P     "O5'"  sing N N 160 
U   OP2   HOP2   sing N N 161 
U   "O5'" "C5'"  sing N N 162 
U   "C5'" "C4'"  sing N N 163 
U   "C5'" "H5'"  sing N N 164 
U   "C5'" "H5''" sing N N 165 
U   "C4'" "O4'"  sing N N 166 
U   "C4'" "C3'"  sing N N 167 
U   "C4'" "H4'"  sing N N 168 
U   "O4'" "C1'"  sing N N 169 
U   "C3'" "O3'"  sing N N 170 
U   "C3'" "C2'"  sing N N 171 
U   "C3'" "H3'"  sing N N 172 
U   "O3'" "HO3'" sing N N 173 
U   "C2'" "O2'"  sing N N 174 
U   "C2'" "C1'"  sing N N 175 
U   "C2'" "H2'"  sing N N 176 
U   "O2'" "HO2'" sing N N 177 
U   "C1'" N1     sing N N 178 
U   "C1'" "H1'"  sing N N 179 
U   N1    C2     sing N N 180 
U   N1    C6     sing N N 181 
U   C2    O2     doub N N 182 
U   C2    N3     sing N N 183 
U   N3    C4     sing N N 184 
U   N3    H3     sing N N 185 
U   C4    O4     doub N N 186 
U   C4    C5     sing N N 187 
U   C5    C6     doub N N 188 
U   C5    H5     sing N N 189 
U   C6    H6     sing N N 190 
# 
loop_
_ndb_struct_conf_na.entry_id 
_ndb_struct_conf_na.feature 
2G92 'double helix'         
2G92 'a-form double helix'  
2G92 'mismatched base pair' 
# 
loop_
_ndb_struct_na_base_pair.model_number 
_ndb_struct_na_base_pair.i_label_asym_id 
_ndb_struct_na_base_pair.i_label_comp_id 
_ndb_struct_na_base_pair.i_label_seq_id 
_ndb_struct_na_base_pair.i_symmetry 
_ndb_struct_na_base_pair.j_label_asym_id 
_ndb_struct_na_base_pair.j_label_comp_id 
_ndb_struct_na_base_pair.j_label_seq_id 
_ndb_struct_na_base_pair.j_symmetry 
_ndb_struct_na_base_pair.shear 
_ndb_struct_na_base_pair.stretch 
_ndb_struct_na_base_pair.stagger 
_ndb_struct_na_base_pair.buckle 
_ndb_struct_na_base_pair.propeller 
_ndb_struct_na_base_pair.opening 
_ndb_struct_na_base_pair.pair_number 
_ndb_struct_na_base_pair.pair_name 
_ndb_struct_na_base_pair.i_auth_asym_id 
_ndb_struct_na_base_pair.i_auth_seq_id 
_ndb_struct_na_base_pair.i_PDB_ins_code 
_ndb_struct_na_base_pair.j_auth_asym_id 
_ndb_struct_na_base_pair.j_auth_seq_id 
_ndb_struct_na_base_pair.j_PDB_ins_code 
_ndb_struct_na_base_pair.hbond_type_28 
_ndb_struct_na_base_pair.hbond_type_12 
1 A C 1  1_555 B G 12 1_555 0.201  -0.212 0.067  9.728  -16.884 -1.199 1  A_C1:G24_B  A 1  ? B 24 ? 19 1 
1 A G 2  1_555 B C 11 1_555 -0.389 -0.231 -0.126 -5.522 -13.522 -0.225 2  A_G2:C23_B  A 2  ? B 23 ? 19 1 
1 A C 3  1_555 B G 10 1_555 0.001  -0.154 0.121  -4.590 -12.355 -0.844 3  A_C3:G22_B  A 3  ? B 22 ? 19 1 
1 A A 5  1_555 B U 8  1_555 0.112  -0.115 0.028  -0.442 -13.202 1.293  4  A_A5:U20_B  A 5  ? B 20 ? 20 1 
1 A A 6  1_555 B U 7  1_555 -0.013 -0.183 -0.020 2.795  -15.556 -1.255 5  A_A6:U19_B  A 6  ? B 19 ? 20 1 
1 A U 7  1_555 B A 6  1_555 -0.791 0.009  0.374  -0.908 -19.427 12.032 6  A_U7:A18_B  A 7  ? B 18 ? ?  ? 
1 A U 8  1_555 B A 5  1_555 0.512  -0.435 -0.521 4.364  -16.138 -3.753 7  A_U8:A17_B  A 8  ? B 17 ? 20 1 
1 A G 10 1_555 B C 3  1_555 -0.346 -0.255 -0.069 -0.218 -12.920 -1.994 8  A_G10:C15_B A 10 ? B 15 ? 19 1 
1 A C 11 1_555 B G 2  1_555 0.207  -0.180 0.011  1.754  -12.237 2.770  9  A_C11:G14_B A 11 ? B 14 ? 19 1 
1 A G 12 1_555 B C 1  1_555 -0.275 -0.185 0.057  -4.618 -16.104 -0.390 10 A_G12:C13_B A 12 ? B 13 ? 19 1 
# 
loop_
_ndb_struct_na_base_pair_step.model_number 
_ndb_struct_na_base_pair_step.i_label_asym_id_1 
_ndb_struct_na_base_pair_step.i_label_comp_id_1 
_ndb_struct_na_base_pair_step.i_label_seq_id_1 
_ndb_struct_na_base_pair_step.i_symmetry_1 
_ndb_struct_na_base_pair_step.j_label_asym_id_1 
_ndb_struct_na_base_pair_step.j_label_comp_id_1 
_ndb_struct_na_base_pair_step.j_label_seq_id_1 
_ndb_struct_na_base_pair_step.j_symmetry_1 
_ndb_struct_na_base_pair_step.i_label_asym_id_2 
_ndb_struct_na_base_pair_step.i_label_comp_id_2 
_ndb_struct_na_base_pair_step.i_label_seq_id_2 
_ndb_struct_na_base_pair_step.i_symmetry_2 
_ndb_struct_na_base_pair_step.j_label_asym_id_2 
_ndb_struct_na_base_pair_step.j_label_comp_id_2 
_ndb_struct_na_base_pair_step.j_label_seq_id_2 
_ndb_struct_na_base_pair_step.j_symmetry_2 
_ndb_struct_na_base_pair_step.shift 
_ndb_struct_na_base_pair_step.slide 
_ndb_struct_na_base_pair_step.rise 
_ndb_struct_na_base_pair_step.tilt 
_ndb_struct_na_base_pair_step.roll 
_ndb_struct_na_base_pair_step.twist 
_ndb_struct_na_base_pair_step.x_displacement 
_ndb_struct_na_base_pair_step.y_displacement 
_ndb_struct_na_base_pair_step.helical_rise 
_ndb_struct_na_base_pair_step.inclination 
_ndb_struct_na_base_pair_step.tip 
_ndb_struct_na_base_pair_step.helical_twist 
_ndb_struct_na_base_pair_step.step_number 
_ndb_struct_na_base_pair_step.step_name 
_ndb_struct_na_base_pair_step.i_auth_asym_id_1 
_ndb_struct_na_base_pair_step.i_auth_seq_id_1 
_ndb_struct_na_base_pair_step.i_PDB_ins_code_1 
_ndb_struct_na_base_pair_step.j_auth_asym_id_1 
_ndb_struct_na_base_pair_step.j_auth_seq_id_1 
_ndb_struct_na_base_pair_step.j_PDB_ins_code_1 
_ndb_struct_na_base_pair_step.i_auth_asym_id_2 
_ndb_struct_na_base_pair_step.i_auth_seq_id_2 
_ndb_struct_na_base_pair_step.i_PDB_ins_code_2 
_ndb_struct_na_base_pair_step.j_auth_asym_id_2 
_ndb_struct_na_base_pair_step.j_auth_seq_id_2 
_ndb_struct_na_base_pair_step.j_PDB_ins_code_2 
1 A C 1  1_555 B G 12 1_555 A G 2  1_555 B C 11 1_555 -0.737 -1.943 3.428 -2.883 15.882 32.009 -5.290 0.815  2.296 26.780 4.861  
35.754 1 AA_C1G2:C23G24_BB   A 1  ? B 24 ? A 2  ? B 23 ? 
1 A G 2  1_555 B C 11 1_555 A C 3  1_555 B G 10 1_555 -0.338 -1.247 3.195 -2.868 6.107  33.426 -3.048 0.145  2.946 10.485 4.925  
34.081 2 AA_G2C3:G22C23_BB   A 2  ? B 23 ? A 3  ? B 22 ? 
1 A C 3  1_555 B G 10 1_555 A A 5  1_555 B U 8  1_555 0.489  -3.528 6.143 -0.245 26.205 59.266 -5.214 -0.477 4.399 25.208 0.235  
64.317 3 AA_C3A5:U20G22_BB   A 3  ? B 22 ? A 5  ? B 20 ? 
1 A A 5  1_555 B U 8  1_555 A A 6  1_555 B U 7  1_555 -0.266 -0.964 3.177 0.592  9.943  33.411 -3.019 0.528  2.780 16.835 -1.002 
34.824 4 AA_A5A6:U19U20_BB   A 5  ? B 20 ? A 6  ? B 19 ? 
1 A A 6  1_555 B U 7  1_555 A U 7  1_555 B A 6  1_555 0.977  -1.468 3.438 -1.296 19.189 19.513 -7.252 -2.347 1.399 44.893 3.031  
27.332 5 AA_A6U7:A18U19_BB   A 6  ? B 19 ? A 7  ? B 18 ? 
1 A U 7  1_555 B A 6  1_555 A U 8  1_555 B A 5  1_555 -0.896 -0.351 3.154 2.993  6.256  37.158 -1.306 1.749  2.980 9.714  -4.647 
37.777 6 AA_U7U8:A17A18_BB   A 7  ? B 18 ? A 8  ? B 17 ? 
1 A U 8  1_555 B A 5  1_555 A G 10 1_555 B C 3  1_555 -0.592 -3.496 6.113 -5.186 28.986 57.016 -5.443 0.181  4.122 28.385 5.078  
63.599 7 AA_U8G10:C15A17_BB  A 8  ? B 17 ? A 10 ? B 15 ? 
1 A G 10 1_555 B C 3  1_555 A C 11 1_555 B G 2  1_555 0.370  -1.374 3.201 -0.140 11.403 35.620 -3.526 -0.595 2.651 18.077 0.222  
37.345 8 AA_G10C11:G14C15_BB A 10 ? B 15 ? A 11 ? B 14 ? 
1 A C 11 1_555 B G 2  1_555 A G 12 1_555 B C 1  1_555 0.396  -1.695 3.224 2.844  12.840 30.733 -4.855 -0.268 2.372 22.953 -5.085 
33.366 9 AA_C11G12:C13G14_BB A 11 ? B 14 ? A 12 ? B 13 ? 
# 
_pdbx_initial_refinement_model.accession_code   ? 
_pdbx_initial_refinement_model.id               1 
_pdbx_initial_refinement_model.entity_id_list   ? 
_pdbx_initial_refinement_model.type             'experimental model' 
_pdbx_initial_refinement_model.source_name      Other 
_pdbx_initial_refinement_model.details          'Model of native A-RNA' 
# 
_atom_sites.entry_id                    2G92 
_atom_sites.fract_transf_matrix[1][1]   -0.01393790 
_atom_sites.fract_transf_matrix[1][2]   -0.02739778 
_atom_sites.fract_transf_matrix[1][3]   -0.02614518 
_atom_sites.fract_transf_matrix[2][1]   -0.01502248 
_atom_sites.fract_transf_matrix[2][2]   0.01183398 
_atom_sites.fract_transf_matrix[2][3]   -0.03553487 
_atom_sites.fract_transf_matrix[3][1]   0.01440096 
_atom_sites.fract_transf_matrix[3][2]   -0.00115071 
_atom_sites.fract_transf_matrix[3][3]   -0.00647126 
_atom_sites.fract_transf_vector[1]      0.412459 
_atom_sites.fract_transf_vector[2]      0.499001 
_atom_sites.fract_transf_vector[3]      0.225587 
# 
loop_
_atom_type.symbol 
C 
F 
N 
O 
P 
# 
loop_
_atom_site.group_PDB 
_atom_site.id 
_atom_site.type_symbol 
_atom_site.label_atom_id 
_atom_site.label_alt_id 
_atom_site.label_comp_id 
_atom_site.label_asym_id 
_atom_site.label_entity_id 
_atom_site.label_seq_id 
_atom_site.pdbx_PDB_ins_code 
_atom_site.Cartn_x 
_atom_site.Cartn_y 
_atom_site.Cartn_z 
_atom_site.occupancy 
_atom_site.B_iso_or_equiv 
_atom_site.pdbx_formal_charge 
_atom_site.auth_seq_id 
_atom_site.auth_comp_id 
_atom_site.auth_asym_id 
_atom_site.auth_atom_id 
_atom_site.pdbx_PDB_model_num 
ATOM   1   O "O5'" . C   A 1 1  ? -8.029  -7.523  -3.669  1.00 40.72 ? 1   C   A "O5'" 1 
ATOM   2   C "C5'" . C   A 1 1  ? -9.215  -7.251  -2.955  1.00 37.11 ? 1   C   A "C5'" 1 
ATOM   3   C "C4'" . C   A 1 1  ? -9.373  -8.221  -1.800  1.00 35.36 ? 1   C   A "C4'" 1 
ATOM   4   O "O4'" . C   A 1 1  ? -8.975  -9.560  -2.186  1.00 33.22 ? 1   C   A "O4'" 1 
ATOM   5   C "C3'" . C   A 1 1  ? -8.495  -7.938  -0.598  1.00 34.54 ? 1   C   A "C3'" 1 
ATOM   6   O "O3'" . C   A 1 1  ? -8.978  -6.867  0.169   1.00 33.18 ? 1   C   A "O3'" 1 
ATOM   7   C "C2'" . C   A 1 1  ? -8.608  -9.269  0.132   1.00 33.69 ? 1   C   A "C2'" 1 
ATOM   8   O "O2'" . C   A 1 1  ? -9.840  -9.398  0.817   1.00 33.19 ? 1   C   A "O2'" 1 
ATOM   9   C "C1'" . C   A 1 1  ? -8.452  -10.222 -1.047  1.00 33.37 ? 1   C   A "C1'" 1 
ATOM   10  N N1    . C   A 1 1  ? -7.008  -10.623 -1.336  1.00 33.13 ? 1   C   A N1    1 
ATOM   11  C C2    . C   A 1 1  ? -6.370  -11.510 -0.455  1.00 32.32 ? 1   C   A C2    1 
ATOM   12  O O2    . C   A 1 1  ? -6.972  -11.904 0.550   1.00 34.77 ? 1   C   A O2    1 
ATOM   13  N N3    . C   A 1 1  ? -5.108  -11.919 -0.705  1.00 30.61 ? 1   C   A N3    1 
ATOM   14  C C4    . C   A 1 1  ? -4.436  -11.469 -1.758  1.00 30.71 ? 1   C   A C4    1 
ATOM   15  N N4    . C   A 1 1  ? -3.196  -11.971 -1.936  1.00 32.57 ? 1   C   A N4    1 
ATOM   16  C C5    . C   A 1 1  ? -5.064  -10.590 -2.706  1.00 33.10 ? 1   C   A C5    1 
ATOM   17  C C6    . C   A 1 1  ? -6.338  -10.197 -2.451  1.00 34.27 ? 1   C   A C6    1 
ATOM   18  P P     . G   A 1 2  ? -8.028  -5.915  1.040   1.00 32.64 ? 2   G   A P     1 
ATOM   19  O OP1   . G   A 1 2  ? -8.834  -4.739  1.469   1.00 34.36 ? 2   G   A OP1   1 
ATOM   20  O OP2   . G   A 1 2  ? -6.793  -5.733  0.269   1.00 37.65 ? 2   G   A OP2   1 
ATOM   21  O "O5'" . G   A 1 2  ? -7.641  -6.780  2.308   1.00 32.28 ? 2   G   A "O5'" 1 
ATOM   22  C "C5'" . G   A 1 2  ? -8.620  -7.164  3.259   1.00 31.07 ? 2   G   A "C5'" 1 
ATOM   23  C "C4'" . G   A 1 2  ? -7.973  -7.963  4.354   1.00 27.23 ? 2   G   A "C4'" 1 
ATOM   24  O "O4'" . G   A 1 2  ? -7.443  -9.195  3.838   1.00 31.28 ? 2   G   A "O4'" 1 
ATOM   25  C "C3'" . G   A 1 2  ? -6.741  -7.283  4.909   1.00 32.28 ? 2   G   A "C3'" 1 
ATOM   26  O "O3'" . G   A 1 2  ? -7.108  -6.269  5.776   1.00 31.38 ? 2   G   A "O3'" 1 
ATOM   27  C "C2'" . G   A 1 2  ? -6.003  -8.430  5.567   1.00 31.19 ? 2   G   A "C2'" 1 
ATOM   28  O "O2'" . G   A 1 2  ? -6.531  -8.908  6.787   1.00 32.49 ? 2   G   A "O2'" 1 
ATOM   29  C "C1'" . G   A 1 2  ? -6.203  -9.448  4.483   1.00 30.13 ? 2   G   A "C1'" 1 
ATOM   30  N N9    . G   A 1 2  ? -5.165  -9.533  3.461   1.00 30.88 ? 2   G   A N9    1 
ATOM   31  C C8    . G   A 1 2  ? -5.271  -9.222  2.132   1.00 30.71 ? 2   G   A C8    1 
ATOM   32  N N7    . G   A 1 2  ? -4.205  -9.551  1.447   1.00 29.64 ? 2   G   A N7    1 
ATOM   33  C C5    . G   A 1 2  ? -3.405  -10.167 2.383   1.00 30.41 ? 2   G   A C5    1 
ATOM   34  C C6    . G   A 1 2  ? -2.133  -10.726 2.214   1.00 27.53 ? 2   G   A C6    1 
ATOM   35  O O6    . G   A 1 2  ? -1.588  -10.860 1.144   1.00 28.40 ? 2   G   A O6    1 
ATOM   36  N N1    . G   A 1 2  ? -1.626  -11.256 3.374   1.00 28.93 ? 2   G   A N1    1 
ATOM   37  C C2    . G   A 1 2  ? -2.274  -11.265 4.584   1.00 28.55 ? 2   G   A C2    1 
ATOM   38  N N2    . G   A 1 2  ? -1.615  -11.803 5.620   1.00 30.76 ? 2   G   A N2    1 
ATOM   39  N N3    . G   A 1 2  ? -3.478  -10.735 4.775   1.00 29.73 ? 2   G   A N3    1 
ATOM   40  C C4    . G   A 1 2  ? -3.974  -10.189 3.627   1.00 26.45 ? 2   G   A C4    1 
ATOM   41  P P     . C   A 1 3  ? -6.101  -5.049  5.995   1.00 35.08 ? 3   C   A P     1 
ATOM   42  O OP1   . C   A 1 3  ? -6.733  -4.290  7.090   1.00 33.59 ? 3   C   A OP1   1 
ATOM   43  O OP2   . C   A 1 3  ? -5.683  -4.483  4.710   1.00 34.55 ? 3   C   A OP2   1 
ATOM   44  O "O5'" . C   A 1 3  ? -4.830  -5.727  6.607   1.00 34.37 ? 3   C   A "O5'" 1 
ATOM   45  C "C5'" . C   A 1 3  ? -4.731  -5.817  8.003   1.00 35.70 ? 3   C   A "C5'" 1 
ATOM   46  C "C4'" . C   A 1 3  ? -3.486  -6.547  8.388   1.00 33.73 ? 3   C   A "C4'" 1 
ATOM   47  O "O4'" . C   A 1 3  ? -3.298  -7.761  7.632   1.00 31.94 ? 3   C   A "O4'" 1 
ATOM   48  C "C3'" . C   A 1 3  ? -2.224  -5.750  8.155   1.00 31.45 ? 3   C   A "C3'" 1 
ATOM   49  O "O3'" . C   A 1 3  ? -2.139  -4.752  9.188   1.00 31.84 ? 3   C   A "O3'" 1 
ATOM   50  C "C2'" . C   A 1 3  ? -1.194  -6.852  8.258   1.00 29.80 ? 3   C   A "C2'" 1 
ATOM   51  O "O2'" . C   A 1 3  ? -0.985  -7.271  9.591   1.00 35.59 ? 3   C   A "O2'" 1 
ATOM   52  C "C1'" . C   A 1 3  ? -1.892  -7.939  7.458   1.00 29.44 ? 3   C   A "C1'" 1 
ATOM   53  N N1    . C   A 1 3  ? -1.579  -7.895  6.006   1.00 30.32 ? 3   C   A N1    1 
ATOM   54  C C2    . C   A 1 3  ? -0.347  -8.435  5.556   1.00 25.83 ? 3   C   A C2    1 
ATOM   55  O O2    . C   A 1 3  ? 0.447   -8.931  6.358   1.00 27.62 ? 3   C   A O2    1 
ATOM   56  N N3    . C   A 1 3  ? -0.067  -8.407  4.239   1.00 27.66 ? 3   C   A N3    1 
ATOM   57  C C4    . C   A 1 3  ? -0.907  -7.840  3.367   1.00 29.41 ? 3   C   A C4    1 
ATOM   58  N N4    . C   A 1 3  ? -0.569  -7.863  2.069   1.00 28.16 ? 3   C   A N4    1 
ATOM   59  C C5    . C   A 1 3  ? -2.162  -7.307  3.786   1.00 28.25 ? 3   C   A C5    1 
ATOM   60  C C6    . C   A 1 3  ? -2.441  -7.338  5.107   1.00 27.01 ? 3   C   A C6    1 
HETATM 61  F F2    . NF2 A 1 4  ? 3.990   -6.505  4.641   1.00 31.36 ? 4   NF2 A F2    1 
HETATM 62  C C2    . NF2 A 1 4  ? 2.805   -5.962  4.519   1.00 29.32 ? 4   NF2 A C2    1 
HETATM 63  C C3    . NF2 A 1 4  ? 2.329   -5.798  3.355   1.00 25.66 ? 4   NF2 A C3    1 
HETATM 64  C C4    . NF2 A 1 4  ? 1.194   -5.241  3.215   1.00 29.69 ? 4   NF2 A C4    1 
HETATM 65  F F4    . NF2 A 1 4  ? 0.622   -5.034  2.033   1.00 32.01 ? 4   NF2 A F4    1 
HETATM 66  C C1    . NF2 A 1 4  ? 2.176   -5.553  5.643   1.00 26.97 ? 4   NF2 A C1    1 
HETATM 67  C C6    . NF2 A 1 4  ? 1.035   -4.998  5.544   1.00 28.53 ? 4   NF2 A C6    1 
HETATM 68  C C5    . NF2 A 1 4  ? 0.486   -4.818  4.411   1.00 28.73 ? 4   NF2 A C5    1 
HETATM 69  C CM    . NF2 A 1 4  ? -0.833  -4.129  4.253   1.00 32.66 ? 4   NF2 A CM    1 
HETATM 70  C "C1'" . NF2 A 1 4  ? 2.860   -5.715  7.005   1.00 25.25 ? 4   NF2 A "C1'" 1 
HETATM 71  O "O4'" . NF2 A 1 4  ? 1.895   -5.703  8.078   1.00 29.21 ? 4   NF2 A "O4'" 1 
HETATM 72  C "C2'" . NF2 A 1 4  ? 3.842   -4.587  7.284   1.00 27.22 ? 4   NF2 A "C2'" 1 
HETATM 73  O "O2'" . NF2 A 1 4  ? 4.883   -4.849  8.210   1.00 31.01 ? 4   NF2 A "O2'" 1 
HETATM 74  C "C3'" . NF2 A 1 4  ? 2.893   -3.573  7.897   1.00 27.32 ? 4   NF2 A "C3'" 1 
HETATM 75  O "O3'" . NF2 A 1 4  ? 3.603   -2.547  8.577   1.00 32.14 ? 4   NF2 A "O3'" 1 
HETATM 76  C "C4'" . NF2 A 1 4  ? 2.172   -4.514  8.858   1.00 27.05 ? 4   NF2 A "C4'" 1 
HETATM 77  C "C5'" . NF2 A 1 4  ? 0.910   -3.989  9.528   1.00 28.79 ? 4   NF2 A "C5'" 1 
HETATM 78  O "O5'" . NF2 A 1 4  ? -0.034  -3.611  8.508   1.00 32.39 ? 4   NF2 A "O5'" 1 
HETATM 79  P P     . NF2 A 1 4  ? -1.586  -3.307  8.849   1.00 34.02 ? 4   NF2 A P     1 
HETATM 80  O OP1   . NF2 A 1 4  ? -1.663  -2.495  10.078  1.00 34.29 ? 4   NF2 A OP1   1 
HETATM 81  O OP2   . NF2 A 1 4  ? -2.165  -2.805  7.584   1.00 35.47 ? 4   NF2 A OP2   1 
ATOM   82  P P     . A   A 1 5  ? 3.873   -1.130  7.896   1.00 31.89 ? 5   A   A P     1 
ATOM   83  O OP1   . A   A 1 5  ? 4.448   -0.251  8.957   1.00 36.51 ? 5   A   A OP1   1 
ATOM   84  O OP2   . A   A 1 5  ? 2.667   -0.716  7.116   1.00 29.44 ? 5   A   A OP2   1 
ATOM   85  O "O5'" . A   A 1 5  ? 5.013   -1.462  6.838   1.00 30.33 ? 5   A   A "O5'" 1 
ATOM   86  C "C5'" . A   A 1 5  ? 6.228   -1.950  7.363   1.00 28.32 ? 5   A   A "C5'" 1 
ATOM   87  C "C4'" . A   A 1 5  ? 7.170   -2.277  6.244   1.00 28.18 ? 5   A   A "C4'" 1 
ATOM   88  O "O4'" . A   A 1 5  ? 6.629   -3.394  5.495   1.00 30.05 ? 5   A   A "O4'" 1 
ATOM   89  C "C3'" . A   A 1 5  ? 7.342   -1.161  5.236   1.00 30.27 ? 5   A   A "C3'" 1 
ATOM   90  O "O3'" . A   A 1 5  ? 8.249   -0.184  5.723   1.00 31.17 ? 5   A   A "O3'" 1 
ATOM   91  C "C2'" . A   A 1 5  ? 7.904   -1.998  4.103   1.00 30.33 ? 5   A   A "C2'" 1 
ATOM   92  O "O2'" . A   A 1 5  ? 9.243   -2.338  4.367   1.00 31.52 ? 5   A   A "O2'" 1 
ATOM   93  C "C1'" . A   A 1 5  ? 7.013   -3.223  4.145   1.00 30.39 ? 5   A   A "C1'" 1 
ATOM   94  N N9    . A   A 1 5  ? 5.787   -3.152  3.347   1.00 29.29 ? 5   A   A N9    1 
ATOM   95  C C8    . A   A 1 5  ? 4.508   -2.827  3.712   1.00 30.56 ? 5   A   A C8    1 
ATOM   96  N N7    . A   A 1 5  ? 3.642   -2.909  2.715   1.00 28.61 ? 5   A   A N7    1 
ATOM   97  C C5    . A   A 1 5  ? 4.425   -3.315  1.624   1.00 30.20 ? 5   A   A C5    1 
ATOM   98  C C6    . A   A 1 5  ? 4.156   -3.581  0.267   1.00 29.77 ? 5   A   A C6    1 
ATOM   99  N N6    . A   A 1 5  ? 2.951   -3.542  -0.327  1.00 33.24 ? 5   A   A N6    1 
ATOM   100 N N1    . A   A 1 5  ? 5.198   -3.947  -0.484  1.00 31.20 ? 5   A   A N1    1 
ATOM   101 C C2    . A   A 1 5  ? 6.423   -4.015  0.038   1.00 32.43 ? 5   A   A C2    1 
ATOM   102 N N3    . A   A 1 5  ? 6.800   -3.813  1.280   1.00 29.71 ? 5   A   A N3    1 
ATOM   103 C C4    . A   A 1 5  ? 5.738   -3.463  2.012   1.00 30.00 ? 5   A   A C4    1 
ATOM   104 P P     . A   A 1 6  ? 8.137   1.351   5.243   1.00 32.72 ? 6   A   A P     1 
ATOM   105 O OP1   . A   A 1 6  ? 9.093   2.114   6.084   1.00 37.17 ? 6   A   A OP1   1 
ATOM   106 O OP2   . A   A 1 6  ? 6.707   1.727   5.128   1.00 34.40 ? 6   A   A OP2   1 
ATOM   107 O "O5'" . A   A 1 6  ? 8.672   1.325   3.742   1.00 34.25 ? 6   A   A "O5'" 1 
ATOM   108 C "C5'" . A   A 1 6  ? 10.068  1.225   3.557   1.00 33.63 ? 6   A   A "C5'" 1 
ATOM   109 C "C4'" . A   A 1 6  ? 10.396  0.894   2.116   1.00 32.99 ? 6   A   A "C4'" 1 
ATOM   110 O "O4'" . A   A 1 6  ? 9.752   -0.313  1.659   1.00 29.49 ? 6   A   A "O4'" 1 
ATOM   111 C "C3'" . A   A 1 6  ? 9.913   1.953   1.169   1.00 32.18 ? 6   A   A "C3'" 1 
ATOM   112 O "O3'" . A   A 1 6  ? 10.794  3.032   1.230   1.00 35.13 ? 6   A   A "O3'" 1 
ATOM   113 C "C2'" . A   A 1 6  ? 9.974   1.222   -0.148  1.00 30.01 ? 6   A   A "C2'" 1 
ATOM   114 O "O2'" . A   A 1 6  ? 11.327  1.134   -0.616  1.00 30.58 ? 6   A   A "O2'" 1 
ATOM   115 C "C1'" . A   A 1 6  ? 9.367   -0.106  0.318   1.00 31.03 ? 6   A   A "C1'" 1 
ATOM   116 N N9    . A   A 1 6  ? 7.902   -0.167  0.261   1.00 25.82 ? 6   A   A N9    1 
ATOM   117 C C8    . A   A 1 6  ? 6.987   0.111   1.239   1.00 28.97 ? 6   A   A C8    1 
ATOM   118 N N7    . A   A 1 6  ? 5.742   0.034   0.865   1.00 24.91 ? 6   A   A N7    1 
ATOM   119 C C5    . A   A 1 6  ? 5.824   -0.406  -0.439  1.00 28.99 ? 6   A   A C5    1 
ATOM   120 C C6    . A   A 1 6  ? 4.848   -0.734  -1.404  1.00 30.34 ? 6   A   A C6    1 
ATOM   121 N N6    . A   A 1 6  ? 3.523   -0.658  -1.204  1.00 31.39 ? 6   A   A N6    1 
ATOM   122 N N1    . A   A 1 6  ? 5.303   -1.037  -2.631  1.00 28.54 ? 6   A   A N1    1 
ATOM   123 C C2    . A   A 1 6  ? 6.608   -1.115  -2.849  1.00 28.07 ? 6   A   A C2    1 
ATOM   124 N N3    . A   A 1 6  ? 7.621   -0.836  -2.035  1.00 31.13 ? 6   A   A N3    1 
ATOM   125 C C4    . A   A 1 6  ? 7.151   -0.504  -0.832  1.00 30.05 ? 6   A   A C4    1 
ATOM   126 P P     . U   A 1 7  ? 10.217  4.497   1.242   1.00 40.57 ? 7   U   A P     1 
ATOM   127 O OP1   . U   A 1 7  ? 11.419  5.372   1.333   1.00 39.50 ? 7   U   A OP1   1 
ATOM   128 O OP2   . U   A 1 7  ? 9.084   4.547   2.204   1.00 37.69 ? 7   U   A OP2   1 
ATOM   129 O "O5'" . U   A 1 7  ? 9.618   4.634   -0.209  1.00 36.85 ? 7   U   A "O5'" 1 
ATOM   130 C "C5'" . U   A 1 7  ? 10.591  4.516   -1.206  1.00 42.69 ? 7   U   A "C5'" 1 
ATOM   131 C "C4'" . U   A 1 7  ? 9.811   4.445   -2.468  1.00 44.09 ? 7   U   A "C4'" 1 
ATOM   132 O "O4'" . U   A 1 7  ? 8.943   3.305   -2.349  1.00 48.02 ? 7   U   A "O4'" 1 
ATOM   133 C "C3'" . U   A 1 7  ? 8.875   5.616   -2.597  1.00 45.16 ? 7   U   A "C3'" 1 
ATOM   134 O "O3'" . U   A 1 7  ? 9.620   6.765   -2.975  1.00 46.19 ? 7   U   A "O3'" 1 
ATOM   135 C "C2'" . U   A 1 7  ? 7.931   5.026   -3.627  1.00 45.32 ? 7   U   A "C2'" 1 
ATOM   136 O "O2'" . U   A 1 7  ? 8.453   5.159   -4.933  1.00 47.93 ? 7   U   A "O2'" 1 
ATOM   137 C "C1'" . U   A 1 7  ? 7.839   3.565   -3.175  1.00 43.90 ? 7   U   A "C1'" 1 
ATOM   138 N N1    . U   A 1 7  ? 6.579   3.249   -2.471  1.00 44.36 ? 7   U   A N1    1 
ATOM   139 C C2    . U   A 1 7  ? 5.518   2.964   -3.293  1.00 42.99 ? 7   U   A C2    1 
ATOM   140 O O2    . U   A 1 7  ? 5.634   2.930   -4.512  1.00 44.63 ? 7   U   A O2    1 
ATOM   141 N N3    . U   A 1 7  ? 4.345   2.695   -2.649  1.00 42.27 ? 7   U   A N3    1 
ATOM   142 C C4    . U   A 1 7  ? 4.089   2.774   -1.297  1.00 42.30 ? 7   U   A C4    1 
ATOM   143 O O4    . U   A 1 7  ? 2.957   2.535   -0.895  1.00 42.09 ? 7   U   A O4    1 
ATOM   144 C C5    . U   A 1 7  ? 5.238   3.099   -0.498  1.00 40.67 ? 7   U   A C5    1 
ATOM   145 C C6    . U   A 1 7  ? 6.410   3.348   -1.097  1.00 41.30 ? 7   U   A C6    1 
ATOM   146 P P     . U   A 1 8  ? 9.143   8.262   -2.583  1.00 44.95 ? 8   U   A P     1 
ATOM   147 O OP1   . U   A 1 8  ? 10.332  9.147   -2.581  1.00 46.82 ? 8   U   A OP1   1 
ATOM   148 O OP2   . U   A 1 8  ? 8.282   8.233   -1.371  1.00 44.40 ? 8   U   A OP2   1 
ATOM   149 O "O5'" . U   A 1 8  ? 8.222   8.656   -3.816  1.00 40.92 ? 8   U   A "O5'" 1 
ATOM   150 C "C5'" . U   A 1 8  ? 8.722   8.600   -5.125  1.00 37.32 ? 8   U   A "C5'" 1 
ATOM   151 C "C4'" . U   A 1 8  ? 7.554   8.239   -5.996  1.00 35.72 ? 8   U   A "C4'" 1 
ATOM   152 O "O4'" . U   A 1 8  ? 6.949   7.023   -5.502  1.00 33.24 ? 8   U   A "O4'" 1 
ATOM   153 C "C3'" . U   A 1 8  ? 6.386   9.208   -5.898  1.00 37.63 ? 8   U   A "C3'" 1 
ATOM   154 O "O3'" . U   A 1 8  ? 6.652   10.461  -6.558  1.00 41.37 ? 8   U   A "O3'" 1 
ATOM   155 C "C2'" . U   A 1 8  ? 5.332   8.355   -6.589  1.00 35.97 ? 8   U   A "C2'" 1 
ATOM   156 O "O2'" . U   A 1 8  ? 5.509   8.455   -7.988  1.00 34.87 ? 8   U   A "O2'" 1 
ATOM   157 C "C1'" . U   A 1 8  ? 5.637   6.949   -6.039  1.00 36.06 ? 8   U   A "C1'" 1 
ATOM   158 N N1    . U   A 1 8  ? 4.735   6.490   -4.913  1.00 41.27 ? 8   U   A N1    1 
ATOM   159 C C2    . U   A 1 8  ? 3.490   5.875   -5.110  1.00 39.48 ? 8   U   A C2    1 
ATOM   160 O O2    . U   A 1 8  ? 2.955   5.622   -6.176  1.00 42.08 ? 8   U   A O2    1 
ATOM   161 N N3    . U   A 1 8  ? 2.828   5.538   -3.961  1.00 36.69 ? 8   U   A N3    1 
ATOM   162 C C4    . U   A 1 8  ? 3.243   5.750   -2.652  1.00 39.21 ? 8   U   A C4    1 
ATOM   163 O O4    . U   A 1 8  ? 2.536   5.386   -1.722  1.00 41.67 ? 8   U   A O4    1 
ATOM   164 C C5    . U   A 1 8  ? 4.535   6.379   -2.508  1.00 41.82 ? 8   U   A C5    1 
ATOM   165 C C6    . U   A 1 8  ? 5.200   6.740   -3.621  1.00 41.83 ? 8   U   A C6    1 
ATOM   166 P P     . A   A 1 9  ? 6.134   11.813  -5.873  1.00 42.85 ? 9   A   A P     1 
ATOM   167 O OP1   . A   A 1 9  ? 6.788   12.956  -6.568  1.00 40.53 ? 9   A   A OP1   1 
ATOM   168 O OP2   . A   A 1 9  ? 6.122   11.629  -4.380  1.00 41.91 ? 9   A   A OP2   1 
ATOM   169 O "O5'" . A   A 1 9  ? 4.606   11.827  -6.292  1.00 43.20 ? 9   A   A "O5'" 1 
ATOM   170 C "C5'" . A   A 1 9  ? 4.234   12.045  -7.637  1.00 43.40 ? 9   A   A "C5'" 1 
ATOM   171 C "C4'" . A   A 1 9  ? 2.822   11.547  -7.780  1.00 41.37 ? 9   A   A "C4'" 1 
ATOM   172 O "O4'" . A   A 1 9  ? 2.768   10.184  -7.279  1.00 45.48 ? 9   A   A "O4'" 1 
ATOM   173 C "C3'" . A   A 1 9  ? 1.770   12.220  -6.912  1.00 40.69 ? 9   A   A "C3'" 1 
ATOM   174 O "O3'" . A   A 1 9  ? 1.372   13.463  -7.471  1.00 37.92 ? 9   A   A "O3'" 1 
ATOM   175 C "C2'" . A   A 1 9  ? 0.661   11.185  -6.998  1.00 39.11 ? 9   A   A "C2'" 1 
ATOM   176 O "O2'" . A   A 1 9  ? -0.011  11.225  -8.251  1.00 42.29 ? 9   A   A "O2'" 1 
ATOM   177 C "C1'" . A   A 1 9  ? 1.437   9.888   -6.871  1.00 43.57 ? 9   A   A "C1'" 1 
ATOM   178 N N9    . A   A 1 9  ? 1.411   9.383   -5.506  1.00 44.39 ? 9   A   A N9    1 
ATOM   179 C C8    . A   A 1 9  ? 2.418   9.457   -4.575  1.00 43.23 ? 9   A   A C8    1 
ATOM   180 N N7    . A   A 1 9  ? 2.087   8.927   -3.416  1.00 43.38 ? 9   A   A N7    1 
ATOM   181 C C5    . A   A 1 9  ? 0.790   8.479   -3.611  1.00 42.37 ? 9   A   A C5    1 
ATOM   182 C C6    . A   A 1 9  ? -0.123  7.852   -2.746  1.00 45.38 ? 9   A   A C6    1 
ATOM   183 N N6    . A   A 1 9  ? 0.213   7.555   -1.483  1.00 45.28 ? 9   A   A N6    1 
ATOM   184 N N1    . A   A 1 9  ? -1.351  7.532   -3.232  1.00 44.28 ? 9   A   A N1    1 
ATOM   185 C C2    . A   A 1 9  ? -1.649  7.886   -4.494  1.00 44.08 ? 9   A   A C2    1 
ATOM   186 N N3    . A   A 1 9  ? -0.861  8.460   -5.409  1.00 44.37 ? 9   A   A N3    1 
ATOM   187 C C4    . A   A 1 9  ? 0.346   8.765   -4.889  1.00 43.46 ? 9   A   A C4    1 
ATOM   188 P P     . G   A 1 10 ? 0.854   14.634  -6.522  1.00 38.47 ? 10  G   A P     1 
ATOM   189 O OP1   . G   A 1 10 ? 1.073   15.912  -7.217  1.00 41.46 ? 10  G   A OP1   1 
ATOM   190 O OP2   . G   A 1 10 ? 1.440   14.425  -5.161  1.00 36.08 ? 10  G   A OP2   1 
ATOM   191 O "O5'" . G   A 1 10 ? -0.709  14.256  -6.380  1.00 39.98 ? 10  G   A "O5'" 1 
ATOM   192 C "C5'" . G   A 1 10 ? -1.542  13.949  -7.542  1.00 39.41 ? 10  G   A "C5'" 1 
ATOM   193 C "C4'" . G   A 1 10 ? -2.972  13.536  -7.203  1.00 36.92 ? 10  G   A "C4'" 1 
ATOM   194 O "O4'" . G   A 1 10 ? -3.100  12.093  -7.013  1.00 33.28 ? 10  G   A "O4'" 1 
ATOM   195 C "C3'" . G   A 1 10 ? -3.556  14.166  -5.954  1.00 33.46 ? 10  G   A "C3'" 1 
ATOM   196 O "O3'" . G   A 1 10 ? -4.174  15.417  -6.201  1.00 33.23 ? 10  G   A "O3'" 1 
ATOM   197 C "C2'" . G   A 1 10 ? -4.620  13.166  -5.563  1.00 33.68 ? 10  G   A "C2'" 1 
ATOM   198 O "O2'" . G   A 1 10 ? -5.761  13.346  -6.337  1.00 30.34 ? 10  G   A "O2'" 1 
ATOM   199 C "C1'" . G   A 1 10 ? -3.959  11.831  -5.894  1.00 32.26 ? 10  G   A "C1'" 1 
ATOM   200 N N9    . G   A 1 10 ? -3.236  11.327  -4.723  1.00 35.11 ? 10  G   A N9    1 
ATOM   201 C C8    . G   A 1 10 ? -1.885  11.436  -4.469  1.00 34.88 ? 10  G   A C8    1 
ATOM   202 N N7    . G   A 1 10 ? -1.528  10.909  -3.326  1.00 36.04 ? 10  G   A N7    1 
ATOM   203 C C5    . G   A 1 10 ? -2.718  10.426  -2.787  1.00 34.78 ? 10  G   A C5    1 
ATOM   204 C C6    . G   A 1 10 ? -2.971  9.758   -1.552  1.00 33.77 ? 10  G   A C6    1 
ATOM   205 O O6    . G   A 1 10 ? -2.159  9.419   -0.673  1.00 33.07 ? 10  G   A O6    1 
ATOM   206 N N1    . G   A 1 10 ? -4.320  9.452   -1.412  1.00 32.54 ? 10  G   A N1    1 
ATOM   207 C C2    . G   A 1 10 ? -5.310  9.734   -2.313  1.00 33.42 ? 10  G   A C2    1 
ATOM   208 N N2    . G   A 1 10 ? -6.575  9.380   -1.994  1.00 34.04 ? 10  G   A N2    1 
ATOM   209 N N3    . G   A 1 10 ? -5.095  10.382  -3.448  1.00 33.85 ? 10  G   A N3    1 
ATOM   210 C C4    . G   A 1 10 ? -3.783  10.700  -3.618  1.00 33.79 ? 10  G   A C4    1 
ATOM   211 P P     . C   A 1 11 ? -3.933  16.558  -5.100  1.00 33.38 ? 11  C   A P     1 
ATOM   212 O OP1   . C   A 1 11 ? -4.365  17.849  -5.694  1.00 33.56 ? 11  C   A OP1   1 
ATOM   213 O OP2   . C   A 1 11 ? -2.610  16.411  -4.474  1.00 34.77 ? 11  C   A OP2   1 
ATOM   214 O "O5'" . C   A 1 11 ? -5.004  16.147  -3.997  1.00 30.77 ? 11  C   A "O5'" 1 
ATOM   215 C "C5'" . C   A 1 11 ? -6.370  16.233  -4.216  1.00 31.95 ? 11  C   A "C5'" 1 
ATOM   216 C "C4'" . C   A 1 11 ? -7.157  15.581  -3.094  1.00 30.94 ? 11  C   A "C4'" 1 
ATOM   217 O "O4'" . C   A 1 11 ? -6.798  14.202  -2.979  1.00 28.69 ? 11  C   A "O4'" 1 
ATOM   218 C "C3'" . C   A 1 11 ? -6.941  16.126  -1.697  1.00 30.43 ? 11  C   A "C3'" 1 
ATOM   219 O "O3'" . C   A 1 11 ? -7.597  17.371  -1.537  1.00 29.54 ? 11  C   A "O3'" 1 
ATOM   220 C "C2'" . C   A 1 11 ? -7.514  14.981  -0.862  1.00 30.23 ? 11  C   A "C2'" 1 
ATOM   221 O "O2'" . C   A 1 11 ? -8.937  14.851  -0.791  1.00 30.95 ? 11  C   A "O2'" 1 
ATOM   222 C "C1'" . C   A 1 11 ? -6.879  13.830  -1.617  1.00 30.38 ? 11  C   A "C1'" 1 
ATOM   223 N N1    . C   A 1 11 ? -5.521  13.491  -1.152  1.00 27.73 ? 11  C   A N1    1 
ATOM   224 C C2    . C   A 1 11 ? -5.373  12.744  0.020   1.00 29.79 ? 11  C   A C2    1 
ATOM   225 O O2    . C   A 1 11 ? -6.364  12.405  0.646   1.00 28.59 ? 11  C   A O2    1 
ATOM   226 N N3    . C   A 1 11 ? -4.136  12.391  0.434   1.00 30.96 ? 11  C   A N3    1 
ATOM   227 C C4    . C   A 1 11 ? -3.070  12.764  -0.257  1.00 31.88 ? 11  C   A C4    1 
ATOM   228 N N4    . C   A 1 11 ? -1.879  12.395  0.195   1.00 31.95 ? 11  C   A N4    1 
ATOM   229 C C5    . C   A 1 11 ? -3.191  13.552  -1.432  1.00 30.85 ? 11  C   A C5    1 
ATOM   230 C C6    . C   A 1 11 ? -4.422  13.893  -1.848  1.00 30.75 ? 11  C   A C6    1 
ATOM   231 P P     . G   A 1 12 ? -6.895  18.479  -0.633  1.00 34.49 ? 12  G   A P     1 
ATOM   232 O OP1   . G   A 1 12 ? -7.750  19.691  -0.600  1.00 34.77 ? 12  G   A OP1   1 
ATOM   233 O OP2   . G   A 1 12 ? -5.506  18.650  -1.106  1.00 36.19 ? 12  G   A OP2   1 
ATOM   234 O "O5'" . G   A 1 12 ? -6.891  17.793  0.812   1.00 34.98 ? 12  G   A "O5'" 1 
ATOM   235 C "C5'" . G   A 1 12 ? -8.156  17.730  1.485   1.00 29.89 ? 12  G   A "C5'" 1 
ATOM   236 C "C4'" . G   A 1 12 ? -8.045  16.982  2.794   1.00 31.04 ? 12  G   A "C4'" 1 
ATOM   237 O "O4'" . G   A 1 12 ? -7.500  15.666  2.555   1.00 30.35 ? 12  G   A "O4'" 1 
ATOM   238 C "C3'" . G   A 1 12 ? -7.090  17.594  3.804   1.00 31.04 ? 12  G   A "C3'" 1 
ATOM   239 O "O3'" . G   A 1 12 ? -7.662  18.697  4.479   1.00 30.54 ? 12  G   A "O3'" 1 
ATOM   240 C "C2'" . G   A 1 12 ? -6.913  16.408  4.704   1.00 29.43 ? 12  G   A "C2'" 1 
ATOM   241 O "O2'" . G   A 1 12 ? -8.062  16.232  5.524   1.00 30.48 ? 12  G   A "O2'" 1 
ATOM   242 C "C1'" . G   A 1 12 ? -6.716  15.291  3.673   1.00 29.79 ? 12  G   A "C1'" 1 
ATOM   243 N N9    . G   A 1 12 ? -5.324  15.086  3.251   1.00 29.29 ? 12  G   A N9    1 
ATOM   244 C C8    . G   A 1 12 ? -4.646  15.583  2.165   1.00 31.40 ? 12  G   A C8    1 
ATOM   245 N N7    . G   A 1 12 ? -3.387  15.227  2.119   1.00 30.72 ? 12  G   A N7    1 
ATOM   246 C C5    . G   A 1 12 ? -3.229  14.472  3.270   1.00 29.15 ? 12  G   A C5    1 
ATOM   247 C C6    . G   A 1 12 ? -2.079  13.846  3.791   1.00 30.26 ? 12  G   A C6    1 
ATOM   248 O O6    . G   A 1 12 ? -0.950  13.790  3.281   1.00 31.49 ? 12  G   A O6    1 
ATOM   249 N N1    . G   A 1 12 ? -2.364  13.171  4.972   1.00 26.60 ? 12  G   A N1    1 
ATOM   250 C C2    . G   A 1 12 ? -3.553  13.171  5.639   1.00 27.34 ? 12  G   A C2    1 
ATOM   251 N N2    . G   A 1 12 ? -3.576  12.447  6.768   1.00 30.02 ? 12  G   A N2    1 
ATOM   252 N N3    . G   A 1 12 ? -4.649  13.740  5.170   1.00 28.76 ? 12  G   A N3    1 
ATOM   253 C C4    . G   A 1 12 ? -4.399  14.381  3.984   1.00 27.87 ? 12  G   A C4    1 
ATOM   254 O "O5'" . C   B 1 1  ? 3.274   7.553   8.346   1.00 38.18 ? 13  C   B "O5'" 1 
ATOM   255 C "C5'" . C   B 1 1  ? 2.865   7.259   9.661   1.00 36.30 ? 13  C   B "C5'" 1 
ATOM   256 C "C4'" . C   B 1 1  ? 1.650   8.071   10.028  1.00 33.96 ? 13  C   B "C4'" 1 
ATOM   257 O "O4'" . C   B 1 1  ? 1.855   9.450   9.611   1.00 33.15 ? 13  C   B "O4'" 1 
ATOM   258 C "C3'" . C   B 1 1  ? 0.357   7.676   9.314   1.00 34.73 ? 13  C   B "C3'" 1 
ATOM   259 O "O3'" . C   B 1 1  ? -0.253  6.528   9.877   1.00 34.45 ? 13  C   B "O3'" 1 
ATOM   260 C "C2'" . C   B 1 1  ? -0.456  8.934   9.561   1.00 34.46 ? 13  C   B "C2'" 1 
ATOM   261 O "O2'" . C   B 1 1  ? -0.952  9.036   10.882  1.00 35.04 ? 13  C   B "O2'" 1 
ATOM   262 C "C1'" . C   B 1 1  ? 0.595   9.994   9.288   1.00 29.59 ? 13  C   B "C1'" 1 
ATOM   263 N N1    . C   B 1 1  ? 0.710   10.439  7.874   1.00 30.08 ? 13  C   B N1    1 
ATOM   264 C C2    . C   B 1 1  ? -0.298  11.247  7.327   1.00 25.12 ? 13  C   B C2    1 
ATOM   265 O O2    . C   B 1 1  ? -1.234  11.555  8.038   1.00 29.93 ? 13  C   B O2    1 
ATOM   266 N N3    . C   B 1 1  ? -0.124  11.698  6.062   1.00 29.35 ? 13  C   B N3    1 
ATOM   267 C C4    . C   B 1 1  ? 0.959   11.346  5.328   1.00 29.70 ? 13  C   B C4    1 
ATOM   268 N N4    . C   B 1 1  ? 1.068   11.799  4.053   1.00 28.83 ? 13  C   B N4    1 
ATOM   269 C C5    . C   B 1 1  ? 1.976   10.518  5.870   1.00 30.85 ? 13  C   B C5    1 
ATOM   270 C C6    . C   B 1 1  ? 1.809   10.092  7.127   1.00 27.70 ? 13  C   B C6    1 
ATOM   271 P P     . G   B 1 2  ? -0.987  5.446   8.941   1.00 35.20 ? 14  G   B P     1 
ATOM   272 O OP1   . G   B 1 2  ? -1.201  4.210   9.710   1.00 38.22 ? 14  G   B OP1   1 
ATOM   273 O OP2   . G   B 1 2  ? -0.242  5.413   7.680   1.00 33.17 ? 14  G   B OP2   1 
ATOM   274 O "O5'" . G   B 1 2  ? -2.387  6.126   8.601   1.00 33.29 ? 14  G   B "O5'" 1 
ATOM   275 C "C5'" . G   B 1 2  ? -3.271  6.458   9.614   1.00 33.26 ? 14  G   B "C5'" 1 
ATOM   276 C "C4'" . G   B 1 2  ? -4.461  7.187   9.041   1.00 32.06 ? 14  G   B "C4'" 1 
ATOM   277 O "O4'" . G   B 1 2  ? -4.020  8.476   8.554   1.00 32.20 ? 14  G   B "O4'" 1 
ATOM   278 C "C3'" . G   B 1 2  ? -5.122  6.547   7.827   1.00 31.87 ? 14  G   B "C3'" 1 
ATOM   279 O "O3'" . G   B 1 2  ? -5.946  5.457   8.172   1.00 35.19 ? 14  G   B "O3'" 1 
ATOM   280 C "C2'" . G   B 1 2  ? -5.868  7.757   7.264   1.00 31.32 ? 14  G   B "C2'" 1 
ATOM   281 O "O2'" . G   B 1 2  ? -7.051  8.069   8.000   1.00 31.23 ? 14  G   B "O2'" 1 
ATOM   282 C "C1'" . G   B 1 2  ? -4.792  8.837   7.423   1.00 31.09 ? 14  G   B "C1'" 1 
ATOM   283 N N9    . G   B 1 2  ? -3.828  9.073   6.334   1.00 31.29 ? 14  G   B N9    1 
ATOM   284 C C8    . G   B 1 2  ? -2.500  8.702   6.286   1.00 29.62 ? 14  G   B C8    1 
ATOM   285 N N7    . G   B 1 2  ? -1.871  9.099   5.223   1.00 32.13 ? 14  G   B N7    1 
ATOM   286 C C5    . G   B 1 2  ? -2.849  9.768   4.495   1.00 32.02 ? 14  G   B C5    1 
ATOM   287 C C6    . G   B 1 2  ? -2.762  10.457  3.245   1.00 30.21 ? 14  G   B C6    1 
ATOM   288 O O6    . G   B 1 2  ? -1.755  10.583  2.537   1.00 31.39 ? 14  G   B O6    1 
ATOM   289 N N1    . G   B 1 2  ? -4.003  11.000  2.873   1.00 30.73 ? 14  G   B N1    1 
ATOM   290 C C2    . G   B 1 2  ? -5.158  10.931  3.644   1.00 32.09 ? 14  G   B C2    1 
ATOM   291 N N2    . G   B 1 2  ? -6.281  11.500  3.176   1.00 30.89 ? 14  G   B N2    1 
ATOM   292 N N3    . G   B 1 2  ? -5.233  10.308  4.821   1.00 33.21 ? 14  G   B N3    1 
ATOM   293 C C4    . G   B 1 2  ? -4.053  9.765   5.171   1.00 29.60 ? 14  G   B C4    1 
ATOM   294 P P     . C   B 1 3  ? -6.138  4.256   7.132   1.00 33.21 ? 15  C   B P     1 
ATOM   295 O OP1   . C   B 1 3  ? -7.054  3.279   7.764   1.00 37.16 ? 15  C   B OP1   1 
ATOM   296 O OP2   . C   B 1 3  ? -4.802  3.867   6.621   1.00 30.71 ? 15  C   B OP2   1 
ATOM   297 O "O5'" . C   B 1 3  ? -6.880  4.914   5.887   1.00 29.88 ? 15  C   B "O5'" 1 
ATOM   298 C "C5'" . C   B 1 3  ? -8.289  5.224   5.953   1.00 29.50 ? 15  C   B "C5'" 1 
ATOM   299 C "C4'" . C   B 1 3  ? -8.696  5.814   4.624   1.00 30.10 ? 15  C   B "C4'" 1 
ATOM   300 O "O4'" . C   B 1 3  ? -8.041  7.059   4.335   1.00 30.67 ? 15  C   B "O4'" 1 
ATOM   301 C "C3'" . C   B 1 3  ? -8.261  4.976   3.442   1.00 34.65 ? 15  C   B "C3'" 1 
ATOM   302 O "O3'" . C   B 1 3  ? -9.091  3.867   3.409   1.00 39.36 ? 15  C   B "O3'" 1 
ATOM   303 C "C2'" . C   B 1 3  ? -8.479  5.963   2.313   1.00 32.89 ? 15  C   B "C2'" 1 
ATOM   304 O "O2'" . C   B 1 3  ? -9.834  6.203   2.038   1.00 39.79 ? 15  C   B "O2'" 1 
ATOM   305 C "C1'" . C   B 1 3  ? -7.882  7.206   2.941   1.00 32.56 ? 15  C   B "C1'" 1 
ATOM   306 N N1    . C   B 1 3  ? -6.439  7.363   2.581   1.00 32.31 ? 15  C   B N1    1 
ATOM   307 C C2    . C   B 1 3  ? -6.098  8.072   1.413   1.00 31.29 ? 15  C   B C2    1 
ATOM   308 O O2    . C   B 1 3  ? -6.993  8.577   0.712   1.00 33.27 ? 15  C   B O2    1 
ATOM   309 N N3    . C   B 1 3  ? -4.793  8.197   1.110   1.00 33.61 ? 15  C   B N3    1 
ATOM   310 C C4    . C   B 1 3  ? -3.852  7.642   1.876   1.00 28.31 ? 15  C   B C4    1 
ATOM   311 N N4    . C   B 1 3  ? -2.583  7.776   1.508   1.00 29.45 ? 15  C   B N4    1 
ATOM   312 C C5    . C   B 1 3  ? -4.181  6.900   3.044   1.00 30.39 ? 15  C   B C5    1 
ATOM   313 C C6    . C   B 1 3  ? -5.480  6.812   3.354   1.00 29.87 ? 15  C   B C6    1 
HETATM 314 F F2    . NF2 B 1 4  ? -4.844  6.962   -2.842  1.00 40.88 ? 16  NF2 B F2    1 
HETATM 315 C C2    . NF2 B 1 4  ? -4.757  6.175   -1.794  1.00 37.52 ? 16  NF2 B C2    1 
HETATM 316 C C3    . NF2 B 1 4  ? -3.638  6.054   -1.278  1.00 36.75 ? 16  NF2 B C3    1 
HETATM 317 C C4    . NF2 B 1 4  ? -3.482  5.344   -0.283  1.00 40.77 ? 16  NF2 B C4    1 
HETATM 318 F F4    . NF2 B 1 4  ? -2.268  5.264   0.224   1.00 42.25 ? 16  NF2 B F4    1 
HETATM 319 C C1    . NF2 B 1 4  ? -5.833  5.556   -1.305  1.00 38.66 ? 16  NF2 B C1    1 
HETATM 320 C C6    . NF2 B 1 4  ? -5.744  4.793   -0.301  1.00 38.94 ? 16  NF2 B C6    1 
HETATM 321 C C5    . NF2 B 1 4  ? -4.644  4.661   0.283   1.00 40.63 ? 16  NF2 B C5    1 
HETATM 322 C CM    . NF2 B 1 4  ? -4.539  3.774   1.482   1.00 42.64 ? 16  NF2 B CM    1 
HETATM 323 C "C1'" . NF2 B 1 4  ? -7.188  5.888   -1.845  1.00 39.37 ? 16  NF2 B "C1'" 1 
HETATM 324 O "O4'" . NF2 B 1 4  ? -8.193  5.785   -0.846  1.00 39.74 ? 16  NF2 B "O4'" 1 
HETATM 325 C "C2'" . NF2 B 1 4  ? -7.529  4.918   -2.955  1.00 39.43 ? 16  NF2 B "C2'" 1 
HETATM 326 O "O2'" . NF2 B 1 4  ? -8.352  5.615   -3.849  1.00 37.19 ? 16  NF2 B "O2'" 1 
HETATM 327 C "C3'" . NF2 B 1 4  ? -8.241  3.829   -2.128  1.00 40.88 ? 16  NF2 B "C3'" 1 
HETATM 328 O "O3'" . NF2 B 1 4  ? -9.088  2.933   -2.837  1.00 39.08 ? 16  NF2 B "O3'" 1 
HETATM 329 C "C4'" . NF2 B 1 4  ? -9.078  4.686   -1.215  1.00 39.63 ? 16  NF2 B "C4'" 1 
HETATM 330 C "C5'" . NF2 B 1 4  ? -9.633  3.916   -0.023  1.00 39.66 ? 16  NF2 B "C5'" 1 
HETATM 331 O "O5'" . NF2 B 1 4  ? -8.603  3.568   0.926   1.00 42.65 ? 16  NF2 B "O5'" 1 
HETATM 332 P P     . NF2 B 1 4  ? -9.005  2.784   2.275   1.00 46.45 ? 16  NF2 B P     1 
HETATM 333 O OP1   . NF2 B 1 4  ? -10.329 2.080   2.084   1.00 47.16 ? 16  NF2 B OP1   1 
HETATM 334 O OP2   . NF2 B 1 4  ? -7.933  1.779   2.620   1.00 36.25 ? 16  NF2 B OP2   1 
ATOM   335 P P     . A   B 1 5  ? -8.386  1.559   -3.209  1.00 40.76 ? 17  A   B P     1 
ATOM   336 O OP1   . A   B 1 5  ? -9.222  0.486   -3.853  1.00 34.75 ? 17  A   B OP1   1 
ATOM   337 O OP2   . A   B 1 5  ? -7.473  1.122   -2.118  1.00 37.14 ? 17  A   B OP2   1 
ATOM   338 O "O5'" . A   B 1 5  ? -7.413  2.224   -4.310  1.00 38.31 ? 17  A   B "O5'" 1 
ATOM   339 C "C5'" . A   B 1 5  ? -7.824  2.469   -5.653  1.00 36.69 ? 17  A   B "C5'" 1 
ATOM   340 C "C4'" . A   B 1 5  ? -6.649  2.911   -6.518  1.00 38.26 ? 17  A   B "C4'" 1 
ATOM   341 O "O4'" . A   B 1 5  ? -5.832  3.919   -5.845  1.00 41.30 ? 17  A   B "O4'" 1 
ATOM   342 C "C3'" . A   B 1 5  ? -5.604  1.848   -6.802  1.00 40.08 ? 17  A   B "C3'" 1 
ATOM   343 O "O3'" . A   B 1 5  ? -6.043  0.883   -7.715  1.00 43.72 ? 17  A   B "O3'" 1 
ATOM   344 C "C2'" . A   B 1 5  ? -4.462  2.713   -7.330  1.00 40.89 ? 17  A   B "C2'" 1 
ATOM   345 O "O2'" . A   B 1 5  ? -4.707  3.290   -8.621  1.00 38.09 ? 17  A   B "O2'" 1 
ATOM   346 C "C1'" . A   B 1 5  ? -4.461  3.815   -6.280  1.00 38.60 ? 17  A   B "C1'" 1 
ATOM   347 N N9    . A   B 1 5  ? -3.523  3.726   -5.141  1.00 37.95 ? 17  A   B N9    1 
ATOM   348 C C8    . A   B 1 5  ? -3.692  3.270   -3.848  1.00 34.66 ? 17  A   B C8    1 
ATOM   349 N N7    . A   B 1 5  ? -2.619  3.448   -3.084  1.00 31.08 ? 17  A   B N7    1 
ATOM   350 C C5    . A   B 1 5  ? -1.716  4.117   -3.887  1.00 34.53 ? 17  A   B C5    1 
ATOM   351 C C6    . A   B 1 5  ? -0.370  4.581   -3.699  1.00 36.26 ? 17  A   B C6    1 
ATOM   352 N N6    . A   B 1 5  ? 0.367   4.548   -2.568  1.00 35.37 ? 17  A   B N6    1 
ATOM   353 N N1    . A   B 1 5  ? 0.258   5.106   -4.767  1.00 33.59 ? 17  A   B N1    1 
ATOM   354 C C2    . A   B 1 5  ? -0.417  5.224   -5.907  1.00 38.10 ? 17  A   B C2    1 
ATOM   355 N N3    . A   B 1 5  ? -1.665  4.850   -6.197  1.00 38.16 ? 17  A   B N3    1 
ATOM   356 C C4    . A   B 1 5  ? -2.252  4.248   -5.148  1.00 35.96 ? 17  A   B C4    1 
ATOM   357 P P     . A   B 1 6  ? -5.233  -0.503  -7.764  1.00 46.39 ? 18  A   B P     1 
ATOM   358 O OP1   . A   B 1 6  ? -5.875  -1.329  -8.793  1.00 47.59 ? 18  A   B OP1   1 
ATOM   359 O OP2   . A   B 1 6  ? -5.040  -1.036  -6.385  1.00 48.91 ? 18  A   B OP2   1 
ATOM   360 O "O5'" . A   B 1 6  ? -3.760  -0.094  -8.245  1.00 35.50 ? 18  A   B "O5'" 1 
ATOM   361 C "C5'" . A   B 1 6  ? -3.596  0.284   -9.574  1.00 41.52 ? 18  A   B "C5'" 1 
ATOM   362 C "C4'" . A   B 1 6  ? -2.168  0.699   -9.742  1.00 41.60 ? 18  A   B "C4'" 1 
ATOM   363 O "O4'" . A   B 1 6  ? -1.877  1.756   -8.786  1.00 44.07 ? 18  A   B "O4'" 1 
ATOM   364 C "C3'" . A   B 1 6  ? -1.155  -0.391  -9.410  1.00 40.74 ? 18  A   B "C3'" 1 
ATOM   365 O "O3'" . A   B 1 6  ? -1.072  -1.297  -10.468 1.00 40.77 ? 18  A   B "O3'" 1 
ATOM   366 C "C2'" . A   B 1 6  ? 0.064   0.503   -9.209  1.00 42.16 ? 18  A   B "C2'" 1 
ATOM   367 O "O2'" . A   B 1 6  ? 0.503   1.110   -10.407 1.00 41.43 ? 18  A   B "O2'" 1 
ATOM   368 C "C1'" . A   B 1 6  ? -0.563  1.546   -8.284  1.00 43.32 ? 18  A   B "C1'" 1 
ATOM   369 N N9    . A   B 1 6  ? -0.649  1.187   -6.863  1.00 40.74 ? 18  A   B N9    1 
ATOM   370 C C8    . A   B 1 6  ? -1.656  0.547   -6.184  1.00 40.06 ? 18  A   B C8    1 
ATOM   371 N N7    . A   B 1 6  ? -1.420  0.404   -4.907  1.00 41.37 ? 18  A   B N7    1 
ATOM   372 C C5    . A   B 1 6  ? -0.167  0.978   -4.753  1.00 42.82 ? 18  A   B C5    1 
ATOM   373 C C6    . A   B 1 6  ? 0.667   1.124   -3.632  1.00 40.35 ? 18  A   B C6    1 
ATOM   374 N N6    . A   B 1 6  ? 0.269   0.723   -2.426  1.00 46.40 ? 18  A   B N6    1 
ATOM   375 N N1    . A   B 1 6  ? 1.854   1.750   -3.788  1.00 43.09 ? 18  A   B N1    1 
ATOM   376 C C2    . A   B 1 6  ? 2.198   2.163   -5.023  1.00 42.37 ? 18  A   B C2    1 
ATOM   377 N N3    . A   B 1 6  ? 1.497   2.062   -6.171  1.00 41.76 ? 18  A   B N3    1 
ATOM   378 C C4    . A   B 1 6  ? 0.324   1.450   -5.946  1.00 40.62 ? 18  A   B C4    1 
ATOM   379 P P     . U   B 1 7  ? -0.870  -2.886  -10.324 1.00 45.64 ? 19  U   B P     1 
ATOM   380 O OP1   . U   B 1 7  ? -1.113  -3.419  -11.677 1.00 45.49 ? 19  U   B OP1   1 
ATOM   381 O OP2   . U   B 1 7  ? -1.580  -3.536  -9.197  1.00 40.75 ? 19  U   B OP2   1 
ATOM   382 O "O5'" . U   B 1 7  ? 0.678   -3.040  -10.024 1.00 40.65 ? 19  U   B "O5'" 1 
ATOM   383 C "C5'" . U   B 1 7  ? 1.536   -2.629  -11.007 1.00 37.75 ? 19  U   B "C5'" 1 
ATOM   384 C "C4'" . U   B 1 7  ? 2.853   -2.484  -10.316 1.00 37.34 ? 19  U   B "C4'" 1 
ATOM   385 O "O4'" . U   B 1 7  ? 2.669   -1.532  -9.244  1.00 35.98 ? 19  U   B "O4'" 1 
ATOM   386 C "C3'" . U   B 1 7  ? 3.325   -3.705  -9.564  1.00 35.33 ? 19  U   B "C3'" 1 
ATOM   387 O "O3'" . U   B 1 7  ? 3.790   -4.728  -10.443 1.00 33.56 ? 19  U   B "O3'" 1 
ATOM   388 C "C2'" . U   B 1 7  ? 4.429   -3.008  -8.812  1.00 30.97 ? 19  U   B "C2'" 1 
ATOM   389 O "O2'" . U   B 1 7  ? 5.497   -2.742  -9.693  1.00 33.77 ? 19  U   B "O2'" 1 
ATOM   390 C "C1'" . U   B 1 7  ? 3.698   -1.749  -8.327  1.00 34.97 ? 19  U   B "C1'" 1 
ATOM   391 N N1    . U   B 1 7  ? 3.124   -1.828  -6.971  1.00 34.98 ? 19  U   B N1    1 
ATOM   392 C C2    . U   B 1 7  ? 3.998   -1.491  -5.973  1.00 35.35 ? 19  U   B C2    1 
ATOM   393 O O2    . U   B 1 7  ? 5.178   -1.288  -6.204  1.00 36.07 ? 19  U   B O2    1 
ATOM   394 N N3    . U   B 1 7  ? 3.455   -1.502  -4.715  1.00 37.45 ? 19  U   B N3    1 
ATOM   395 C C4    . U   B 1 7  ? 2.144   -1.739  -4.345  1.00 33.62 ? 19  U   B C4    1 
ATOM   396 O O4    . U   B 1 7  ? 1.880   -1.723  -3.142  1.00 36.48 ? 19  U   B O4    1 
ATOM   397 C C5    . U   B 1 7  ? 1.262   -2.070  -5.446  1.00 35.42 ? 19  U   B C5    1 
ATOM   398 C C6    . U   B 1 7  ? 1.770   -2.041  -6.697  1.00 34.64 ? 19  U   B C6    1 
ATOM   399 P P     . U   B 1 8  ? 3.929   -6.234  -9.930  1.00 35.20 ? 20  U   B P     1 
ATOM   400 O OP1   . U   B 1 8  ? 4.338   -7.018  -11.118 1.00 37.25 ? 20  U   B OP1   1 
ATOM   401 O OP2   . U   B 1 8  ? 2.765   -6.595  -9.124  1.00 35.93 ? 20  U   B OP2   1 
ATOM   402 O "O5'" . U   B 1 8  ? 5.160   -6.201  -8.921  1.00 31.71 ? 20  U   B "O5'" 1 
ATOM   403 C "C5'" . U   B 1 8  ? 6.530   -6.163  -9.414  1.00 30.86 ? 20  U   B "C5'" 1 
ATOM   404 C "C4'" . U   B 1 8  ? 7.438   -5.997  -8.221  1.00 33.69 ? 20  U   B "C4'" 1 
ATOM   405 O "O4'" . U   B 1 8  ? 7.060   -4.807  -7.462  1.00 32.31 ? 20  U   B "O4'" 1 
ATOM   406 C "C3'" . U   B 1 8  ? 7.276   -7.100  -7.204  1.00 30.45 ? 20  U   B "C3'" 1 
ATOM   407 O "O3'" . U   B 1 8  ? 7.898   -8.297  -7.621  1.00 32.95 ? 20  U   B "O3'" 1 
ATOM   408 C "C2'" . U   B 1 8  ? 7.943   -6.450  -6.019  1.00 28.61 ? 20  U   B "C2'" 1 
ATOM   409 O "O2'" . U   B 1 8  ? 9.341   -6.354  -6.168  1.00 30.78 ? 20  U   B "O2'" 1 
ATOM   410 C "C1'" . U   B 1 8  ? 7.300   -5.075  -6.089  1.00 31.94 ? 20  U   B "C1'" 1 
ATOM   411 N N1    . U   B 1 8  ? 6.058   -4.952  -5.290  1.00 31.99 ? 20  U   B N1    1 
ATOM   412 C C2    . U   B 1 8  ? 6.186   -4.622  -3.965  1.00 32.93 ? 20  U   B C2    1 
ATOM   413 O O2    . U   B 1 8  ? 7.275   -4.496  -3.437  1.00 31.42 ? 20  U   B O2    1 
ATOM   414 N N3    . U   B 1 8  ? 4.997   -4.496  -3.279  1.00 30.01 ? 20  U   B N3    1 
ATOM   415 C C4    . U   B 1 8  ? 3.719   -4.714  -3.735  1.00 33.22 ? 20  U   B C4    1 
ATOM   416 O O4    . U   B 1 8  ? 2.771   -4.553  -2.971  1.00 34.30 ? 20  U   B O4    1 
ATOM   417 C C5    . U   B 1 8  ? 3.657   -5.066  -5.138  1.00 31.54 ? 20  U   B C5    1 
ATOM   418 C C6    . U   B 1 8  ? 4.798   -5.140  -5.843  1.00 30.89 ? 20  U   B C6    1 
ATOM   419 P P     . A   B 1 9  ? 7.259   -9.703  -7.167  1.00 32.65 ? 21  A   B P     1 
ATOM   420 O OP1   . A   B 1 9  ? 8.034   -10.747 -7.903  1.00 32.45 ? 21  A   B OP1   1 
ATOM   421 O OP2   . A   B 1 9  ? 5.757   -9.709  -7.188  1.00 31.16 ? 21  A   B OP2   1 
ATOM   422 O "O5'" . A   B 1 9  ? 7.575   -9.831  -5.621  1.00 31.47 ? 21  A   B "O5'" 1 
ATOM   423 C "C5'" . A   B 1 9  ? 8.937   -9.913  -5.244  1.00 31.42 ? 21  A   B "C5'" 1 
ATOM   424 C "C4'" . A   B 1 9  ? 9.077   -9.688  -3.759  1.00 32.40 ? 21  A   B "C4'" 1 
ATOM   425 O "O4'" . A   B 1 9  ? 8.586   -8.360  -3.449  1.00 29.41 ? 21  A   B "O4'" 1 
ATOM   426 C "C3'" . A   B 1 9  ? 8.250   -10.595 -2.862  1.00 31.15 ? 21  A   B "C3'" 1 
ATOM   427 O "O3'" . A   B 1 9  ? 8.799   -11.893 -2.743  1.00 28.97 ? 21  A   B "O3'" 1 
ATOM   428 C "C2'" . A   B 1 9  ? 8.324   -9.792  -1.579  1.00 31.23 ? 21  A   B "C2'" 1 
ATOM   429 O "O2'" . A   B 1 9  ? 9.547   -9.944  -0.872  1.00 29.99 ? 21  A   B "O2'" 1 
ATOM   430 C "C1'" . A   B 1 9  ? 8.079   -8.377  -2.110  1.00 31.25 ? 21  A   B "C1'" 1 
ATOM   431 N N9    . A   B 1 9  ? 6.654   -8.013  -2.084  1.00 29.58 ? 21  A   B N9    1 
ATOM   432 C C8    . A   B 1 9  ? 5.778   -7.992  -3.143  1.00 30.07 ? 21  A   B C8    1 
ATOM   433 N N7    . A   B 1 9  ? 4.539   -7.682  -2.815  1.00 31.40 ? 21  A   B N7    1 
ATOM   434 C C5    . A   B 1 9  ? 4.627   -7.457  -1.463  1.00 29.54 ? 21  A   B C5    1 
ATOM   435 C C6    . A   B 1 9  ? 3.640   -7.073  -0.549  1.00 30.03 ? 21  A   B C6    1 
ATOM   436 N N6    . A   B 1 9  ? 2.384   -6.887  -0.937  1.00 31.76 ? 21  A   B N6    1 
ATOM   437 N N1    . A   B 1 9  ? 3.996   -6.963  0.742   1.00 28.70 ? 21  A   B N1    1 
ATOM   438 C C2    . A   B 1 9  ? 5.277   -7.151  1.081   1.00 30.62 ? 21  A   B C2    1 
ATOM   439 N N3    . A   B 1 9  ? 6.299   -7.523  0.297   1.00 30.87 ? 21  A   B N3    1 
ATOM   440 C C4    . A   B 1 9  ? 5.911   -7.635  -0.986  1.00 27.88 ? 21  A   B C4    1 
ATOM   441 P P     . G   B 1 10 ? 8.008   -13.208 -2.340  1.00 33.15 ? 22  G   B P     1 
ATOM   442 O OP1   . G   B 1 10 ? 8.889   -14.377 -2.614  1.00 33.29 ? 22  G   B OP1   1 
ATOM   443 O OP2   . G   B 1 10 ? 6.674   -13.212 -2.978  1.00 34.17 ? 22  G   B OP2   1 
ATOM   444 O "O5'" . G   B 1 10 ? 7.819   -13.146 -0.757  1.00 31.17 ? 22  G   B "O5'" 1 
ATOM   445 C "C5'" . G   B 1 10 ? 8.909   -13.129 0.104   1.00 31.71 ? 22  G   B "C5'" 1 
ATOM   446 C "C4'" . G   B 1 10 ? 8.498   -13.016 1.556   1.00 30.41 ? 22  G   B "C4'" 1 
ATOM   447 O "O4'" . G   B 1 10 ? 8.039   -11.656 1.737   1.00 32.82 ? 22  G   B "O4'" 1 
ATOM   448 C "C3'" . G   B 1 10 ? 7.343   -13.866 2.070   1.00 32.69 ? 22  G   B "C3'" 1 
ATOM   449 O "O3'" . G   B 1 10 ? 7.714   -15.186 2.404   1.00 34.31 ? 22  G   B "O3'" 1 
ATOM   450 C "C2'" . G   B 1 10 ? 6.916   -13.071 3.281   1.00 31.74 ? 22  G   B "C2'" 1 
ATOM   451 O "O2'" . G   B 1 10 ? 7.796   -13.216 4.376   1.00 36.20 ? 22  G   B "O2'" 1 
ATOM   452 C "C1'" . G   B 1 10 ? 6.984   -11.669 2.694   1.00 29.91 ? 22  G   B "C1'" 1 
ATOM   453 N N9    . G   B 1 10 ? 5.768   -11.195 2.018   1.00 29.77 ? 22  G   B N9    1 
ATOM   454 C C8    . G   B 1 10 ? 5.469   -11.205 0.686   1.00 29.57 ? 22  G   B C8    1 
ATOM   455 N N7    . G   B 1 10 ? 4.306   -10.702 0.385   1.00 30.79 ? 22  G   B N7    1 
ATOM   456 C C5    . G   B 1 10 ? 3.757   -10.357 1.610   1.00 29.32 ? 22  G   B C5    1 
ATOM   457 C C6    . G   B 1 10 ? 2.530   -9.701  1.880   1.00 30.86 ? 22  G   B C6    1 
ATOM   458 O O6    . G   B 1 10 ? 1.638   -9.377  1.061   1.00 27.82 ? 22  G   B O6    1 
ATOM   459 N N1    . G   B 1 10 ? 2.388   -9.473  3.255   1.00 27.95 ? 22  G   B N1    1 
ATOM   460 C C2    . G   B 1 10 ? 3.328   -9.832  4.206   1.00 29.99 ? 22  G   B C2    1 
ATOM   461 N N2    . G   B 1 10 ? 3.032   -9.568  5.477   1.00 28.92 ? 22  G   B N2    1 
ATOM   462 N N3    . G   B 1 10 ? 4.516   -10.389 3.943   1.00 30.64 ? 22  G   B N3    1 
ATOM   463 C C4    . G   B 1 10 ? 4.656   -10.616 2.621   1.00 31.43 ? 22  G   B C4    1 
ATOM   464 P P     . C   B 1 11 ? 6.693   -16.379 2.156   1.00 35.18 ? 23  C   B P     1 
ATOM   465 O OP1   . C   B 1 11 ? 7.417   -17.644 2.403   1.00 33.55 ? 23  C   B OP1   1 
ATOM   466 O OP2   . C   B 1 11 ? 5.929   -16.224 0.901   1.00 33.32 ? 23  C   B OP2   1 
ATOM   467 O "O5'" . C   B 1 11 ? 5.587   -16.093 3.270   1.00 33.27 ? 23  C   B "O5'" 1 
ATOM   468 C "C5'" . C   B 1 11 ? 5.773   -16.485 4.590   1.00 33.68 ? 23  C   B "C5'" 1 
ATOM   469 C "C4'" . C   B 1 11 ? 4.687   -15.873 5.453   1.00 35.01 ? 23  C   B "C4'" 1 
ATOM   470 O "O4'" . C   B 1 11 ? 4.601   -14.434 5.273   1.00 33.22 ? 23  C   B "O4'" 1 
ATOM   471 C "C3'" . C   B 1 11 ? 3.279   -16.356 5.151   1.00 34.71 ? 23  C   B "C3'" 1 
ATOM   472 O "O3'" . C   B 1 11 ? 3.062   -17.646 5.655   1.00 34.58 ? 23  C   B "O3'" 1 
ATOM   473 C "C2'" . C   B 1 11 ? 2.490   -15.293 5.894   1.00 33.01 ? 23  C   B "C2'" 1 
ATOM   474 O "O2'" . C   B 1 11 ? 2.541   -15.446 7.295   1.00 35.19 ? 23  C   B "O2'" 1 
ATOM   475 C "C1'" . C   B 1 11 ? 3.250   -14.058 5.443   1.00 31.87 ? 23  C   B "C1'" 1 
ATOM   476 N N1    . C   B 1 11 ? 2.685   -13.596 4.169   1.00 32.11 ? 23  C   B N1    1 
ATOM   477 C C2    . C   B 1 11 ? 1.514   -12.844 4.207   1.00 33.65 ? 23  C   B C2    1 
ATOM   478 O O2    . C   B 1 11 ? 1.028   -12.572 5.299   1.00 30.30 ? 23  C   B O2    1 
ATOM   479 N N3    . C   B 1 11 ? 0.930   -12.488 3.045   1.00 32.67 ? 23  C   B N3    1 
ATOM   480 C C4    . C   B 1 11 ? 1.489   -12.835 1.890   1.00 32.71 ? 23  C   B C4    1 
ATOM   481 N N4    . C   B 1 11 ? 0.871   -12.445 0.798   1.00 30.56 ? 23  C   B N4    1 
ATOM   482 C C5    . C   B 1 11 ? 2.683   -13.614 1.819   1.00 31.53 ? 23  C   B C5    1 
ATOM   483 C C6    . C   B 1 11 ? 3.220   -13.976 2.974   1.00 33.78 ? 23  C   B C6    1 
ATOM   484 P P     . G   B 1 12 ? 2.118   -18.680 4.897   1.00 37.18 ? 24  G   B P     1 
ATOM   485 O OP1   . G   B 1 12 ? 2.299   -20.043 5.484   1.00 39.61 ? 24  G   B OP1   1 
ATOM   486 O OP2   . G   B 1 12 ? 2.309   -18.487 3.438   1.00 40.72 ? 24  G   B OP2   1 
ATOM   487 O "O5'" . G   B 1 12 ? 0.661   -18.141 5.276   1.00 36.33 ? 24  G   B "O5'" 1 
ATOM   488 C "C5'" . G   B 1 12 ? 0.292   -17.914 6.635   1.00 34.93 ? 24  G   B "C5'" 1 
ATOM   489 C "C4'" . G   B 1 12 ? -1.036  -17.185 6.754   1.00 33.50 ? 24  G   B "C4'" 1 
ATOM   490 O "O4'" . G   B 1 12 ? -0.886  -15.810 6.291   1.00 32.08 ? 24  G   B "O4'" 1 
ATOM   491 C "C3'" . G   B 1 12 ? -2.189  -17.771 5.955   1.00 36.15 ? 24  G   B "C3'" 1 
ATOM   492 O "O3'" . G   B 1 12 ? -2.777  -18.931 6.621   1.00 32.86 ? 24  G   B "O3'" 1 
ATOM   493 C "C2'" . G   B 1 12 ? -3.077  -16.533 5.840   1.00 32.48 ? 24  G   B "C2'" 1 
ATOM   494 O "O2'" . G   B 1 12 ? -3.746  -16.197 7.045   1.00 37.15 ? 24  G   B "O2'" 1 
ATOM   495 C "C1'" . G   B 1 12 ? -2.033  -15.447 5.541   1.00 28.39 ? 24  G   B "C1'" 1 
ATOM   496 N N9    . G   B 1 12 ? -1.742  -15.238 4.121   1.00 28.54 ? 24  G   B N9    1 
ATOM   497 C C8    . G   B 1 12 ? -0.650  -15.627 3.366   1.00 30.37 ? 24  G   B C8    1 
ATOM   498 N N7    . G   B 1 12 ? -0.731  -15.290 2.095   1.00 25.04 ? 24  G   B N7    1 
ATOM   499 C C5    . G   B 1 12 ? -1.966  -14.649 2.024   1.00 25.52 ? 24  G   B C5    1 
ATOM   500 C C6    . G   B 1 12 ? -2.602  -14.013 0.937   1.00 26.15 ? 24  G   B C6    1 
ATOM   501 O O6    . G   B 1 12 ? -2.228  -13.923 -0.236  1.00 27.54 ? 24  G   B O6    1 
ATOM   502 N N1    . G   B 1 12 ? -3.826  -13.462 1.307   1.00 29.44 ? 24  G   B N1    1 
ATOM   503 C C2    . G   B 1 12 ? -4.398  -13.512 2.559   1.00 27.66 ? 24  G   B C2    1 
ATOM   504 N N2    . G   B 1 12 ? -5.614  -12.922 2.685   1.00 29.07 ? 24  G   B N2    1 
ATOM   505 N N3    . G   B 1 12 ? -3.792  -14.056 3.602   1.00 29.41 ? 24  G   B N3    1 
ATOM   506 C C4    . G   B 1 12 ? -2.595  -14.607 3.254   1.00 27.16 ? 24  G   B C4    1 
HETATM 507 O O     . HOH C 2 .  ? -1.762  16.477  0.300   1.00 36.21 ? 101 HOH A O     1 
HETATM 508 O O     . HOH C 2 .  ? 3.813   9.428   -9.085  1.00 38.34 ? 104 HOH A O     1 
HETATM 509 O O     . HOH C 2 .  ? -0.309  13.327  -10.595 1.00 39.42 ? 105 HOH A O     1 
HETATM 510 O O     . HOH C 2 .  ? 3.570   0.837   5.047   1.00 43.36 ? 110 HOH A O     1 
HETATM 511 O O     . HOH C 2 .  ? 1.338   3.925   4.770   1.00 37.80 ? 113 HOH A O     1 
HETATM 512 O O     . HOH C 2 .  ? 3.162   3.418   6.130   1.00 38.93 ? 114 HOH A O     1 
HETATM 513 O O     . HOH C 2 .  ? -2.834  -11.087 -4.944  1.00 50.16 ? 117 HOH A O     1 
HETATM 514 O O     . HOH C 2 .  ? -4.626  -5.325  2.226   1.00 34.16 ? 120 HOH A O     1 
HETATM 515 O O     . HOH C 2 .  ? 5.414   15.743  -7.900  1.00 63.15 ? 129 HOH A O     1 
HETATM 516 O O     . HOH C 2 .  ? 1.722   12.116  -2.341  1.00 38.59 ? 130 HOH A O     1 
HETATM 517 O O     . HOH C 2 .  ? 10.110  0.092   -3.040  1.00 40.68 ? 135 HOH A O     1 
HETATM 518 O O     . HOH C 2 .  ? -8.838  10.307  -2.895  1.00 53.73 ? 136 HOH A O     1 
HETATM 519 O O     . HOH C 2 .  ? -8.211  -5.601  9.355   1.00 39.92 ? 140 HOH A O     1 
HETATM 520 O O     . HOH C 2 .  ? -2.407  -11.929 8.507   1.00 38.71 ? 141 HOH A O     1 
HETATM 521 O O     . HOH C 2 .  ? 1.768   9.012   -9.969  1.00 40.23 ? 145 HOH A O     1 
HETATM 522 O O     . HOH C 2 .  ? 7.277   13.496  -11.214 1.00 50.73 ? 146 HOH A O     1 
HETATM 523 O O     . HOH C 2 .  ? -0.515  -11.674 -3.891  1.00 66.76 ? 150 HOH A O     1 
HETATM 524 O O     . HOH C 2 .  ? -1.267  -9.423  -1.139  1.00 46.60 ? 151 HOH A O     1 
HETATM 525 O O     . HOH C 2 .  ? -3.614  -9.197  -6.254  1.00 60.72 ? 152 HOH A O     1 
HETATM 526 O O     . HOH C 2 .  ? 7.364   12.502  -2.223  1.00 50.15 ? 153 HOH A O     1 
HETATM 527 O O     . HOH C 2 .  ? 3.067   9.876   -1.228  1.00 59.53 ? 155 HOH A O     1 
HETATM 528 O O     . HOH C 2 .  ? 7.255   16.031  -14.963 1.00 49.48 ? 157 HOH A O     1 
HETATM 529 O O     . HOH C 2 .  ? -0.484  -0.098  9.846   1.00 50.99 ? 158 HOH A O     1 
HETATM 530 O O     . HOH C 2 .  ? 1.609   6.632   -8.354  1.00 61.10 ? 165 HOH A O     1 
HETATM 531 O O     . HOH C 2 .  ? -0.156  8.754   -11.443 1.00 47.19 ? 166 HOH A O     1 
HETATM 532 O O     . HOH C 2 .  ? 2.054   16.792  -9.022  1.00 46.18 ? 168 HOH A O     1 
HETATM 533 O O     . HOH C 2 .  ? -6.399  -0.984  7.135   1.00 45.85 ? 171 HOH A O     1 
HETATM 534 O O     . HOH C 2 .  ? -12.004 -7.973  0.562   1.00 37.63 ? 172 HOH A O     1 
HETATM 535 O O     . HOH C 2 .  ? -3.158  17.369  -1.720  1.00 47.51 ? 179 HOH A O     1 
HETATM 536 O O     . HOH C 2 .  ? -4.577  -7.325  -0.693  1.00 47.87 ? 180 HOH A O     1 
HETATM 537 O O     . HOH C 2 .  ? 0.727   14.753  1.408   1.00 48.33 ? 182 HOH A O     1 
HETATM 538 O O     . HOH C 2 .  ? 4.802   14.003  -11.535 1.00 62.50 ? 184 HOH A O     1 
HETATM 539 O O     . HOH C 2 .  ? 0.158   12.358  -13.750 1.00 42.87 ? 185 HOH A O     1 
HETATM 540 O O     . HOH D 2 .  ? 0.309   7.698   4.737   1.00 39.31 ? 102 HOH B O     1 
HETATM 541 O O     . HOH D 2 .  ? 0.167   9.105   2.496   1.00 53.71 ? 103 HOH B O     1 
HETATM 542 O O     . HOH D 2 .  ? -3.980  6.038   12.898  1.00 44.68 ? 107 HOH B O     1 
HETATM 543 O O     . HOH D 2 .  ? -5.910  4.946   11.536  1.00 40.87 ? 108 HOH B O     1 
HETATM 544 O O     . HOH D 2 .  ? -2.316  5.055   5.579   1.00 38.23 ? 109 HOH B O     1 
HETATM 545 O O     . HOH D 2 .  ? -1.904  1.842   3.454   1.00 47.38 ? 111 HOH B O     1 
HETATM 546 O O     . HOH D 2 .  ? -0.887  0.925   6.017   1.00 39.59 ? 112 HOH B O     1 
HETATM 547 O O     . HOH D 2 .  ? -3.423  -0.710  1.869   1.00 60.89 ? 115 HOH B O     1 
HETATM 548 O O     . HOH D 2 .  ? 4.813   -14.399 -1.020  1.00 34.99 ? 116 HOH B O     1 
HETATM 549 O O     . HOH D 2 .  ? 0.872   -10.609 -7.192  1.00 43.21 ? 118 HOH B O     1 
HETATM 550 O O     . HOH D 2 .  ? -5.742  -20.384 8.339   1.00 57.69 ? 119 HOH B O     1 
HETATM 551 O O     . HOH D 2 .  ? -5.240  -3.560  -2.316  1.00 23.29 ? 121 HOH B O     1 
HETATM 552 O O     . HOH D 2 .  ? -9.170  -1.036  -1.974  0.50 34.49 ? 122 HOH B O     1 
HETATM 553 O O     . HOH D 2 .  ? -0.222  -2.918  -1.300  1.00 44.73 ? 123 HOH B O     1 
HETATM 554 O O     . HOH D 2 .  ? -2.019  5.007   -9.313  1.00 47.42 ? 124 HOH B O     1 
HETATM 555 O O     . HOH D 2 .  ? -3.332  2.505   8.444   1.00 50.23 ? 125 HOH B O     1 
HETATM 556 O O     . HOH D 2 .  ? -6.966  -2.047  -6.766  1.00 35.78 ? 126 HOH B O     1 
HETATM 557 O O     . HOH D 2 .  ? 3.609   11.473  2.733   1.00 41.69 ? 127 HOH B O     1 
HETATM 558 O O     . HOH D 2 .  ? 3.532   -22.591 2.365   1.00 45.23 ? 133 HOH B O     1 
HETATM 559 O O     . HOH D 2 .  ? 6.934   -20.547 -0.426  1.00 42.74 ? 134 HOH B O     1 
HETATM 560 O O     . HOH D 2 .  ? -3.840  0.192   -0.986  1.00 43.96 ? 137 HOH B O     1 
HETATM 561 O O     . HOH D 2 .  ? -5.995  0.285   1.843   1.00 48.26 ? 138 HOH B O     1 
HETATM 562 O O     . HOH D 2 .  ? -3.105  -2.938  -1.998  1.00 49.73 ? 139 HOH B O     1 
HETATM 563 O O     . HOH D 2 .  ? 10.192  -4.710  -3.167  1.00 39.34 ? 142 HOH B O     1 
HETATM 564 O O     . HOH D 2 .  ? 2.918   -19.242 -1.303  1.00 58.15 ? 144 HOH B O     1 
HETATM 565 O O     . HOH D 2 .  ? 8.000   0.608   -5.898  1.00 45.11 ? 147 HOH B O     1 
HETATM 566 O O     . HOH D 2 .  ? 3.409   -8.854  -6.822  1.00 54.31 ? 148 HOH B O     1 
HETATM 567 O O     . HOH D 2 .  ? 0.816   -16.361 0.153   1.00 39.85 ? 149 HOH B O     1 
HETATM 568 O O     . HOH D 2 .  ? 5.530   -13.263 -5.397  1.00 53.09 ? 154 HOH B O     1 
HETATM 569 O O     . HOH D 2 .  ? -10.024 -2.539  -2.359  0.50 44.32 ? 156 HOH B O     1 
HETATM 570 O O     . HOH D 2 .  ? -8.167  -1.576  10.176  1.00 43.37 ? 159 HOH B O     1 
HETATM 571 O O     . HOH D 2 .  ? -9.134  4.026   9.028   1.00 43.48 ? 160 HOH B O     1 
HETATM 572 O O     . HOH D 2 .  ? -4.899  2.904   10.851  1.00 48.38 ? 161 HOH B O     1 
HETATM 573 O O     . HOH D 2 .  ? -11.576 7.598   -5.046  1.00 57.32 ? 162 HOH B O     1 
HETATM 574 O O     . HOH D 2 .  ? -10.894 4.675   -5.051  1.00 48.46 ? 163 HOH B O     1 
HETATM 575 O O     . HOH D 2 .  ? -2.901  -18.882 9.689   1.00 49.59 ? 164 HOH B O     1 
HETATM 576 O O     . HOH D 2 .  ? 10.613  -7.786  -8.678  1.00 38.21 ? 167 HOH B O     1 
HETATM 577 O O     . HOH D 2 .  ? -8.332  0.172   7.177   1.00 25.54 ? 169 HOH B O     1 
HETATM 578 O O     . HOH D 2 .  ? -2.292  -14.647 8.663   1.00 48.39 ? 173 HOH B O     1 
HETATM 579 O O     . HOH D 2 .  ? -7.600  -19.157 6.497   1.00 51.75 ? 174 HOH B O     1 
HETATM 580 O O     . HOH D 2 .  ? -12.850 -1.260  -5.917  1.00 44.61 ? 175 HOH B O     1 
HETATM 581 O O     . HOH D 2 .  ? 3.502   -16.981 1.291   1.00 50.83 ? 176 HOH B O     1 
HETATM 582 O O     . HOH D 2 .  ? 1.629   -12.875 -1.924  1.00 47.10 ? 177 HOH B O     1 
HETATM 583 O O     . HOH D 2 .  ? 1.996   -8.464  -3.874  1.00 36.84 ? 178 HOH B O     1 
HETATM 584 O O     . HOH D 2 .  ? 1.678   -11.020 -4.957  1.00 56.49 ? 181 HOH B O     1 
HETATM 585 O O     . HOH D 2 .  ? 6.487   10.764  3.917   1.00 55.34 ? 183 HOH B O     1 
HETATM 586 O O     . HOH D 2 .  ? -5.948  -3.971  -9.726  1.00 56.44 ? 186 HOH B O     1 
HETATM 587 O O     . HOH D 2 .  ? 7.112   -17.954 -1.154  1.00 62.33 ? 188 HOH B O     1 
HETATM 588 O O     . HOH D 2 .  ? 6.504   -20.565 5.004   1.00 49.76 ? 189 HOH B O     1 
HETATM 589 O O     . HOH D 2 .  ? 3.460   -22.100 4.589   1.00 47.10 ? 190 HOH B O     1 
HETATM 590 O O     . HOH D 2 .  ? 3.846   -11.178 7.695   1.00 35.75 ? 191 HOH B O     1 
# 
loop_
_atom_site_anisotrop.id 
_atom_site_anisotrop.type_symbol 
_atom_site_anisotrop.pdbx_label_atom_id 
_atom_site_anisotrop.pdbx_label_alt_id 
_atom_site_anisotrop.pdbx_label_comp_id 
_atom_site_anisotrop.pdbx_label_asym_id 
_atom_site_anisotrop.pdbx_label_seq_id 
_atom_site_anisotrop.pdbx_PDB_ins_code 
_atom_site_anisotrop.U[1][1] 
_atom_site_anisotrop.U[2][2] 
_atom_site_anisotrop.U[3][3] 
_atom_site_anisotrop.U[1][2] 
_atom_site_anisotrop.U[1][3] 
_atom_site_anisotrop.U[2][3] 
_atom_site_anisotrop.pdbx_auth_seq_id 
_atom_site_anisotrop.pdbx_auth_comp_id 
_atom_site_anisotrop.pdbx_auth_asym_id 
_atom_site_anisotrop.pdbx_auth_atom_id 
1   O "O5'" . C   A 1  ? 0.5620 0.4259 0.5591 0.0214  0.0412  0.0352  1   C   A "O5'" 
2   C "C5'" . C   A 1  ? 0.4825 0.4416 0.4859 0.0101  0.0184  0.0331  1   C   A "C5'" 
3   C "C4'" . C   A 1  ? 0.4703 0.4304 0.4428 0.0130  0.0188  0.0117  1   C   A "C4'" 
4   O "O4'" . C   A 1  ? 0.4323 0.3868 0.4430 0.0125  0.0079  0.0128  1   C   A "O4'" 
5   C "C3'" . C   A 1  ? 0.4137 0.4357 0.4629 0.0064  0.0030  0.0301  1   C   A "C3'" 
6   O "O3'" . C   A 1  ? 0.3963 0.4514 0.4127 0.0017  0.0177  0.0210  1   C   A "O3'" 
7   C "C2'" . C   A 1  ? 0.3883 0.4417 0.4500 -0.0033 0.0220  0.0200  1   C   A "C2'" 
8   O "O2'" . C   A 1  ? 0.3575 0.4311 0.4724 0.0256  0.0320  0.0205  1   C   A "O2'" 
9   C "C1'" . C   A 1  ? 0.3909 0.4199 0.4569 0.0085  -0.0003 0.0059  1   C   A "C1'" 
10  N N1    . C   A 1  ? 0.3586 0.4609 0.4393 0.0026  0.0010  0.0039  1   C   A N1    
11  C C2    . C   A 1  ? 0.3919 0.3700 0.4659 -0.0043 0.0083  0.0145  1   C   A C2    
12  O O2    . C   A 1  ? 0.4287 0.3815 0.5106 -0.0137 0.0083  -0.0118 1   C   A O2    
13  N N3    . C   A 1  ? 0.3632 0.3603 0.4395 0.0061  -0.0008 -0.0011 1   C   A N3    
14  C C4    . C   A 1  ? 0.3461 0.3941 0.4265 0.0116  0.0027  0.0137  1   C   A C4    
15  N N4    . C   A 1  ? 0.3644 0.3925 0.4806 0.0237  -0.0142 0.0106  1   C   A N4    
16  C C5    . C   A 1  ? 0.3838 0.4094 0.4644 0.0031  0.0223  0.0046  1   C   A C5    
17  C C6    . C   A 1  ? 0.4205 0.4154 0.4661 0.0047  -0.0183 0.0515  1   C   A C6    
18  P P     . G   A 2  ? 0.3842 0.3985 0.4572 0.0176  0.0127  -0.0555 2   G   A P     
19  O OP1   . G   A 2  ? 0.3825 0.4227 0.5000 -0.0284 0.0594  0.0205  2   G   A OP1   
20  O OP2   . G   A 2  ? 0.4843 0.4275 0.5184 -0.0787 0.0195  -0.0181 2   G   A OP2   
21  O "O5'" . G   A 2  ? 0.3694 0.3798 0.4772 -0.0244 0.0003  -0.0087 2   G   A "O5'" 
22  C "C5'" . G   A 2  ? 0.3795 0.3988 0.4020 0.0047  0.0052  -0.0110 2   G   A "C5'" 
23  C "C4'" . G   A 2  ? 0.2846 0.3682 0.3817 -0.0136 0.0296  -0.0002 2   G   A "C4'" 
24  O "O4'" . G   A 2  ? 0.3291 0.4473 0.4117 -0.0494 -0.0045 -0.0119 2   G   A "O4'" 
25  C "C3'" . G   A 2  ? 0.4013 0.4158 0.4091 -0.0036 -0.0146 -0.0310 2   G   A "C3'" 
26  O "O3'" . G   A 2  ? 0.3514 0.3967 0.4440 0.0165  0.0140  -0.0744 2   G   A "O3'" 
27  C "C2'" . G   A 2  ? 0.3552 0.4066 0.4231 -0.0136 -0.0049 -0.0170 2   G   A "C2'" 
28  O "O2'" . G   A 2  ? 0.3495 0.4026 0.4823 -0.0200 -0.0013 -0.0572 2   G   A "O2'" 
29  C "C1'" . G   A 2  ? 0.3302 0.3942 0.4201 -0.0065 0.0234  -0.0188 2   G   A "C1'" 
30  N N9    . G   A 2  ? 0.3648 0.3804 0.4281 -0.0264 0.0262  -0.0270 2   G   A N9    
31  C C8    . G   A 2  ? 0.3547 0.3857 0.4262 0.0186  0.0097  -0.0150 2   G   A C8    
32  N N7    . G   A 2  ? 0.3614 0.3658 0.3987 -0.0228 0.0139  -0.0085 2   G   A N7    
33  C C5    . G   A 2  ? 0.3294 0.3997 0.4260 -0.0055 0.0019  -0.0530 2   G   A C5    
34  C C6    . G   A 2  ? 0.2831 0.3537 0.4090 -0.0275 0.0100  -0.0203 2   G   A C6    
35  O O6    . G   A 2  ? 0.2972 0.3287 0.4531 -0.0370 0.0508  -0.0289 2   G   A O6    
36  N N1    . G   A 2  ? 0.3141 0.3526 0.4324 0.0047  -0.0014 -0.0226 2   G   A N1    
37  C C2    . G   A 2  ? 0.3179 0.3685 0.3983 0.0239  0.0255  0.0112  2   G   A C2    
38  N N2    . G   A 2  ? 0.3733 0.3605 0.4349 0.0012  0.0071  -0.0256 2   G   A N2    
39  N N3    . G   A 2  ? 0.2887 0.3848 0.4559 0.0096  0.0207  -0.0133 2   G   A N3    
40  C C4    . G   A 2  ? 0.2605 0.3813 0.3631 -0.0340 0.0047  -0.0139 2   G   A C4    
41  P P     . C   A 3  ? 0.4450 0.4024 0.4852 -0.0282 0.0045  -0.0617 3   C   A P     
42  O OP1   . C   A 3  ? 0.3870 0.4032 0.4858 0.0043  0.0430  -0.0680 3   C   A OP1   
43  O OP2   . C   A 3  ? 0.4240 0.3880 0.5006 -0.0167 -0.0258 -0.0372 3   C   A OP2   
44  O "O5'" . C   A 3  ? 0.3678 0.4710 0.4671 -0.0103 0.0325  -0.0055 3   C   A "O5'" 
45  C "C5'" . C   A 3  ? 0.4126 0.4600 0.4836 -0.0152 0.0293  -0.0193 3   C   A "C5'" 
46  C "C4'" . C   A 3  ? 0.4039 0.4388 0.4387 -0.0035 0.0054  -0.0132 3   C   A "C4'" 
47  O "O4'" . C   A 3  ? 0.3299 0.4357 0.4477 0.0551  0.0271  -0.0035 3   C   A "O4'" 
48  C "C3'" . C   A 3  ? 0.3664 0.3996 0.4287 -0.0024 0.0244  -0.0090 3   C   A "C3'" 
49  O "O3'" . C   A 3  ? 0.3495 0.4292 0.4308 0.0086  0.0576  -0.0390 3   C   A "O3'" 
50  C "C2'" . C   A 3  ? 0.3296 0.4197 0.3827 -0.0145 0.0175  0.0110  3   C   A "C2'" 
51  O "O2'" . C   A 3  ? 0.3982 0.5513 0.4026 -0.0292 0.0132  0.0175  3   C   A "O2'" 
52  C "C1'" . C   A 3  ? 0.3392 0.3716 0.4075 0.0008  0.0349  -0.0070 3   C   A "C1'" 
53  N N1    . C   A 3  ? 0.3783 0.3728 0.4008 0.0381  0.0387  -0.0093 3   C   A N1    
54  C C2    . C   A 3  ? 0.2845 0.3002 0.3966 0.0037  0.0376  0.0107  3   C   A C2    
55  O O2    . C   A 3  ? 0.3301 0.3190 0.4001 -0.0327 0.0220  0.0233  3   C   A O2    
56  N N3    . C   A 3  ? 0.3343 0.2960 0.4204 0.0304  0.0274  -0.0132 3   C   A N3    
57  C C4    . C   A 3  ? 0.3702 0.3644 0.3826 -0.0202 0.0015  -0.0110 3   C   A C4    
58  N N4    . C   A 3  ? 0.3721 0.2794 0.4182 -0.0807 0.0628  -0.0271 3   C   A N4    
59  C C5    . C   A 3  ? 0.3539 0.3318 0.3875 -0.0082 0.0235  0.0066  3   C   A C5    
60  C C6    . C   A 3  ? 0.3126 0.3352 0.3785 0.0091  0.0098  -0.0404 3   C   A C6    
61  F F2    . NF2 A 4  ? 0.3649 0.3751 0.4514 0.0122  0.0550  -0.0243 4   NF2 A F2    
62  C C2    . NF2 A 4  ? 0.3622 0.3353 0.4164 -0.0147 0.0133  0.0207  4   NF2 A C2    
63  C C3    . NF2 A 4  ? 0.3112 0.3385 0.3250 -0.0450 0.0276  0.0008  4   NF2 A C3    
64  C C4    . NF2 A 4  ? 0.3919 0.3869 0.3493 0.0019  -0.0124 0.0104  4   NF2 A C4    
65  F F4    . NF2 A 4  ? 0.4362 0.3687 0.4110 -0.0131 -0.0020 -0.0338 4   NF2 A F4    
66  C C1    . NF2 A 4  ? 0.3742 0.3159 0.3347 0.0107  0.0200  0.0181  4   NF2 A C1    
67  C C6    . NF2 A 4  ? 0.3534 0.3672 0.3633 -0.0478 0.0102  -0.0046 4   NF2 A C6    
68  C C5    . NF2 A 4  ? 0.3311 0.3759 0.3844 -0.0171 0.0171  0.0185  4   NF2 A C5    
69  C CM    . NF2 A 4  ? 0.4237 0.3626 0.4543 -0.0010 0.0074  -0.0154 4   NF2 A CM    
70  C "C1'" . NF2 A 4  ? 0.3581 0.3038 0.2973 -0.0061 0.0423  0.0185  4   NF2 A "C1'" 
71  O "O4'" . NF2 A 4  ? 0.3718 0.3742 0.3635 -0.0273 0.0758  0.0441  4   NF2 A "O4'" 
72  C "C2'" . NF2 A 4  ? 0.3579 0.3385 0.3378 0.0113  0.0405  0.0419  4   NF2 A "C2'" 
73  O "O2'" . NF2 A 4  ? 0.3656 0.4024 0.4103 -0.0246 0.0644  0.0618  4   NF2 A "O2'" 
74  C "C3'" . NF2 A 4  ? 0.3154 0.3929 0.3297 -0.0136 0.0906  0.0420  4   NF2 A "C3'" 
75  O "O3'" . NF2 A 4  ? 0.4309 0.4177 0.3723 -0.0374 0.0670  0.0507  4   NF2 A "O3'" 
76  C "C4'" . NF2 A 4  ? 0.3230 0.3439 0.3608 -0.0107 0.0336  0.0495  4   NF2 A "C4'" 
77  C "C5'" . NF2 A 4  ? 0.3596 0.3449 0.3893 0.0093  0.0452  0.0271  4   NF2 A "C5'" 
78  O "O5'" . NF2 A 4  ? 0.3625 0.4071 0.4607 -0.0072 -0.0301 0.0218  4   NF2 A "O5'" 
79  P P     . NF2 A 4  ? 0.4314 0.4242 0.4368 0.0315  0.0205  -0.0153 4   NF2 A P     
80  O OP1   . NF2 A 4  ? 0.3792 0.4633 0.4603 -0.0103 0.0226  -0.0577 4   NF2 A OP1   
81  O OP2   . NF2 A 4  ? 0.3797 0.4790 0.4886 0.0355  0.0005  -0.0288 4   NF2 A OP2   
82  P P     . A   A 5  ? 0.4183 0.3925 0.4007 -0.0274 0.0001  -0.0178 5   A   A P     
83  O OP1   . A   A 5  ? 0.5038 0.4740 0.4092 -0.0125 -0.0391 0.0099  5   A   A OP1   
84  O OP2   . A   A 5  ? 0.3665 0.3728 0.3792 -0.0040 0.0352  -0.0067 5   A   A OP2   
85  O "O5'" . A   A 5  ? 0.3994 0.3671 0.3858 -0.0007 0.0053  -0.0126 5   A   A "O5'" 
86  C "C5'" . A   A 5  ? 0.3365 0.3753 0.3640 -0.0159 0.0269  -0.0059 5   A   A "C5'" 
87  C "C4'" . A   A 5  ? 0.3855 0.3379 0.3473 -0.0446 0.0230  -0.0126 5   A   A "C4'" 
88  O "O4'" . A   A 5  ? 0.4023 0.3862 0.3532 -0.0727 0.0445  0.0109  5   A   A "O4'" 
89  C "C3'" . A   A 5  ? 0.3807 0.4209 0.3484 -0.0163 0.0074  -0.0090 5   A   A "C3'" 
90  O "O3'" . A   A 5  ? 0.4433 0.3738 0.3669 -0.0233 0.0237  -0.0067 5   A   A "O3'" 
91  C "C2'" . A   A 5  ? 0.3994 0.3690 0.3836 -0.0212 0.0133  -0.0007 5   A   A "C2'" 
92  O "O2'" . A   A 5  ? 0.4190 0.4181 0.3604 -0.0216 0.0593  -0.0066 5   A   A "O2'" 
93  C "C1'" . A   A 5  ? 0.3955 0.3783 0.3806 -0.0126 -0.0012 -0.0039 5   A   A "C1'" 
94  N N9    . A   A 5  ? 0.3566 0.3556 0.4008 0.0019  -0.0211 -0.0112 5   A   A N9    
95  C C8    . A   A 5  ? 0.4091 0.3603 0.3915 -0.0115 0.0156  -0.0014 5   A   A C8    
96  N N7    . A   A 5  ? 0.3820 0.3621 0.3429 -0.0256 0.0306  0.0079  5   A   A N7    
97  C C5    . A   A 5  ? 0.3850 0.3546 0.4076 -0.0125 -0.0101 -0.0228 5   A   A C5    
98  C C6    . A   A 5  ? 0.3756 0.3500 0.4054 0.0123  -0.0016 -0.0012 5   A   A C6    
99  N N6    . A   A 5  ? 0.4081 0.3867 0.4680 -0.0030 -0.0336 0.0008  5   A   A N6    
100 N N1    . A   A 5  ? 0.3884 0.3840 0.4128 0.0107  -0.0061 -0.0037 5   A   A N1    
101 C C2    . A   A 5  ? 0.4245 0.4165 0.3911 -0.0111 0.0049  -0.0034 5   A   A C2    
102 N N3    . A   A 5  ? 0.3849 0.3618 0.3821 -0.0050 -0.0010 -0.0052 5   A   A N3    
103 C C4    . A   A 5  ? 0.3590 0.3749 0.4060 0.0070  0.0112  0.0001  5   A   A C4    
104 P P     . A   A 6  ? 0.4371 0.4149 0.3911 -0.0646 0.0062  -0.0524 6   A   A P     
105 O OP1   . A   A 6  ? 0.5243 0.4690 0.4189 -0.0572 0.0278  -0.0953 6   A   A OP1   
106 O OP2   . A   A 6  ? 0.4754 0.3885 0.4431 -0.0368 0.0013  -0.0122 6   A   A OP2   
107 O "O5'" . A   A 6  ? 0.4469 0.4569 0.3975 -0.0453 0.0107  -0.0184 6   A   A "O5'" 
108 C "C5'" . A   A 6  ? 0.4092 0.4524 0.4158 -0.0184 0.0302  -0.0284 6   A   A "C5'" 
109 C "C4'" . A   A 6  ? 0.3926 0.4462 0.4147 -0.0419 0.0267  -0.0192 6   A   A "C4'" 
110 O "O4'" . A   A 6  ? 0.4089 0.3752 0.3362 -0.0437 0.0531  -0.0113 6   A   A "O4'" 
111 C "C3'" . A   A 6  ? 0.3670 0.4292 0.4263 -0.0245 0.0286  -0.0310 6   A   A "C3'" 
112 O "O3'" . A   A 6  ? 0.3954 0.5047 0.4347 -0.0246 0.1157  -0.0140 6   A   A "O3'" 
113 C "C2'" . A   A 6  ? 0.3748 0.4001 0.3651 -0.0323 0.0292  -0.0231 6   A   A "C2'" 
114 O "O2'" . A   A 6  ? 0.3694 0.4442 0.3482 -0.0248 0.0395  -0.0275 6   A   A "O2'" 
115 C "C1'" . A   A 6  ? 0.4079 0.3665 0.4045 -0.0165 -0.0030 -0.0164 6   A   A "C1'" 
116 N N9    . A   A 6  ? 0.3457 0.2923 0.3430 0.0239  0.0055  -0.0254 6   A   A N9    
117 C C8    . A   A 6  ? 0.3435 0.3579 0.3992 -0.0228 -0.0051 -0.0114 6   A   A C8    
118 N N7    . A   A 6  ? 0.3074 0.2716 0.3676 -0.0362 0.0041  -0.0203 6   A   A N7    
119 C C5    . A   A 6  ? 0.3488 0.3693 0.3832 -0.0045 -0.0223 0.0002  6   A   A C5    
120 C C6    . A   A 6  ? 0.3782 0.3226 0.4519 -0.0080 -0.0107 -0.0351 6   A   A C6    
121 N N6    . A   A 6  ? 0.3857 0.3174 0.4892 -0.0063 0.0143  -0.0189 6   A   A N6    
122 N N1    . A   A 6  ? 0.3613 0.3394 0.3836 -0.0171 -0.0018 -0.0476 6   A   A N1    
123 C C2    . A   A 6  ? 0.3541 0.3401 0.3723 0.0068  0.0054  -0.0478 6   A   A C2    
124 N N3    . A   A 6  ? 0.3641 0.4173 0.4012 -0.0254 -0.0057 -0.0378 6   A   A N3    
125 C C4    . A   A 6  ? 0.3613 0.3692 0.4111 -0.0046 0.0053  -0.0272 6   A   A C4    
126 P P     . U   A 7  ? 0.5016 0.4980 0.5415 -0.0638 0.0914  -0.0347 7   U   A P     
127 O OP1   . U   A 7  ? 0.4519 0.4990 0.5497 -0.0265 0.0924  -0.0314 7   U   A OP1   
128 O OP2   . U   A 7  ? 0.5166 0.4849 0.4304 -0.0592 0.1195  -0.0939 7   U   A OP2   
129 O "O5'" . U   A 7  ? 0.4141 0.4662 0.5198 -0.0080 0.0822  0.0312  7   U   A "O5'" 
130 C "C5'" . U   A 7  ? 0.5529 0.5271 0.5420 -0.0089 0.0051  0.0016  7   U   A "C5'" 
131 C "C4'" . U   A 7  ? 0.5357 0.5519 0.5875 0.0171  -0.0073 0.0008  7   U   A "C4'" 
132 O "O4'" . U   A 7  ? 0.5852 0.6015 0.6376 0.0273  -0.0241 -0.0026 7   U   A "O4'" 
133 C "C3'" . U   A 7  ? 0.5788 0.5594 0.5774 0.0226  -0.0134 -0.0139 7   U   A "C3'" 
134 O "O3'" . U   A 7  ? 0.5813 0.5947 0.5787 0.0375  -0.0092 -0.0038 7   U   A "O3'" 
135 C "C2'" . U   A 7  ? 0.5846 0.5733 0.5639 0.0194  -0.0058 -0.0292 7   U   A "C2'" 
136 O "O2'" . U   A 7  ? 0.6375 0.5883 0.5954 -0.0470 -0.0285 -0.0164 7   U   A "O2'" 
137 C "C1'" . U   A 7  ? 0.5756 0.5578 0.5345 0.0213  -0.0381 0.0028  7   U   A "C1'" 
138 N N1    . U   A 7  ? 0.6091 0.5453 0.5309 0.0258  -0.0061 0.0036  7   U   A N1    
139 C C2    . U   A 7  ? 0.5922 0.4972 0.5438 0.0529  -0.0418 -0.0141 7   U   A C2    
140 O O2    . U   A 7  ? 0.6336 0.5050 0.5569 0.0653  -0.0088 0.0092  7   U   A O2    
141 N N3    . U   A 7  ? 0.5991 0.4932 0.5139 0.0374  0.0258  0.0376  7   U   A N3    
142 C C4    . U   A 7  ? 0.6065 0.4844 0.5161 0.0343  -0.0359 0.0439  7   U   A C4    
143 O O4    . U   A 7  ? 0.6174 0.4769 0.5048 0.0355  0.0156  0.0666  7   U   A O4    
144 C C5    . U   A 7  ? 0.5737 0.4718 0.4995 0.0097  -0.0046 0.0168  7   U   A C5    
145 C C6    . U   A 7  ? 0.5825 0.5093 0.4773 0.0322  -0.0456 0.0055  7   U   A C6    
146 P P     . U   A 8  ? 0.5556 0.5763 0.5759 0.0375  -0.0171 -0.0036 8   U   A P     
147 O OP1   . U   A 8  ? 0.5800 0.6484 0.5505 0.0298  -0.0030 0.0155  8   U   A OP1   
148 O OP2   . U   A 8  ? 0.5544 0.6347 0.4976 0.0177  -0.0484 -0.0065 8   U   A OP2   
149 O "O5'" . U   A 8  ? 0.5136 0.5541 0.4869 0.0165  0.0028  0.0065  8   U   A "O5'" 
150 C "C5'" . U   A 8  ? 0.4640 0.4908 0.4631 0.0353  0.0105  0.0016  8   U   A "C5'" 
151 C "C4'" . U   A 8  ? 0.4449 0.4532 0.4588 0.0121  0.0187  -0.0079 8   U   A "C4'" 
152 O "O4'" . U   A 8  ? 0.4558 0.3202 0.4868 0.0449  0.0306  -0.0517 8   U   A "O4'" 
153 C "C3'" . U   A 8  ? 0.4918 0.4603 0.4775 -0.0045 0.0066  0.0002  8   U   A "C3'" 
154 O "O3'" . U   A 8  ? 0.5548 0.4888 0.5279 -0.0136 0.0029  -0.0171 8   U   A "O3'" 
155 C "C2'" . U   A 8  ? 0.4421 0.4614 0.4631 0.0261  -0.0116 -0.0066 8   U   A "C2'" 
156 O "O2'" . U   A 8  ? 0.3863 0.4749 0.4637 0.0440  0.0119  -0.0013 8   U   A "O2'" 
157 C "C1'" . U   A 8  ? 0.4589 0.4257 0.4855 0.0043  -0.0029 0.0003  8   U   A "C1'" 
158 N N1    . U   A 8  ? 0.5279 0.5306 0.5094 0.0152  -0.0005 -0.0075 8   U   A N1    
159 C C2    . U   A 8  ? 0.4716 0.5257 0.5027 0.0388  -0.0054 -0.0244 8   U   A C2    
160 O O2    . U   A 8  ? 0.4787 0.5882 0.5317 0.0923  0.0285  -0.0221 8   U   A O2    
161 N N3    . U   A 8  ? 0.4626 0.4356 0.4957 0.0591  -0.0119 0.0046  8   U   A N3    
162 C C4    . U   A 8  ? 0.4886 0.4854 0.5157 0.0267  -0.0029 -0.0113 8   U   A C4    
163 O O4    . U   A 8  ? 0.4974 0.5256 0.5601 -0.0021 -0.0041 -0.0019 8   U   A O4    
164 C C5    . U   A 8  ? 0.5135 0.5320 0.5434 0.0072  0.0193  -0.0007 8   U   A C5    
165 C C6    . U   A 8  ? 0.5287 0.5421 0.5185 0.0271  -0.0045 -0.0188 8   U   A C6    
166 P P     . A   A 9  ? 0.5960 0.5034 0.5288 -0.0117 -0.0223 0.0325  9   A   A P     
167 O OP1   . A   A 9  ? 0.5120 0.5392 0.4885 -0.0217 0.0409  0.0043  9   A   A OP1   
168 O OP2   . A   A 9  ? 0.5177 0.5298 0.5450 -0.0077 0.0168  -0.0252 9   A   A OP2   
169 O "O5'" . A   A 9  ? 0.5504 0.5274 0.5636 -0.0089 0.0116  0.0304  9   A   A "O5'" 
170 C "C5'" . A   A 9  ? 0.5592 0.5385 0.5511 -0.0137 0.0053  0.0103  9   A   A "C5'" 
171 C "C4'" . A   A 9  ? 0.5012 0.5233 0.5471 0.0091  -0.0009 0.0025  9   A   A "C4'" 
172 O "O4'" . A   A 9  ? 0.5617 0.5443 0.6218 -0.0246 0.0146  0.0054  9   A   A "O4'" 
173 C "C3'" . A   A 9  ? 0.4922 0.5278 0.5260 0.0137  -0.0062 -0.0091 9   A   A "C3'" 
174 O "O3'" . A   A 9  ? 0.4731 0.4669 0.5006 -0.0261 0.0469  0.0266  9   A   A "O3'" 
175 C "C2'" . A   A 9  ? 0.4760 0.4902 0.5196 0.0115  0.0257  -0.0040 9   A   A "C2'" 
176 O "O2'" . A   A 9  ? 0.4478 0.6114 0.5476 0.0547  -0.0126 0.0213  9   A   A "O2'" 
177 C "C1'" . A   A 9  ? 0.5368 0.5656 0.5526 0.0093  0.0084  0.0072  9   A   A "C1'" 
178 N N9    . A   A 9  ? 0.5817 0.5601 0.5445 0.0100  -0.0020 -0.0039 9   A   A N9    
179 C C8    . A   A 9  ? 0.5335 0.5616 0.5472 0.0112  -0.0115 0.0038  9   A   A C8    
180 N N7    . A   A 9  ? 0.5459 0.5597 0.5425 0.0414  -0.0058 -0.0100 9   A   A N7    
181 C C5    . A   A 9  ? 0.5454 0.5326 0.5317 0.0262  0.0043  0.0133  9   A   A C5    
182 C C6    . A   A 9  ? 0.5588 0.5928 0.5726 0.0266  0.0007  0.0094  9   A   A C6    
183 N N6    . A   A 9  ? 0.5392 0.6109 0.5703 0.0233  -0.0166 0.0147  9   A   A N6    
184 N N1    . A   A 9  ? 0.5547 0.5831 0.5447 0.0410  0.0086  -0.0117 9   A   A N1    
185 C C2    . A   A 9  ? 0.5548 0.5629 0.5569 0.0340  -0.0022 -0.0088 9   A   A C2    
186 N N3    . A   A 9  ? 0.5471 0.5918 0.5470 0.0093  -0.0361 0.0244  9   A   A N3    
187 C C4    . A   A 9  ? 0.5351 0.5673 0.5487 0.0214  0.0010  -0.0204 9   A   A C4    
188 P P     . G   A 10 ? 0.5032 0.4716 0.4868 0.0148  -0.0378 0.0190  10  G   A P     
189 O OP1   . G   A 10 ? 0.5558 0.5150 0.5043 -0.0141 -0.0179 0.0581  10  G   A OP1   
190 O OP2   . G   A 10 ? 0.4061 0.5109 0.4537 0.0238  -0.0209 0.0080  10  G   A OP2   
191 O "O5'" . G   A 10 ? 0.5133 0.4663 0.5394 -0.0132 -0.0099 0.0388  10  G   A "O5'" 
192 C "C5'" . G   A 10 ? 0.4886 0.5057 0.5031 0.0015  0.0127  0.0373  10  G   A "C5'" 
193 C "C4'" . G   A 10 ? 0.4581 0.4754 0.4693 0.0086  0.0179  0.0496  10  G   A "C4'" 
194 O "O4'" . G   A 10 ? 0.4345 0.4412 0.3885 0.0518  0.1097  0.0718  10  G   A "O4'" 
195 C "C3'" . G   A 10 ? 0.4405 0.3992 0.4314 -0.0016 0.0104  0.0266  10  G   A "C3'" 
196 O "O3'" . G   A 10 ? 0.3720 0.4463 0.4441 -0.0038 0.0464  0.0363  10  G   A "O3'" 
197 C "C2'" . G   A 10 ? 0.4254 0.4246 0.4294 0.0063  0.0200  0.0225  10  G   A "C2'" 
198 O "O2'" . G   A 10 ? 0.3629 0.3790 0.4108 -0.0066 0.0140  -0.0054 10  G   A "O2'" 
199 C "C1'" . G   A 10 ? 0.3933 0.4247 0.4075 0.0316  0.0445  0.0347  10  G   A "C1'" 
200 N N9    . G   A 10 ? 0.4463 0.4643 0.4234 0.0216  0.0472  0.0682  10  G   A N9    
201 C C8    . G   A 10 ? 0.4280 0.4767 0.4205 0.0185  0.0174  0.0610  10  G   A C8    
202 N N7    . G   A 10 ? 0.4132 0.4706 0.4856 0.0656  0.0345  0.0739  10  G   A N7    
203 C C5    . G   A 10 ? 0.4526 0.4343 0.4344 0.0148  0.0476  0.0913  10  G   A C5    
204 C C6    . G   A 10 ? 0.4324 0.4587 0.3920 0.0109  0.0363  0.0492  10  G   A C6    
205 O O6    . G   A 10 ? 0.3702 0.4787 0.4074 0.0288  0.0670  0.0764  10  G   A O6    
206 N N1    . G   A 10 ? 0.4259 0.3833 0.4271 0.0187  0.0537  0.0571  10  G   A N1    
207 C C2    . G   A 10 ? 0.4245 0.4134 0.4318 0.0149  0.0366  0.0452  10  G   A C2    
208 N N2    . G   A 10 ? 0.4422 0.4153 0.4358 0.0448  0.0620  0.0628  10  G   A N2    
209 N N3    . G   A 10 ? 0.4702 0.4385 0.3772 0.0281  0.0691  0.0449  10  G   A N3    
210 C C4    . G   A 10 ? 0.4107 0.4452 0.4279 -0.0128 0.0282  0.0568  10  G   A C4    
211 P P     . C   A 11 ? 0.4006 0.4540 0.4135 -0.0332 -0.0070 0.0753  11  C   A P     
212 O OP1   . C   A 11 ? 0.4662 0.4090 0.3996 -0.0377 -0.0606 0.0465  11  C   A OP1   
213 O OP2   . C   A 11 ? 0.3796 0.5903 0.3511 0.0059  0.0747  0.0917  11  C   A OP2   
214 O "O5'" . C   A 11 ? 0.3642 0.4403 0.3642 0.0050  0.0055  0.0302  11  C   A "O5'" 
215 C "C5'" . C   A 11 ? 0.4128 0.4340 0.3669 -0.0031 -0.0029 0.0420  11  C   A "C5'" 
216 C "C4'" . C   A 11 ? 0.4043 0.3968 0.3742 0.0095  -0.0064 -0.0071 11  C   A "C4'" 
217 O "O4'" . C   A 11 ? 0.3591 0.4091 0.3216 0.0186  0.0062  0.0422  11  C   A "O4'" 
218 C "C3'" . C   A 11 ? 0.3984 0.4345 0.3230 0.0307  -0.0088 0.0327  11  C   A "C3'" 
219 O "O3'" . C   A 11 ? 0.4201 0.3838 0.3185 0.0220  0.0465  0.0127  11  C   A "O3'" 
220 C "C2'" . C   A 11 ? 0.3911 0.3824 0.3749 0.0203  -0.0301 0.0010  11  C   A "C2'" 
221 O "O2'" . C   A 11 ? 0.4308 0.4163 0.3285 0.0151  0.0017  -0.0068 11  C   A "O2'" 
222 C "C1'" . C   A 11 ? 0.3696 0.4264 0.3581 0.0069  -0.0092 0.0185  11  C   A "C1'" 
223 N N1    . C   A 11 ? 0.3115 0.3836 0.3585 0.0198  -0.0111 0.0344  11  C   A N1    
224 C C2    . C   A 11 ? 0.3352 0.3936 0.4029 -0.0103 -0.0185 0.0558  11  C   A C2    
225 O O2    . C   A 11 ? 0.3638 0.3811 0.3415 0.0085  0.0350  0.0444  11  C   A O2    
226 N N3    . C   A 11 ? 0.3822 0.4140 0.3798 0.0151  -0.0259 0.0609  11  C   A N3    
227 C C4    . C   A 11 ? 0.3735 0.4395 0.3982 0.0023  -0.0240 0.0328  11  C   A C4    
228 N N4    . C   A 11 ? 0.3284 0.4546 0.4310 0.0295  -0.0095 0.0539  11  C   A N4    
229 C C5    . C   A 11 ? 0.3558 0.4242 0.3922 -0.0199 -0.0028 0.0379  11  C   A C5    
230 C C6    . C   A 11 ? 0.3537 0.4005 0.4139 0.0341  0.0081  0.0453  11  C   A C6    
231 P P     . G   A 12 ? 0.5145 0.4061 0.3897 0.0566  0.0414  -0.0030 12  G   A P     
232 O OP1   . G   A 12 ? 0.4665 0.4397 0.4148 0.0541  0.0267  0.0109  12  G   A OP1   
233 O OP2   . G   A 12 ? 0.4380 0.4320 0.5047 -0.0554 0.0417  -0.0549 12  G   A OP2   
234 O "O5'" . G   A 12 ? 0.4822 0.4106 0.4359 0.0227  0.0262  0.0042  12  G   A "O5'" 
235 C "C5'" . G   A 12 ? 0.4035 0.3579 0.3742 0.0083  0.0043  0.0030  12  G   A "C5'" 
236 C "C4'" . G   A 12 ? 0.4049 0.3903 0.3840 0.0073  -0.0197 -0.0234 12  G   A "C4'" 
237 O "O4'" . G   A 12 ? 0.4181 0.3805 0.3545 -0.0009 -0.0628 0.0175  12  G   A "O4'" 
238 C "C3'" . G   A 12 ? 0.3630 0.4133 0.4029 0.0269  -0.0196 -0.0030 12  G   A "C3'" 
239 O "O3'" . G   A 12 ? 0.3983 0.3826 0.3794 0.0155  0.0182  -0.0255 12  G   A "O3'" 
240 C "C2'" . G   A 12 ? 0.3625 0.4044 0.3512 0.0011  -0.0096 0.0048  12  G   A "C2'" 
241 O "O2'" . G   A 12 ? 0.4209 0.4393 0.2978 -0.0120 0.0199  0.0499  12  G   A "O2'" 
242 C "C1'" . G   A 12 ? 0.3621 0.3936 0.3759 0.0093  -0.0036 0.0243  12  G   A "C1'" 
243 N N9    . G   A 12 ? 0.3633 0.3710 0.3784 0.0073  -0.0080 0.0248  12  G   A N9    
244 C C8    . G   A 12 ? 0.3855 0.3880 0.4192 0.0317  -0.0111 0.0123  12  G   A C8    
245 N N7    . G   A 12 ? 0.3342 0.3975 0.4355 -0.0177 -0.0091 0.0181  12  G   A N7    
246 C C5    . G   A 12 ? 0.3140 0.3838 0.4097 -0.0053 -0.0106 0.0369  12  G   A C5    
247 C C6    . G   A 12 ? 0.3729 0.3852 0.3914 0.0383  0.0098  0.0480  12  G   A C6    
248 O O6    . G   A 12 ? 0.3733 0.4091 0.4139 0.0163  -0.0174 0.0486  12  G   A O6    
249 N N1    . G   A 12 ? 0.3347 0.2959 0.3799 0.0224  0.0036  0.0483  12  G   A N1    
250 C C2    . G   A 12 ? 0.3663 0.3130 0.3596 0.0318  -0.0132 -0.0012 12  G   A C2    
251 N N2    . G   A 12 ? 0.3770 0.3598 0.4039 -0.0120 -0.0055 0.0307  12  G   A N2    
252 N N3    . G   A 12 ? 0.3626 0.3508 0.3790 -0.0037 -0.0240 0.0050  12  G   A N3    
253 C C4    . G   A 12 ? 0.3467 0.3448 0.3673 0.0457  0.0099  0.0015  12  G   A C4    
254 O "O5'" . C   B 1  ? 0.4588 0.5076 0.4841 -0.0181 -0.0410 0.0176  13  C   B "O5'" 
255 C "C5'" . C   B 1  ? 0.4625 0.4718 0.4449 -0.0028 -0.0410 -0.0164 13  C   B "C5'" 
256 C "C4'" . C   B 1  ? 0.4354 0.4063 0.4485 -0.0242 -0.0616 -0.0118 13  C   B "C4'" 
257 O "O4'" . C   B 1  ? 0.4638 0.3908 0.4047 -0.0402 -0.0600 0.0323  13  C   B "O4'" 
258 C "C3'" . C   B 1  ? 0.4335 0.4375 0.4485 -0.0292 -0.0637 0.0058  13  C   B "C3'" 
259 O "O3'" . C   B 1  ? 0.4565 0.4036 0.4487 -0.0705 -0.1143 0.0214  13  C   B "O3'" 
260 C "C2'" . C   B 1  ? 0.4461 0.4288 0.4345 -0.0228 -0.0294 -0.0063 13  C   B "C2'" 
261 O "O2'" . C   B 1  ? 0.4836 0.4034 0.4442 -0.0618 -0.0181 -0.0343 13  C   B "O2'" 
262 C "C1'" . C   B 1  ? 0.3753 0.3596 0.3892 -0.0318 -0.0272 0.0183  13  C   B "C1'" 
263 N N1    . C   B 1  ? 0.3877 0.3775 0.3777 0.0128  -0.0302 0.0189  13  C   B N1    
264 C C2    . C   B 1  ? 0.2541 0.3542 0.3460 0.0038  -0.0332 -0.0158 13  C   B C2    
265 O O2    . C   B 1  ? 0.3859 0.3570 0.3943 -0.0193 -0.0465 0.0161  13  C   B O2    
266 N N3    . C   B 1  ? 0.3902 0.3513 0.3735 -0.0206 -0.0419 -0.0293 13  C   B N3    
267 C C4    . C   B 1  ? 0.3550 0.3834 0.3900 0.0285  -0.0103 0.0018  13  C   B C4    
268 N N4    . C   B 1  ? 0.3479 0.4079 0.3393 0.0269  -0.0107 0.0121  13  C   B N4    
269 C C5    . C   B 1  ? 0.4138 0.3986 0.3596 -0.0118 -0.0161 -0.0027 13  C   B C5    
270 C C6    . C   B 1  ? 0.3689 0.3555 0.3278 0.0004  -0.0411 0.0068  13  C   B C6    
271 P P     . G   B 2  ? 0.4839 0.3587 0.4946 -0.0520 -0.0681 0.0344  14  G   B P     
272 O OP1   . G   B 2  ? 0.5119 0.4027 0.5375 -0.0526 -0.0764 0.0580  14  G   B OP1   
273 O OP2   . G   B 2  ? 0.4760 0.3723 0.4120 -0.0707 -0.0139 0.0256  14  G   B OP2   
274 O "O5'" . G   B 2  ? 0.4508 0.3354 0.4786 -0.0289 -0.0371 0.0256  14  G   B "O5'" 
275 C "C5'" . G   B 2  ? 0.4162 0.3992 0.4481 -0.0237 -0.0181 -0.0028 14  G   B "C5'" 
276 C "C4'" . G   B 2  ? 0.4444 0.3846 0.3892 -0.0248 -0.0325 0.0271  14  G   B "C4'" 
277 O "O4'" . G   B 2  ? 0.4941 0.3294 0.3997 -0.0465 -0.0506 -0.0001 14  G   B "O4'" 
278 C "C3'" . G   B 2  ? 0.4190 0.3913 0.4003 -0.0417 0.0025  0.0170  14  G   B "C3'" 
279 O "O3'" . G   B 2  ? 0.4973 0.3640 0.4757 -0.0387 -0.0397 -0.0064 14  G   B "O3'" 
280 C "C2'" . G   B 2  ? 0.3701 0.3815 0.4383 0.0045  -0.0193 -0.0083 14  G   B "C2'" 
281 O "O2'" . G   B 2  ? 0.4521 0.3184 0.4158 -0.0174 0.0008  -0.0043 14  G   B "O2'" 
282 C "C1'" . G   B 2  ? 0.4076 0.3605 0.4132 0.0137  -0.0175 0.0115  14  G   B "C1'" 
283 N N9    . G   B 2  ? 0.3889 0.3598 0.4401 -0.0413 -0.0312 0.0525  14  G   B N9    
284 C C8    . G   B 2  ? 0.3548 0.3657 0.4046 0.0006  0.0013  0.0255  14  G   B C8    
285 N N7    . G   B 2  ? 0.4156 0.3609 0.4440 0.0015  -0.0359 0.0562  14  G   B N7    
286 C C5    . G   B 2  ? 0.3864 0.3899 0.4402 -0.0196 -0.0265 0.0560  14  G   B C5    
287 C C6    . G   B 2  ? 0.3613 0.4078 0.3786 0.0204  0.0130  0.0450  14  G   B C6    
288 O O6    . G   B 2  ? 0.3737 0.4356 0.3832 -0.0052 -0.0385 0.0705  14  G   B O6    
289 N N1    . G   B 2  ? 0.3743 0.3688 0.4243 -0.0071 -0.0340 0.0425  14  G   B N1    
290 C C2    . G   B 2  ? 0.4139 0.3846 0.4205 0.0013  -0.0068 0.0521  14  G   B C2    
291 N N2    . G   B 2  ? 0.3520 0.3681 0.4532 -0.0188 -0.0130 0.0277  14  G   B N2    
292 N N3    . G   B 2  ? 0.4119 0.4019 0.4480 -0.0394 -0.0205 0.0546  14  G   B N3    
293 C C4    . G   B 2  ? 0.3804 0.3499 0.3941 -0.0277 -0.0004 0.0456  14  G   B C4    
294 P P     . C   B 3  ? 0.4573 0.3751 0.4293 -0.0560 -0.0150 0.0107  15  C   B P     
295 O OP1   . C   B 3  ? 0.5268 0.3993 0.4857 -0.0590 -0.0028 0.0370  15  C   B OP1   
296 O OP2   . C   B 3  ? 0.3983 0.3085 0.4597 -0.0549 -0.0655 -0.0114 15  C   B OP2   
297 O "O5'" . C   B 3  ? 0.3390 0.3823 0.4139 0.0035  -0.0006 0.0125  15  C   B "O5'" 
298 C "C5'" . C   B 3  ? 0.3681 0.3660 0.3868 -0.0188 0.0029  0.0155  15  C   B "C5'" 
299 C "C4'" . C   B 3  ? 0.3563 0.4058 0.3812 -0.0054 -0.0122 -0.0259 15  C   B "C4'" 
300 O "O4'" . C   B 3  ? 0.3719 0.4294 0.3639 -0.0371 0.0353  0.0173  15  C   B "O4'" 
301 C "C3'" . C   B 3  ? 0.4143 0.4531 0.4489 -0.0050 0.0206  -0.0037 15  C   B "C3'" 
302 O "O3'" . C   B 3  ? 0.4332 0.5505 0.5116 -0.0556 0.0158  -0.0476 15  C   B "O3'" 
303 C "C2'" . C   B 3  ? 0.3636 0.5094 0.3766 -0.0002 0.0146  0.0294  15  C   B "C2'" 
304 O "O2'" . C   B 3  ? 0.4525 0.6645 0.3947 0.0405  -0.0143 0.0980  15  C   B "O2'" 
305 C "C1'" . C   B 3  ? 0.3963 0.4424 0.3983 0.0128  0.0124  0.0239  15  C   B "C1'" 
306 N N1    . C   B 3  ? 0.3937 0.4532 0.3807 0.0167  0.0333  0.0299  15  C   B N1    
307 C C2    . C   B 3  ? 0.3884 0.4293 0.3712 0.0190  0.0243  0.0614  15  C   B C2    
308 O O2    . C   B 3  ? 0.3850 0.4869 0.3920 0.0815  -0.0007 0.0446  15  C   B O2    
309 N N3    . C   B 3  ? 0.4143 0.4579 0.4046 0.0380  0.0416  0.0085  15  C   B N3    
310 C C4    . C   B 3  ? 0.3477 0.3866 0.3411 0.0026  0.0274  0.0597  15  C   B C4    
311 N N4    . C   B 3  ? 0.3393 0.4005 0.3789 0.0216  0.0461  -0.0277 15  C   B N4    
312 C C5    . C   B 3  ? 0.3663 0.3995 0.3889 0.0316  0.0264  0.0517  15  C   B C5    
313 C C6    . C   B 3  ? 0.3880 0.3851 0.3616 0.0021  0.0037  0.0914  15  C   B C6    
314 F F2    . NF2 B 4  ? 0.5170 0.5125 0.5237 -0.0055 0.0192  -0.0238 16  NF2 B F2    
315 C C2    . NF2 B 4  ? 0.5044 0.4776 0.4435 -0.0031 0.0107  -0.0899 16  NF2 B C2    
316 C C3    . NF2 B 4  ? 0.5092 0.4521 0.4349 0.0706  0.0369  -0.0602 16  NF2 B C3    
317 C C4    . NF2 B 4  ? 0.5338 0.5022 0.5129 0.0303  0.0246  -0.0558 16  NF2 B C4    
318 F F4    . NF2 B 4  ? 0.5130 0.5723 0.5200 0.0145  0.0464  -0.0547 16  NF2 B F4    
319 C C1    . NF2 B 4  ? 0.5069 0.4841 0.4778 0.0007  0.0236  -0.0448 16  NF2 B C1    
320 C C6    . NF2 B 4  ? 0.5050 0.4859 0.4886 0.0364  0.0031  -0.0446 16  NF2 B C6    
321 C C5    . NF2 B 4  ? 0.5076 0.5108 0.5254 0.0271  0.0212  -0.0295 16  NF2 B C5    
322 C CM    . NF2 B 4  ? 0.5356 0.5452 0.5392 0.0153  -0.0004 -0.0204 16  NF2 B CM    
323 C "C1'" . NF2 B 4  ? 0.5063 0.4829 0.5066 -0.0124 0.0034  -0.0167 16  NF2 B "C1'" 
324 O "O4'" . NF2 B 4  ? 0.4818 0.5342 0.4937 -0.0516 -0.0233 -0.0281 16  NF2 B "O4'" 
325 C "C2'" . NF2 B 4  ? 0.4786 0.5059 0.5133 -0.0131 0.0118  0.0060  16  NF2 B "C2'" 
326 O "O2'" . NF2 B 4  ? 0.5001 0.4055 0.5072 0.0455  0.0185  -0.0418 16  NF2 B "O2'" 
327 C "C3'" . NF2 B 4  ? 0.5404 0.5043 0.5085 0.0046  0.0014  0.0134  16  NF2 B "C3'" 
328 O "O3'" . NF2 B 4  ? 0.4479 0.5069 0.5298 -0.0192 -0.0134 -0.0165 16  NF2 B "O3'" 
329 C "C4'" . NF2 B 4  ? 0.4912 0.4944 0.5202 0.0091  0.0040  -0.0014 16  NF2 B "C4'" 
330 C "C5'" . NF2 B 4  ? 0.5058 0.4851 0.5159 0.0124  0.0030  -0.0019 16  NF2 B "C5'" 
331 O "O5'" . NF2 B 4  ? 0.5259 0.5296 0.5647 -0.0135 -0.0280 -0.0360 16  NF2 B "O5'" 
332 P P     . NF2 B 4  ? 0.5801 0.5710 0.6138 -0.0507 0.0042  -0.0501 16  NF2 B P     
333 O OP1   . NF2 B 4  ? 0.5044 0.6094 0.6778 -0.0898 -0.0324 -0.0385 16  NF2 B OP1   
334 O OP2   . NF2 B 4  ? 0.5348 0.4536 0.3888 -0.0406 -0.0205 -0.0575 16  NF2 B OP2   
335 P P     . A   B 5  ? 0.5624 0.5159 0.4701 -0.0304 -0.0089 -0.0282 17  A   B P     
336 O OP1   . A   B 5  ? 0.3931 0.4903 0.4367 -0.1358 0.0398  0.0110  17  A   B OP1   
337 O OP2   . A   B 5  ? 0.4259 0.4618 0.5235 -0.0003 -0.0257 -0.0605 17  A   B OP2   
338 O "O5'" . A   B 5  ? 0.5201 0.4345 0.5010 -0.0548 0.0179  0.0193  17  A   B "O5'" 
339 C "C5'" . A   B 5  ? 0.4788 0.4800 0.4349 -0.0051 -0.0203 -0.0097 17  A   B "C5'" 
340 C "C4'" . A   B 5  ? 0.4922 0.4892 0.4720 -0.0079 -0.0102 -0.0052 17  A   B "C4'" 
341 O "O4'" . A   B 5  ? 0.4886 0.5560 0.5244 -0.0179 0.0174  -0.0104 17  A   B "O4'" 
342 C "C3'" . A   B 5  ? 0.5223 0.5211 0.4791 -0.0035 0.0184  -0.0049 17  A   B "C3'" 
343 O "O3'" . A   B 5  ? 0.5575 0.5474 0.5560 -0.0069 0.0299  0.0036  17  A   B "O3'" 
344 C "C2'" . A   B 5  ? 0.5222 0.5383 0.4930 0.0043  0.0164  -0.0088 17  A   B "C2'" 
345 O "O2'" . A   B 5  ? 0.4870 0.4920 0.4680 0.0359  0.0503  0.0092  17  A   B "O2'" 
346 C "C1'" . A   B 5  ? 0.4921 0.4965 0.4780 0.0151  0.0204  -0.0174 17  A   B "C1'" 
347 N N9    . A   B 5  ? 0.4934 0.4559 0.4927 0.0266  0.0157  -0.0027 17  A   B N9    
348 C C8    . A   B 5  ? 0.4644 0.4168 0.4356 0.0114  0.0151  -0.0055 17  A   B C8    
349 N N7    . A   B 5  ? 0.3921 0.3555 0.4333 0.0127  0.0702  -0.0288 17  A   B N7    
350 C C5    . A   B 5  ? 0.4622 0.3949 0.4548 0.0373  0.0336  0.0119  17  A   B C5    
351 C C6    . A   B 5  ? 0.4957 0.4069 0.4749 0.0415  0.0219  -0.0089 17  A   B C6    
352 N N6    . A   B 5  ? 0.4987 0.4160 0.4292 0.0477  -0.0062 -0.0556 17  A   B N6    
353 N N1    . A   B 5  ? 0.4721 0.3891 0.4151 0.0000  0.0338  0.0099  17  A   B N1    
354 C C2    . A   B 5  ? 0.4871 0.4537 0.5066 0.0091  0.0270  -0.0227 17  A   B C2    
355 N N3    . A   B 5  ? 0.4662 0.4674 0.5161 0.0279  0.0331  -0.0293 17  A   B N3    
356 C C4    . A   B 5  ? 0.4540 0.4224 0.4899 0.0218  0.0281  0.0025  17  A   B C4    
357 P P     . A   B 6  ? 0.6011 0.6201 0.5412 -0.0068 0.0240  -0.0157 18  A   B P     
358 O OP1   . A   B 6  ? 0.6761 0.5935 0.5385 -0.0487 -0.0012 -0.0390 18  A   B OP1   
359 O OP2   . A   B 6  ? 0.6219 0.6106 0.6259 -0.0125 0.0536  0.0330  18  A   B OP2   
360 O "O5'" . A   B 6  ? 0.4636 0.4634 0.4218 0.0304  0.0232  -0.0050 18  A   B "O5'" 
361 C "C5'" . A   B 6  ? 0.5226 0.5363 0.5185 -0.0043 0.0013  -0.0132 18  A   B "C5'" 
362 C "C4'" . A   B 6  ? 0.5061 0.5408 0.5335 0.0080  -0.0112 -0.0096 18  A   B "C4'" 
363 O "O4'" . A   B 6  ? 0.5169 0.6005 0.5568 0.0065  -0.0223 -0.0399 18  A   B "O4'" 
364 C "C3'" . A   B 6  ? 0.4787 0.5270 0.5419 0.0140  -0.0140 -0.0146 18  A   B "C3'" 
365 O "O3'" . A   B 6  ? 0.4469 0.5738 0.5280 -0.0311 -0.0022 0.0000  18  A   B "O3'" 
366 C "C2'" . A   B 6  ? 0.5105 0.5488 0.5423 0.0468  0.0131  0.0120  18  A   B "C2'" 
367 O "O2'" . A   B 6  ? 0.4009 0.5471 0.6262 0.0778  0.0237  0.0043  18  A   B "O2'" 
368 C "C1'" . A   B 6  ? 0.5572 0.5250 0.5634 0.0545  -0.0104 -0.0108 18  A   B "C1'" 
369 N N9    . A   B 6  ? 0.5206 0.4645 0.5629 0.0642  -0.0121 -0.0152 18  A   B N9    
370 C C8    . A   B 6  ? 0.5483 0.4586 0.5151 0.1000  0.0202  -0.0053 18  A   B C8    
371 N N7    . A   B 6  ? 0.5301 0.4378 0.6039 0.1135  -0.0323 -0.0416 18  A   B N7    
372 C C5    . A   B 6  ? 0.5943 0.4403 0.5923 0.0774  0.0006  -0.0430 18  A   B C5    
373 C C6    . A   B 6  ? 0.5493 0.4345 0.5493 0.0732  -0.0135 -0.0058 18  A   B C6    
374 N N6    . A   B 6  ? 0.6480 0.5151 0.5998 0.0735  -0.0137 -0.0029 18  A   B N6    
375 N N1    . A   B 6  ? 0.5755 0.4996 0.5620 0.0915  -0.0012 -0.0160 18  A   B N1    
376 C C2    . A   B 6  ? 0.5565 0.4981 0.5552 0.0566  -0.0027 -0.0046 18  A   B C2    
377 N N3    . A   B 6  ? 0.5488 0.4716 0.5662 0.0837  -0.0100 -0.0383 18  A   B N3    
378 C C4    . A   B 6  ? 0.5658 0.4157 0.5616 0.0697  -0.0105 -0.0336 18  A   B C4    
379 P P     . U   B 7  ? 0.5392 0.6180 0.5768 -0.0197 -0.0385 -0.0623 19  U   B P     
380 O OP1   . U   B 7  ? 0.5741 0.6438 0.5105 -0.0060 -0.0041 -0.0722 19  U   B OP1   
381 O OP2   . U   B 7  ? 0.4740 0.6584 0.4158 -0.0954 -0.0134 -0.0849 19  U   B OP2   
382 O "O5'" . U   B 7  ? 0.4914 0.5470 0.5058 0.0067  -0.0538 -0.0521 19  U   B "O5'" 
383 C "C5'" . U   B 7  ? 0.4556 0.4748 0.5039 0.0128  -0.0481 -0.0441 19  U   B "C5'" 
384 C "C4'" . U   B 7  ? 0.4836 0.4497 0.4853 0.0234  -0.0377 -0.0460 19  U   B "C4'" 
385 O "O4'" . U   B 7  ? 0.4661 0.4415 0.4594 0.0655  -0.0941 -0.0837 19  U   B "O4'" 
386 C "C3'" . U   B 7  ? 0.4526 0.4343 0.4553 0.0443  -0.0409 -0.0483 19  U   B "C3'" 
387 O "O3'" . U   B 7  ? 0.4567 0.3973 0.4211 0.0465  -0.0693 -0.0677 19  U   B "O3'" 
388 C "C2'" . U   B 7  ? 0.4322 0.3202 0.4242 0.0564  -0.0116 -0.0549 19  U   B "C2'" 
389 O "O2'" . U   B 7  ? 0.4819 0.3539 0.4473 0.0374  -0.0632 -0.0241 19  U   B "O2'" 
390 C "C1'" . U   B 7  ? 0.4485 0.4139 0.4662 0.0458  -0.0317 -0.0100 19  U   B "C1'" 
391 N N1    . U   B 7  ? 0.4366 0.4321 0.4601 0.0517  -0.0286 -0.0576 19  U   B N1    
392 C C2    . U   B 7  ? 0.4387 0.4604 0.4437 0.0010  -0.0345 -0.0164 19  U   B C2    
393 O O2    . U   B 7  ? 0.4771 0.4290 0.4642 0.0365  -0.0322 -0.0353 19  U   B O2    
394 N N3    . U   B 7  ? 0.4752 0.4699 0.4777 -0.0013 -0.0103 -0.0610 19  U   B N3    
395 C C4    . U   B 7  ? 0.4062 0.4622 0.4088 0.0198  -0.0117 -0.0312 19  U   B C4    
396 O O4    . U   B 7  ? 0.3948 0.4552 0.5360 0.0495  -0.0043 -0.0281 19  U   B O4    
397 C C5    . U   B 7  ? 0.4215 0.4504 0.4739 0.0474  -0.0095 -0.0331 19  U   B C5    
398 C C6    . U   B 7  ? 0.4416 0.4551 0.4195 0.0076  -0.0133 -0.0191 19  U   B C6    
399 P P     . U   B 8  ? 0.4877 0.4107 0.4390 0.0191  -0.0719 -0.0833 20  U   B P     
400 O OP1   . U   B 8  ? 0.4781 0.4944 0.4428 0.0603  -0.0741 -0.0855 20  U   B OP1   
401 O OP2   . U   B 8  ? 0.4871 0.4292 0.4490 0.0231  -0.0504 -0.0799 20  U   B OP2   
402 O "O5'" . U   B 8  ? 0.3307 0.4385 0.4354 0.0248  -0.0150 -0.0482 20  U   B "O5'" 
403 C "C5'" . U   B 8  ? 0.3924 0.3863 0.3936 0.0188  0.0048  -0.0702 20  U   B "C5'" 
404 C "C4'" . U   B 8  ? 0.4163 0.4213 0.4421 0.0161  0.0040  -0.0069 20  U   B "C4'" 
405 O "O4'" . U   B 8  ? 0.4553 0.3606 0.4117 0.0525  -0.0355 -0.0237 20  U   B "O4'" 
406 C "C3'" . U   B 8  ? 0.3721 0.3961 0.3888 0.0186  -0.0110 -0.0121 20  U   B "C3'" 
407 O "O3'" . U   B 8  ? 0.3989 0.4052 0.4476 0.0539  0.0133  -0.0291 20  U   B "O3'" 
408 C "C2'" . U   B 8  ? 0.3376 0.3622 0.3870 -0.0051 0.0048  -0.0226 20  U   B "C2'" 
409 O "O2'" . U   B 8  ? 0.3453 0.4039 0.4202 0.0064  -0.0026 -0.0506 20  U   B "O2'" 
410 C "C1'" . U   B 8  ? 0.4235 0.3708 0.4190 -0.0110 0.0002  -0.0117 20  U   B "C1'" 
411 N N1    . U   B 8  ? 0.4247 0.3910 0.3996 0.0188  -0.0068 -0.0300 20  U   B N1    
412 C C2    . U   B 8  ? 0.4481 0.3886 0.4144 -0.0033 -0.0123 -0.0527 20  U   B C2    
413 O O2    . U   B 8  ? 0.4251 0.3730 0.3956 -0.0105 -0.0121 -0.0857 20  U   B O2    
414 N N3    . U   B 8  ? 0.3840 0.4011 0.3549 0.0410  -0.0306 -0.0854 20  U   B N3    
415 C C4    . U   B 8  ? 0.4427 0.3980 0.4211 0.0231  0.0165  -0.0099 20  U   B C4    
416 O O4    . U   B 8  ? 0.4627 0.3946 0.4459 0.0392  0.0034  -0.0200 20  U   B O4    
417 C C5    . U   B 8  ? 0.4189 0.3925 0.3870 0.0379  -0.0243 -0.0272 20  U   B C5    
418 C C6    . U   B 8  ? 0.4135 0.3473 0.4126 -0.0068 -0.0205 -0.0053 20  U   B C6    
419 P P     . A   B 9  ? 0.3770 0.3824 0.4808 0.0573  -0.0227 -0.0267 21  A   B P     
420 O OP1   . A   B 9  ? 0.4096 0.3864 0.4368 0.0324  0.0175  -0.0100 21  A   B OP1   
421 O OP2   . A   B 9  ? 0.3942 0.3713 0.4183 -0.0042 -0.0019 -0.0058 21  A   B OP2   
422 O "O5'" . A   B 9  ? 0.3660 0.4008 0.4288 0.0299  0.0020  -0.0277 21  A   B "O5'" 
423 C "C5'" . A   B 9  ? 0.3414 0.4156 0.4365 0.0100  -0.0019 -0.0104 21  A   B "C5'" 
424 C "C4'" . A   B 9  ? 0.3753 0.4372 0.4184 0.0167  0.0030  -0.0134 21  A   B "C4'" 
425 O "O4'" . A   B 9  ? 0.3754 0.3996 0.3421 0.0480  -0.0128 -0.0058 21  A   B "O4'" 
426 C "C3'" . A   B 9  ? 0.3734 0.3969 0.4133 0.0264  -0.0086 0.0084  21  A   B "C3'" 
427 O "O3'" . A   B 9  ? 0.3716 0.3756 0.3534 0.0628  0.0133  -0.0586 21  A   B "O3'" 
428 C "C2'" . A   B 9  ? 0.3705 0.4244 0.3915 0.0450  0.0107  0.0138  21  A   B "C2'" 
429 O "O2'" . A   B 9  ? 0.3807 0.3481 0.4106 0.0378  0.0040  0.0513  21  A   B "O2'" 
430 C "C1'" . A   B 9  ? 0.3651 0.4030 0.4192 -0.0113 0.0314  0.0101  21  A   B "C1'" 
431 N N9    . A   B 9  ? 0.3560 0.3853 0.3824 -0.0003 0.0052  0.0149  21  A   B N9    
432 C C8    . A   B 9  ? 0.3490 0.3769 0.4165 0.0267  0.0133  -0.0146 21  A   B C8    
433 N N7    . A   B 9  ? 0.4346 0.3692 0.3890 0.0171  0.0429  -0.0100 21  A   B N7    
434 C C5    . A   B 9  ? 0.3625 0.3705 0.3891 0.0295  0.0199  0.0115  21  A   B C5    
435 C C6    . A   B 9  ? 0.3639 0.3833 0.3937 0.0025  0.0200  0.0241  21  A   B C6    
436 N N6    . A   B 9  ? 0.3750 0.4159 0.4158 0.0214  0.0145  0.0180  21  A   B N6    
437 N N1    . A   B 9  ? 0.3902 0.3359 0.3641 -0.0212 0.0373  -0.0478 21  A   B N1    
438 C C2    . A   B 9  ? 0.3875 0.3981 0.3777 0.0230  0.0387  -0.0064 21  A   B C2    
439 N N3    . A   B 9  ? 0.2970 0.4278 0.4479 0.0351  0.0029  -0.0083 21  A   B N3    
440 C C4    . A   B 9  ? 0.3272 0.3454 0.3864 0.0116  0.0004  -0.0128 21  A   B C4    
441 P P     . G   B 10 ? 0.4024 0.4150 0.4422 0.0822  0.0198  -0.0473 22  G   B P     
442 O OP1   . G   B 10 ? 0.4257 0.3899 0.4492 0.0920  0.0296  -0.0099 22  G   B OP1   
443 O OP2   . G   B 10 ? 0.4311 0.3983 0.4687 0.0602  0.0073  -0.0340 22  G   B OP2   
444 O "O5'" . G   B 10 ? 0.3686 0.4149 0.4006 0.0876  0.0717  -0.0166 22  G   B "O5'" 
445 C "C5'" . G   B 10 ? 0.4251 0.3771 0.4024 0.0391  0.0237  -0.0146 22  G   B "C5'" 
446 C "C4'" . G   B 10 ? 0.3668 0.3837 0.4048 0.0410  0.0390  -0.0275 22  G   B "C4'" 
447 O "O4'" . G   B 10 ? 0.3680 0.4196 0.4593 0.0492  0.0416  -0.0022 22  G   B "O4'" 
448 C "C3'" . G   B 10 ? 0.4134 0.4106 0.4178 0.0468  0.0281  -0.0176 22  G   B "C3'" 
449 O "O3'" . G   B 10 ? 0.4346 0.4805 0.3885 0.0703  0.0482  0.0089  22  G   B "O3'" 
450 C "C2'" . G   B 10 ? 0.3656 0.4381 0.4022 0.0336  0.0079  -0.0145 22  G   B "C2'" 
451 O "O2'" . G   B 10 ? 0.4406 0.4980 0.4367 0.0963  0.0247  -0.0350 22  G   B "O2'" 
452 C "C1'" . G   B 10 ? 0.3683 0.3933 0.3745 0.0325  0.0551  -0.0167 22  G   B "C1'" 
453 N N9    . G   B 10 ? 0.3521 0.3922 0.3866 0.0343  0.0293  -0.0275 22  G   B N9    
454 C C8    . G   B 10 ? 0.3675 0.3668 0.3890 0.0456  0.0371  -0.0160 22  G   B C8    
455 N N7    . G   B 10 ? 0.4016 0.3566 0.4117 0.0291  0.0263  -0.0324 22  G   B N7    
456 C C5    . G   B 10 ? 0.3644 0.3725 0.3772 0.0461  0.0176  -0.0094 22  G   B C5    
457 C C6    . G   B 10 ? 0.3718 0.4132 0.3874 0.0203  0.0167  -0.0214 22  G   B C6    
458 O O6    . G   B 10 ? 0.3401 0.3397 0.3773 0.0239  0.0194  0.0065  22  G   B O6    
459 N N1    . G   B 10 ? 0.3577 0.3429 0.3610 0.0198  0.0156  -0.0030 22  G   B N1    
460 C C2    . G   B 10 ? 0.3771 0.3702 0.3921 0.0302  0.0129  -0.0370 22  G   B C2    
461 N N2    . G   B 10 ? 0.3604 0.3764 0.3617 0.0228  0.0326  -0.0243 22  G   B N2    
462 N N3    . G   B 10 ? 0.3881 0.4042 0.3719 0.0604  0.0284  0.0115  22  G   B N3    
463 C C4    . G   B 10 ? 0.3796 0.4160 0.3986 0.0596  0.0331  -0.0349 22  G   B C4    
464 P P     . C   B 11 ? 0.4527 0.4753 0.4084 0.0983  0.0452  0.0007  23  C   B P     
465 O OP1   . C   B 11 ? 0.4809 0.4247 0.3688 0.1006  0.0358  0.0145  23  C   B OP1   
466 O OP2   . C   B 11 ? 0.4809 0.4202 0.3648 0.0781  0.0362  0.0513  23  C   B OP2   
467 O "O5'" . C   B 11 ? 0.4246 0.4918 0.3475 0.0644  0.0691  0.0163  23  C   B "O5'" 
468 C "C5'" . C   B 11 ? 0.4361 0.4334 0.4102 0.0526  0.0347  -0.0017 23  C   B "C5'" 
469 C "C4'" . C   B 11 ? 0.4170 0.4810 0.4322 0.0330  0.0088  0.0039  23  C   B "C4'" 
470 O "O4'" . C   B 11 ? 0.3929 0.4651 0.4042 0.0362  0.0038  -0.0088 23  C   B "O4'" 
471 C "C3'" . C   B 11 ? 0.4215 0.4578 0.4394 0.0218  -0.0120 -0.0057 23  C   B "C3'" 
472 O "O3'" . C   B 11 ? 0.4554 0.4638 0.3948 0.0178  -0.0225 0.0650  23  C   B "O3'" 
473 C "C2'" . C   B 11 ? 0.3717 0.4708 0.4115 0.0231  -0.0013 -0.0116 23  C   B "C2'" 
474 O "O2'" . C   B 11 ? 0.3428 0.5281 0.4659 0.0575  0.0640  -0.0282 23  C   B "O2'" 
475 C "C1'" . C   B 11 ? 0.3550 0.4397 0.4158 0.0118  0.0220  -0.0056 23  C   B "C1'" 
476 N N1    . C   B 11 ? 0.3196 0.4691 0.4314 0.0251  0.0253  -0.0216 23  C   B N1    
477 C C2    . C   B 11 ? 0.4025 0.4261 0.4499 0.0319  0.0165  -0.0315 23  C   B C2    
478 O O2    . C   B 11 ? 0.3258 0.4182 0.4073 0.0095  0.0449  -0.0660 23  C   B O2    
479 N N3    . C   B 11 ? 0.4103 0.3974 0.4335 0.0171  0.0167  -0.0172 23  C   B N3    
480 C C4    . C   B 11 ? 0.3823 0.4174 0.4431 0.0530  0.0466  0.0000  23  C   B C4    
481 N N4    . C   B 11 ? 0.3345 0.4425 0.3839 -0.0105 0.0483  -0.0069 23  C   B N4    
482 C C5    . C   B 11 ? 0.3688 0.4141 0.4148 0.0462  0.0330  0.0023  23  C   B C5    
483 C C6    . C   B 11 ? 0.3712 0.4614 0.4509 0.0360  0.0228  -0.0261 23  C   B C6    
484 P P     . G   B 12 ? 0.4793 0.4963 0.4369 0.0362  -0.0361 0.0372  24  G   B P     
485 O OP1   . G   B 12 ? 0.5157 0.4993 0.4898 0.0114  -0.0639 -0.0083 24  G   B OP1   
486 O OP2   . G   B 12 ? 0.5610 0.5381 0.4482 0.0422  -0.0298 0.0194  24  G   B OP2   
487 O "O5'" . G   B 12 ? 0.4513 0.4883 0.4407 0.0404  0.0080  -0.0226 24  G   B "O5'" 
488 C "C5'" . G   B 12 ? 0.4470 0.4666 0.4137 0.0186  -0.0081 -0.0056 24  G   B "C5'" 
489 C "C4'" . G   B 12 ? 0.4430 0.4265 0.4032 -0.0170 -0.0242 0.0165  24  G   B "C4'" 
490 O "O4'" . G   B 12 ? 0.4432 0.3702 0.4052 -0.0029 -0.0326 -0.0309 24  G   B "O4'" 
491 C "C3'" . G   B 12 ? 0.4820 0.4475 0.4440 -0.0222 -0.0147 -0.0093 24  G   B "C3'" 
492 O "O3'" . G   B 12 ? 0.4670 0.4287 0.3529 -0.0660 -0.0604 -0.0422 24  G   B "O3'" 
493 C "C2'" . G   B 12 ? 0.4051 0.4149 0.4141 -0.0285 0.0011  -0.0252 24  G   B "C2'" 
494 O "O2'" . G   B 12 ? 0.4436 0.5026 0.4651 -0.0677 0.0084  -0.0224 24  G   B "O2'" 
495 C "C1'" . G   B 12 ? 0.3432 0.3521 0.3833 -0.0065 -0.0098 -0.0166 24  G   B "C1'" 
496 N N9    . G   B 12 ? 0.3218 0.3411 0.4212 -0.0196 -0.0046 -0.0013 24  G   B N9    
497 C C8    . G   B 12 ? 0.3831 0.3830 0.3874 0.0107  0.0096  0.0283  24  G   B C8    
498 N N7    . G   B 12 ? 0.3532 0.2804 0.3175 0.0062  -0.0263 0.0316  24  G   B N7    
499 C C5    . G   B 12 ? 0.2981 0.2986 0.3726 -0.0181 0.0199  -0.0098 24  G   B C5    
500 C C6    . G   B 12 ? 0.3042 0.3252 0.3639 -0.0257 0.0081  -0.0327 24  G   B C6    
501 O O6    . G   B 12 ? 0.3448 0.3181 0.3834 -0.0027 0.0110  0.0075  24  G   B O6    
502 N N1    . G   B 12 ? 0.3647 0.3184 0.4351 0.0325  -0.0042 -0.0126 24  G   B N1    
503 C C2    . G   B 12 ? 0.3426 0.3248 0.3832 0.0125  -0.0032 0.0131  24  G   B C2    
504 N N2    . G   B 12 ? 0.3549 0.3283 0.4211 -0.0095 0.0283  0.0095  24  G   B N2    
505 N N3    . G   B 12 ? 0.3433 0.3606 0.4134 -0.0237 0.0076  -0.0015 24  G   B N3    
506 C C4    . G   B 12 ? 0.3374 0.3283 0.3663 -0.0196 -0.0100 -0.0085 24  G   B C4    
507 O O     . HOH C .  ? 0.5765 0.3435 0.4557 0.0489  0.1089  0.0196  101 HOH A O     
508 O O     . HOH C .  ? 0.3948 0.5648 0.4969 -0.0123 0.0124  0.0979  104 HOH A O     
509 O O     . HOH C .  ? 0.2716 0.5820 0.6440 0.0185  -0.0561 -0.2543 105 HOH A O     
510 O O     . HOH C .  ? 0.6643 0.4377 0.5453 -0.0046 -0.0165 0.0312  110 HOH A O     
511 O O     . HOH C .  ? 0.3553 0.4949 0.5859 -0.0004 0.0498  -0.0379 113 HOH A O     
512 O O     . HOH C .  ? 0.5930 0.4577 0.4284 0.0146  0.0770  -0.1186 114 HOH A O     
513 O O     . HOH C .  ? 0.6470 0.6171 0.6417 0.0091  0.1894  0.0072  117 HOH A O     
514 O O     . HOH C .  ? 0.3616 0.3892 0.5469 0.0409  0.0838  -0.0436 120 HOH A O     
515 O O     . HOH C .  ? 0.7049 1.0956 0.5990 -0.0416 0.0800  0.2226  129 HOH A O     
516 O O     . HOH C .  ? 0.5439 0.4320 0.4899 0.0434  -0.0235 -0.0722 130 HOH A O     
517 O O     . HOH C .  ? 0.5312 0.4608 0.5535 -0.0369 0.0240  0.1547  135 HOH A O     
518 O O     . HOH C .  ? 0.6146 0.7320 0.6947 -0.1840 -0.0312 -0.1487 136 HOH A O     
519 O O     . HOH C .  ? 0.4059 0.5160 0.5948 0.0746  -0.0017 -0.0200 140 HOH A O     
520 O O     . HOH C .  ? 0.4180 0.4256 0.6272 -0.0202 0.0903  -0.0574 141 HOH A O     
521 O O     . HOH C .  ? 0.4282 0.4329 0.6674 -0.0172 0.0802  0.0470  145 HOH A O     
522 O O     . HOH C .  ? 0.8652 0.5078 0.5544 0.0987  0.0672  -0.0454 146 HOH A O     
523 O O     . HOH C .  ? 1.0659 0.8382 0.6322 0.1027  0.2084  0.3494  150 HOH A O     
524 O O     . HOH C .  ? 0.5217 0.5054 0.7434 -0.0933 -0.0649 0.0105  151 HOH A O     
525 O O     . HOH C .  ? 0.7600 0.7597 0.7874 0.1816  -0.0731 -0.2548 152 HOH A O     
526 O O     . HOH C .  ? 0.5755 0.7417 0.5883 -0.0330 -0.0793 0.0731  153 HOH A O     
527 O O     . HOH C .  ? 0.7921 0.7261 0.7434 0.0597  0.0444  -0.1851 155 HOH A O     
528 O O     . HOH C .  ? 0.7106 0.6351 0.5341 -0.0938 -0.0650 0.1019  157 HOH A O     
529 O O     . HOH C .  ? 0.4855 0.7476 0.7041 -0.1294 0.0199  0.0424  158 HOH A O     
530 O O     . HOH C .  ? 0.8227 0.7383 0.7602 -0.0124 0.0458  0.0825  165 HOH A O     
531 O O     . HOH C .  ? 0.5890 0.4669 0.7370 -0.0816 0.1880  0.0897  166 HOH A O     
532 O O     . HOH C .  ? 0.4611 0.5732 0.7201 -0.0597 -0.0296 0.0680  168 HOH A O     
533 O O     . HOH C .  ? 0.4586 0.5469 0.7363 -0.0945 -0.0822 -0.0688 171 HOH A O     
534 O O     . HOH C .  ? 0.5133 0.4470 0.4694 0.0148  0.0633  0.0175  172 HOH A O     
535 O O     . HOH C .  ? 0.5598 0.6335 0.6115 -0.0857 -0.0436 0.0689  179 HOH A O     
536 O O     . HOH C .  ? 0.6570 0.5936 0.5682 -0.1419 -0.0664 0.0264  180 HOH A O     
537 O O     . HOH C .  ? 0.6948 0.5872 0.5541 0.0367  -0.0100 0.0775  182 HOH A O     
538 O O     . HOH C .  ? 1.0378 0.8337 0.5031 0.0290  0.1149  0.0418  184 HOH A O     
539 O O     . HOH C .  ? 0.5563 0.4942 0.5784 -0.1151 0.0898  -0.0485 185 HOH A O     
540 O O     . HOH D .  ? 0.3186 0.5509 0.6239 -0.0016 -0.0818 -0.0620 102 HOH B O     
541 O O     . HOH D .  ? 0.5320 0.7913 0.7174 0.0309  -0.0651 0.0000  103 HOH B O     
542 O O     . HOH D .  ? 0.6653 0.5045 0.5277 0.0086  -0.0288 0.0297  107 HOH B O     
543 O O     . HOH D .  ? 0.4646 0.5798 0.5083 -0.0201 -0.0729 0.0688  108 HOH B O     
544 O O     . HOH D .  ? 0.5135 0.4128 0.5260 0.0637  -0.0541 0.0210  109 HOH B O     
545 O O     . HOH D .  ? 0.4966 0.7097 0.5938 0.0633  0.0407  -0.1174 111 HOH B O     
546 O O     . HOH D .  ? 0.4890 0.5236 0.4916 0.0491  -0.0513 -0.1774 112 HOH B O     
547 O O     . HOH D .  ? 0.6871 0.8601 0.7663 -0.1998 -0.0356 -0.1229 115 HOH B O     
548 O O     . HOH D .  ? 0.4528 0.3654 0.5109 -0.0063 0.0691  -0.0540 116 HOH B O     
549 O O     . HOH D .  ? 0.4334 0.6175 0.5906 -0.0199 -0.1065 0.0158  118 HOH B O     
550 O O     . HOH D .  ? 0.6943 0.6246 0.8731 -0.1149 -0.1143 0.0218  119 HOH B O     
551 O O     . HOH D .  ? 0.3073 0.2722 0.3053 0.0264  0.0238  0.0310  121 HOH B O     
552 O O     . HOH D .  ? 0.3570 0.4721 0.4811 0.0171  0.0447  0.0008  122 HOH B O     
553 O O     . HOH D .  ? 0.5133 0.5614 0.6248 0.0047  0.1353  -0.0544 123 HOH B O     
554 O O     . HOH D .  ? 0.5158 0.6252 0.6606 -0.0656 0.1065  0.0836  124 HOH B O     
555 O O     . HOH D .  ? 0.5312 0.5584 0.8187 0.0351  -0.0374 -0.0288 125 HOH B O     
556 O O     . HOH D .  ? 0.3881 0.5267 0.4447 -0.0667 0.0372  -0.1328 126 HOH B O     
557 O O     . HOH D .  ? 0.5479 0.5891 0.4467 0.0691  0.0005  -0.0690 127 HOH B O     
558 O O     . HOH D .  ? 0.6116 0.4912 0.6158 0.0771  0.0627  -0.0898 133 HOH B O     
559 O O     . HOH D .  ? 0.4001 0.6445 0.5793 -0.0606 0.1466  -0.0013 134 HOH B O     
560 O O     . HOH D .  ? 0.5295 0.5951 0.5458 -0.0812 0.0165  -0.0112 137 HOH B O     
561 O O     . HOH D .  ? 0.5132 0.5748 0.7455 -0.0102 -0.0755 -0.0117 138 HOH B O     
562 O O     . HOH D .  ? 0.7336 0.4334 0.7223 -0.0154 -0.0652 -0.0141 139 HOH B O     
563 O O     . HOH D .  ? 0.5341 0.4387 0.5219 -0.0317 -0.0315 0.0435  142 HOH B O     
564 O O     . HOH D .  ? 0.8159 0.7698 0.6237 -0.1009 -0.0027 0.0509  144 HOH B O     
565 O O     . HOH D .  ? 0.5925 0.6745 0.4468 0.0802  0.1380  -0.0033 147 HOH B O     
566 O O     . HOH D .  ? 0.7192 0.5939 0.7504 0.0458  0.0019  -0.1083 148 HOH B O     
567 O O     . HOH D .  ? 0.5031 0.5241 0.4868 0.0007  0.0806  -0.0070 149 HOH B O     
568 O O     . HOH D .  ? 0.6718 0.6506 0.6948 0.0026  0.0779  -0.1028 154 HOH B O     
569 O O     . HOH D .  ? 0.6135 0.4297 0.6404 -0.0043 0.0254  0.0189  156 HOH B O     
570 O O     . HOH D .  ? 0.4869 0.4229 0.7379 0.0134  -0.0260 0.0348  159 HOH B O     
571 O O     . HOH D .  ? 0.3931 0.7134 0.5455 0.0114  -0.0331 -0.0721 160 HOH B O     
572 O O     . HOH D .  ? 0.6819 0.5624 0.5938 -0.0360 -0.0858 0.0578  161 HOH B O     
573 O O     . HOH D .  ? 0.8309 0.6967 0.6501 -0.0456 0.0063  0.0411  162 HOH B O     
574 O O     . HOH D .  ? 0.6454 0.5800 0.6156 0.0221  -0.0263 0.0272  163 HOH B O     
575 O O     . HOH D .  ? 0.6393 0.6277 0.6171 0.0306  0.0307  0.0290  164 HOH B O     
576 O O     . HOH D .  ? 0.4729 0.4138 0.5649 0.0635  -0.0539 -0.0260 167 HOH B O     
577 O O     . HOH D .  ? 0.2427 0.2308 0.4966 -0.0170 0.0563  -0.0267 169 HOH B O     
578 O O     . HOH D .  ? 0.7114 0.5795 0.5476 -0.0135 0.0364  -0.1488 173 HOH B O     
579 O O     . HOH D .  ? 0.6883 0.5938 0.6840 0.0917  -0.0658 0.0596  174 HOH B O     
580 O O     . HOH D .  ? 0.5381 0.5639 0.5926 0.0707  -0.0485 -0.0873 175 HOH B O     
581 O O     . HOH D .  ? 0.6795 0.6741 0.5774 -0.0102 -0.0240 -0.0422 176 HOH B O     
582 O O     . HOH D .  ? 0.5399 0.6734 0.5761 -0.0783 0.0269  -0.1551 177 HOH B O     
583 O O     . HOH D .  ? 0.3918 0.4774 0.5304 0.0723  -0.0510 0.0485  178 HOH B O     
584 O O     . HOH D .  ? 0.7223 0.6742 0.7498 0.0326  0.0733  -0.0575 181 HOH B O     
585 O O     . HOH D .  ? 0.8934 0.5443 0.6647 -0.0055 0.0842  -0.1039 183 HOH B O     
586 O O     . HOH D .  ? 0.5243 0.7073 0.9130 -0.1236 -0.0072 0.0065  186 HOH B O     
587 O O     . HOH D .  ? 0.7527 0.7845 0.8312 -0.0463 -0.0196 -0.1359 188 HOH B O     
588 O O     . HOH D .  ? 0.6383 0.7371 0.5152 0.0319  -0.0470 -0.0323 189 HOH B O     
589 O O     . HOH D .  ? 0.7307 0.4232 0.6355 0.0342  0.0203  -0.0240 190 HOH B O     
590 O O     . HOH D .  ? 0.4642 0.3980 0.4961 -0.1675 -0.0802 -0.0250 191 HOH B O     
# 
